data_7XZ2
#
_entry.id   7XZ2
#
_cell.length_a   77.001
_cell.length_b   326.949
_cell.length_c   120.947
_cell.angle_alpha   90.000
_cell.angle_beta   90.890
_cell.angle_gamma   90.000
#
_symmetry.space_group_name_H-M   'P 1 21 1'
#
loop_
_entity.id
_entity.type
_entity.pdbx_description
1 polymer 'Tripartite motif-containing protein 72'
2 non-polymer 'ZINC ION'
#
_entity_poly.entity_id   1
_entity_poly.type   'polypeptide(L)'
_entity_poly.pdbx_seq_one_letter_code
;GSLLRQELSCPLCLQLFDAPVTAECGHSFCRACLIRVAGEPAADGTVACPSCQAPTRPQALSTNLQLSRLVEGLAQVPQG
HCEEHLDPLSIYCEQDRTLVCGVCASLGSHRGHRLLPAAEAQARLKTQLPQQKMQLQEASMRKEKTVAVLEHQLVEVEET
VRQFRGAVGEQLGKMRMFLAALESSLDREAERVRGDAGVALRRELSSLNSYLEQLRQMEKVLEEVADKPQTEFLMKFSLV
TSRLQKILSESPPPARLDIQLPVISDDFKFQVWKHMFRHLMPALEELTFDPSSAHPSLVVSSSGRRVECSDQKAPPAGED
TRQFDKAVAVVAQQLLSQGEHYWEVEVGDKPRWALGVMAADASRRGRLHAVPSQGLWLLGLRDGKILEAHVEAKEPRALR
TPERPPARIGLYLSFADGVLAFYDASNPDVLTPIFSFHERLPGPVYPIFDVCWHDKGKNAQPLLLV
;
_entity_poly.pdbx_strand_id   A,B,C,D
#
loop_
_chem_comp.id
_chem_comp.type
_chem_comp.name
_chem_comp.formula
ZN non-polymer 'ZINC ION' 'Zn 2'
#
# COMPACT_ATOMS: atom_id res chain seq x y z
N HIS A 81 15.28 81.03 -1.89
CA HIS A 81 15.36 79.61 -1.60
C HIS A 81 14.20 78.86 -2.27
N CYS A 82 13.77 79.36 -3.41
CA CYS A 82 12.70 78.74 -4.19
C CYS A 82 13.21 77.66 -5.13
N GLU A 83 14.51 77.65 -5.42
CA GLU A 83 15.15 76.75 -6.37
C GLU A 83 14.70 77.07 -7.79
N GLU A 84 13.74 77.99 -7.91
CA GLU A 84 13.30 78.52 -9.20
C GLU A 84 13.11 80.03 -9.21
N HIS A 85 12.99 80.68 -8.04
CA HIS A 85 12.75 82.10 -7.95
C HIS A 85 13.70 82.81 -6.99
N LEU A 86 14.58 82.08 -6.31
CA LEU A 86 15.50 82.59 -5.30
C LEU A 86 14.80 83.24 -4.11
N ASP A 87 13.49 83.02 -3.97
CA ASP A 87 12.70 83.51 -2.85
C ASP A 87 12.47 82.40 -1.83
N PRO A 88 12.56 82.67 -0.54
CA PRO A 88 12.41 81.60 0.46
C PRO A 88 11.02 80.99 0.42
N LEU A 89 10.97 79.69 0.68
CA LEU A 89 9.71 78.96 0.68
C LEU A 89 8.94 79.30 1.96
N SER A 90 7.79 79.96 1.80
CA SER A 90 7.00 80.37 2.96
C SER A 90 5.51 80.11 2.80
N ILE A 91 5.05 79.68 1.63
CA ILE A 91 3.63 79.44 1.38
C ILE A 91 3.45 77.98 1.02
N TYR A 92 2.48 77.34 1.66
CA TYR A 92 2.16 75.93 1.44
C TYR A 92 0.84 75.83 0.68
N CYS A 93 0.87 75.15 -0.46
CA CYS A 93 -0.33 74.88 -1.24
C CYS A 93 -1.03 73.65 -0.68
N GLU A 94 -2.30 73.80 -0.30
CA GLU A 94 -3.01 72.70 0.32
C GLU A 94 -3.28 71.57 -0.67
N GLN A 95 -3.76 71.91 -1.87
CA GLN A 95 -4.11 70.90 -2.86
C GLN A 95 -2.90 70.32 -3.57
N ASP A 96 -1.72 70.92 -3.44
CA ASP A 96 -0.50 70.36 -4.00
C ASP A 96 0.47 69.86 -2.95
N ARG A 97 0.33 70.30 -1.69
CA ARG A 97 1.14 69.81 -0.57
C ARG A 97 2.63 69.99 -0.83
N THR A 98 3.00 71.18 -1.30
CA THR A 98 4.40 71.50 -1.59
C THR A 98 4.67 72.95 -1.20
N LEU A 99 5.83 73.16 -0.57
CA LEU A 99 6.25 74.51 -0.22
C LEU A 99 6.63 75.30 -1.46
N VAL A 100 6.21 76.56 -1.51
CA VAL A 100 6.52 77.46 -2.60
C VAL A 100 6.83 78.84 -2.02
N CYS A 101 7.11 79.78 -2.91
CA CYS A 101 7.45 81.15 -2.55
C CYS A 101 6.26 82.07 -2.82
N GLY A 102 6.47 83.38 -2.65
CA GLY A 102 5.40 84.33 -2.90
C GLY A 102 5.09 84.52 -4.36
N VAL A 103 6.12 84.44 -5.23
CA VAL A 103 5.88 84.57 -6.67
C VAL A 103 5.05 83.38 -7.18
N CYS A 104 5.39 82.17 -6.74
CA CYS A 104 4.63 80.99 -7.16
C CYS A 104 3.19 81.06 -6.68
N ALA A 105 2.95 81.69 -5.54
CA ALA A 105 1.59 81.80 -5.01
C ALA A 105 0.81 82.97 -5.61
N SER A 106 1.50 84.00 -6.08
CA SER A 106 0.83 85.17 -6.67
C SER A 106 0.54 84.97 -8.15
N LEU A 107 1.48 84.44 -8.91
CA LEU A 107 1.26 84.19 -10.33
C LEU A 107 2.07 82.97 -10.75
N GLY A 108 1.39 81.97 -11.32
CA GLY A 108 2.07 80.78 -11.77
C GLY A 108 1.40 79.47 -11.37
N SER A 109 2.12 78.66 -10.59
CA SER A 109 1.64 77.31 -10.30
C SER A 109 0.46 77.32 -9.33
N HIS A 110 0.57 78.07 -8.24
CA HIS A 110 -0.42 77.98 -7.17
C HIS A 110 -1.11 79.30 -6.91
N ARG A 111 -1.55 79.98 -7.97
CA ARG A 111 -2.15 81.30 -7.83
C ARG A 111 -3.64 81.26 -7.50
N GLY A 112 -4.34 80.16 -7.79
CA GLY A 112 -5.76 80.09 -7.53
C GLY A 112 -6.18 78.95 -6.63
N HIS A 113 -5.22 78.41 -5.88
CA HIS A 113 -5.44 77.27 -5.00
C HIS A 113 -5.72 77.75 -3.58
N ARG A 114 -5.71 76.81 -2.63
CA ARG A 114 -5.84 77.12 -1.21
C ARG A 114 -4.44 77.09 -0.59
N LEU A 115 -4.02 78.21 -0.01
CA LEU A 115 -2.65 78.37 0.45
C LEU A 115 -2.61 78.91 1.88
N LEU A 116 -1.61 78.44 2.64
CA LEU A 116 -1.41 78.85 4.03
C LEU A 116 0.07 79.18 4.21
N PRO A 117 0.52 79.66 5.40
CA PRO A 117 1.97 79.84 5.60
C PRO A 117 2.73 78.54 5.81
N ALA A 118 4.03 78.64 6.12
CA ALA A 118 4.91 77.48 6.25
C ALA A 118 4.84 76.83 7.63
N ALA A 119 4.97 77.63 8.70
CA ALA A 119 4.98 77.06 10.05
C ALA A 119 3.63 76.45 10.40
N GLU A 120 2.53 77.12 10.04
CA GLU A 120 1.21 76.57 10.29
C GLU A 120 1.01 75.27 9.53
N ALA A 121 1.51 75.21 8.29
CA ALA A 121 1.43 73.99 7.51
C ALA A 121 2.24 72.87 8.15
N GLN A 122 3.43 73.18 8.66
CA GLN A 122 4.24 72.17 9.33
C GLN A 122 3.52 71.64 10.56
N ALA A 123 2.88 72.53 11.32
CA ALA A 123 2.12 72.08 12.49
C ALA A 123 0.95 71.20 12.09
N ARG A 124 0.21 71.60 11.05
CA ARG A 124 -0.94 70.81 10.60
C ARG A 124 -0.52 69.46 10.04
N LEU A 125 0.68 69.38 9.45
CA LEU A 125 1.16 68.11 8.92
C LEU A 125 1.70 67.21 10.03
N LYS A 126 2.36 67.79 11.02
CA LYS A 126 2.84 67.00 12.16
C LYS A 126 1.70 66.57 13.06
N THR A 127 0.54 67.22 12.96
CA THR A 127 -0.64 66.74 13.69
C THR A 127 -1.04 65.34 13.25
N GLN A 128 -0.78 64.99 11.99
CA GLN A 128 -1.19 63.71 11.42
C GLN A 128 -0.21 62.57 11.70
N LEU A 129 0.92 62.86 12.34
CA LEU A 129 1.93 61.84 12.61
C LEU A 129 1.46 60.76 13.59
N PRO A 130 0.77 61.10 14.69
CA PRO A 130 0.31 60.03 15.59
C PRO A 130 -0.62 59.03 14.93
N GLN A 131 -1.50 59.47 14.03
CA GLN A 131 -2.38 58.55 13.33
C GLN A 131 -1.59 57.54 12.51
N GLN A 132 -0.61 58.03 11.74
CA GLN A 132 0.20 57.14 10.93
C GLN A 132 1.01 56.18 11.79
N LYS A 133 1.59 56.67 12.89
CA LYS A 133 2.38 55.81 13.76
C LYS A 133 1.51 54.74 14.41
N MET A 134 0.30 55.11 14.84
CA MET A 134 -0.59 54.12 15.45
C MET A 134 -1.04 53.08 14.43
N GLN A 135 -1.35 53.50 13.20
CA GLN A 135 -1.73 52.54 12.17
C GLN A 135 -0.58 51.59 11.86
N LEU A 136 0.65 52.12 11.78
CA LEU A 136 1.80 51.26 11.52
C LEU A 136 2.01 50.26 12.65
N GLN A 137 1.89 50.72 13.90
CA GLN A 137 2.04 49.81 15.04
C GLN A 137 0.98 48.73 15.03
N GLU A 138 -0.28 49.09 14.72
CA GLU A 138 -1.35 48.10 14.68
C GLU A 138 -1.10 47.05 13.59
N ALA A 139 -0.71 47.51 12.39
CA ALA A 139 -0.44 46.58 11.31
C ALA A 139 0.72 45.66 11.65
N SER A 140 1.80 46.20 12.23
CA SER A 140 2.94 45.38 12.60
C SER A 140 2.57 44.36 13.66
N MET A 141 1.78 44.76 14.66
CA MET A 141 1.35 43.83 15.69
C MET A 141 0.52 42.69 15.10
N ARG A 142 -0.42 43.03 14.23
CA ARG A 142 -1.26 42.02 13.59
C ARG A 142 -0.41 41.03 12.80
N LYS A 143 0.51 41.56 11.98
CA LYS A 143 1.32 40.70 11.14
C LYS A 143 2.26 39.82 11.96
N GLU A 144 2.83 40.36 13.04
CA GLU A 144 3.73 39.58 13.87
C GLU A 144 2.98 38.47 14.61
N LYS A 145 1.79 38.76 15.11
CA LYS A 145 1.00 37.71 15.75
C LYS A 145 0.63 36.61 14.75
N THR A 146 0.26 37.00 13.53
CA THR A 146 -0.05 36.00 12.51
C THR A 146 1.18 35.16 12.19
N VAL A 147 2.35 35.80 12.12
CA VAL A 147 3.59 35.09 11.84
C VAL A 147 3.90 34.08 12.93
N ALA A 148 3.71 34.47 14.19
CA ALA A 148 3.95 33.55 15.30
C ALA A 148 3.00 32.35 15.25
N VAL A 149 1.72 32.60 14.95
CA VAL A 149 0.77 31.50 14.84
C VAL A 149 1.16 30.56 13.71
N LEU A 150 1.57 31.12 12.57
CA LEU A 150 1.96 30.28 11.45
C LEU A 150 3.23 29.49 11.74
N GLU A 151 4.16 30.07 12.50
CA GLU A 151 5.36 29.33 12.89
C GLU A 151 5.01 28.16 13.80
N HIS A 152 4.12 28.38 14.77
CA HIS A 152 3.66 27.28 15.61
C HIS A 152 3.01 26.19 14.77
N GLN A 153 2.21 26.57 13.78
CA GLN A 153 1.57 25.57 12.92
C GLN A 153 2.60 24.82 12.09
N LEU A 154 3.63 25.51 11.60
CA LEU A 154 4.71 24.87 10.87
C LEU A 154 5.40 23.83 11.74
N VAL A 155 5.60 24.15 13.02
CA VAL A 155 6.18 23.17 13.95
C VAL A 155 5.23 21.99 14.11
N GLU A 156 3.93 22.26 14.26
CA GLU A 156 2.95 21.23 14.61
C GLU A 156 2.50 20.37 13.43
N VAL A 157 2.91 20.70 12.20
CA VAL A 157 2.53 19.90 11.04
C VAL A 157 2.97 18.44 11.21
N GLU A 158 4.19 18.22 11.67
CA GLU A 158 4.70 16.87 11.88
C GLU A 158 3.86 16.12 12.90
N GLU A 159 3.50 16.79 14.00
CA GLU A 159 2.67 16.16 15.02
C GLU A 159 1.31 15.77 14.46
N THR A 160 0.72 16.64 13.63
CA THR A 160 -0.57 16.33 13.03
C THR A 160 -0.48 15.09 12.13
N VAL A 161 0.57 15.03 11.31
CA VAL A 161 0.75 13.87 10.43
C VAL A 161 0.94 12.60 11.26
N ARG A 162 1.74 12.68 12.32
CA ARG A 162 1.97 11.53 13.19
C ARG A 162 0.68 11.07 13.85
N GLN A 163 -0.16 12.01 14.30
CA GLN A 163 -1.44 11.67 14.90
C GLN A 163 -2.34 10.94 13.91
N PHE A 164 -2.42 11.45 12.68
CA PHE A 164 -3.25 10.80 11.68
C PHE A 164 -2.75 9.39 11.38
N ARG A 165 -1.43 9.23 11.23
CA ARG A 165 -0.86 7.91 10.98
C ARG A 165 -1.20 6.95 12.12
N GLY A 166 -1.04 7.40 13.37
CA GLY A 166 -1.32 6.53 14.49
C GLY A 166 -2.78 6.12 14.58
N ALA A 167 -3.68 7.07 14.33
CA ALA A 167 -5.10 6.74 14.37
C ALA A 167 -5.48 5.73 13.30
N VAL A 168 -4.98 5.92 12.07
CA VAL A 168 -5.22 4.95 11.01
C VAL A 168 -4.65 3.59 11.38
N GLY A 169 -3.43 3.59 11.94
CA GLY A 169 -2.82 2.33 12.35
C GLY A 169 -3.63 1.58 13.37
N GLU A 170 -4.18 2.28 14.36
CA GLU A 170 -5.01 1.63 15.37
C GLU A 170 -6.28 1.07 14.76
N GLN A 171 -6.96 1.88 13.93
CA GLN A 171 -8.23 1.46 13.35
C GLN A 171 -8.05 0.24 12.45
N LEU A 172 -6.91 0.14 11.76
CA LEU A 172 -6.67 -1.04 10.94
C LEU A 172 -6.10 -2.20 11.74
N GLY A 173 -5.36 -1.92 12.81
CA GLY A 173 -4.86 -2.98 13.67
C GLY A 173 -5.96 -3.73 14.39
N LYS A 174 -7.10 -3.09 14.59
CA LYS A 174 -8.26 -3.84 15.10
C LYS A 174 -8.58 -5.03 14.20
N MET A 175 -8.77 -4.77 12.91
CA MET A 175 -9.08 -5.84 11.96
C MET A 175 -7.91 -6.80 11.80
N ARG A 176 -6.68 -6.29 11.83
CA ARG A 176 -5.52 -7.17 11.73
C ARG A 176 -5.47 -8.16 12.89
N MET A 177 -5.73 -7.67 14.11
CA MET A 177 -5.78 -8.56 15.27
C MET A 177 -6.89 -9.59 15.14
N PHE A 178 -8.06 -9.16 14.65
CA PHE A 178 -9.15 -10.12 14.45
C PHE A 178 -8.74 -11.22 13.48
N LEU A 179 -8.14 -10.83 12.36
CA LEU A 179 -7.76 -11.80 11.35
C LEU A 179 -6.69 -12.75 11.87
N ALA A 180 -5.70 -12.23 12.60
CA ALA A 180 -4.68 -13.10 13.17
C ALA A 180 -5.28 -14.10 14.16
N ALA A 181 -6.19 -13.62 15.01
CA ALA A 181 -6.83 -14.53 15.97
C ALA A 181 -7.64 -15.60 15.25
N LEU A 182 -8.40 -15.22 14.22
CA LEU A 182 -9.19 -16.20 13.49
C LEU A 182 -8.32 -17.23 12.80
N GLU A 183 -7.22 -16.78 12.17
CA GLU A 183 -6.31 -17.71 11.51
C GLU A 183 -5.70 -18.68 12.53
N SER A 184 -5.29 -18.17 13.69
CA SER A 184 -4.72 -19.05 14.72
C SER A 184 -5.75 -20.07 15.19
N SER A 185 -6.99 -19.64 15.42
CA SER A 185 -8.03 -20.56 15.86
C SER A 185 -8.30 -21.64 14.81
N LEU A 186 -8.38 -21.24 13.54
CA LEU A 186 -8.61 -22.22 12.48
C LEU A 186 -7.45 -23.20 12.38
N ASP A 187 -6.22 -22.72 12.52
CA ASP A 187 -5.06 -23.60 12.45
C ASP A 187 -5.05 -24.59 13.61
N ARG A 188 -5.41 -24.14 14.82
CA ARG A 188 -5.47 -25.06 15.96
C ARG A 188 -6.57 -26.09 15.76
N GLU A 189 -7.73 -25.67 15.24
CA GLU A 189 -8.80 -26.62 14.98
C GLU A 189 -8.38 -27.67 13.95
N ALA A 190 -7.70 -27.23 12.89
CA ALA A 190 -7.23 -28.16 11.88
C ALA A 190 -6.21 -29.12 12.45
N GLU A 191 -5.29 -28.63 13.29
CA GLU A 191 -4.31 -29.50 13.91
C GLU A 191 -4.97 -30.52 14.82
N ARG A 192 -5.98 -30.11 15.59
CA ARG A 192 -6.68 -31.05 16.45
C ARG A 192 -7.40 -32.13 15.64
N VAL A 193 -8.08 -31.72 14.56
CA VAL A 193 -8.79 -32.68 13.73
C VAL A 193 -7.79 -33.65 13.09
N ARG A 194 -6.67 -33.13 12.59
CA ARG A 194 -5.64 -33.98 12.00
C ARG A 194 -5.11 -34.98 13.00
N GLY A 195 -4.80 -34.53 14.22
CA GLY A 195 -4.30 -35.43 15.24
C GLY A 195 -5.29 -36.52 15.59
N ASP A 196 -6.56 -36.16 15.79
CA ASP A 196 -7.57 -37.15 16.14
C ASP A 196 -7.77 -38.15 15.01
N ALA A 197 -7.84 -37.68 13.76
CA ALA A 197 -8.02 -38.58 12.63
C ALA A 197 -6.83 -39.52 12.47
N GLY A 198 -5.61 -38.99 12.63
CA GLY A 198 -4.44 -39.84 12.55
C GLY A 198 -4.41 -40.89 13.63
N VAL A 199 -4.77 -40.51 14.86
CA VAL A 199 -4.78 -41.47 15.97
C VAL A 199 -5.80 -42.57 15.69
N ALA A 200 -7.00 -42.19 15.25
CA ALA A 200 -8.03 -43.19 14.99
C ALA A 200 -7.64 -44.12 13.85
N LEU A 201 -7.08 -43.56 12.77
CA LEU A 201 -6.69 -44.40 11.63
C LEU A 201 -5.52 -45.31 11.99
N ARG A 202 -4.58 -44.83 12.80
CA ARG A 202 -3.49 -45.70 13.25
C ARG A 202 -4.00 -46.80 14.16
N ARG A 203 -5.00 -46.49 15.01
CA ARG A 203 -5.61 -47.51 15.84
C ARG A 203 -6.26 -48.60 14.98
N GLU A 204 -7.02 -48.19 13.96
CA GLU A 204 -7.65 -49.17 13.08
C GLU A 204 -6.61 -49.97 12.31
N LEU A 205 -5.53 -49.32 11.88
CA LEU A 205 -4.46 -50.02 11.16
C LEU A 205 -3.79 -51.04 12.07
N SER A 206 -3.55 -50.69 13.33
CA SER A 206 -2.96 -51.63 14.28
C SER A 206 -3.89 -52.82 14.52
N SER A 207 -5.19 -52.55 14.66
CA SER A 207 -6.15 -53.63 14.86
C SER A 207 -6.14 -54.59 13.66
N LEU A 208 -6.18 -54.04 12.45
CA LEU A 208 -6.18 -54.90 11.26
C LEU A 208 -4.85 -55.62 11.08
N ASN A 209 -3.75 -54.99 11.49
CA ASN A 209 -2.46 -55.67 11.41
C ASN A 209 -2.39 -56.83 12.39
N SER A 210 -2.96 -56.65 13.59
CA SER A 210 -3.04 -57.75 14.54
C SER A 210 -3.92 -58.87 14.00
N TYR A 211 -5.02 -58.51 13.34
CA TYR A 211 -5.88 -59.54 12.75
C TYR A 211 -5.16 -60.31 11.65
N LEU A 212 -4.41 -59.60 10.81
CA LEU A 212 -3.64 -60.27 9.77
C LEU A 212 -2.52 -61.12 10.36
N GLU A 213 -1.93 -60.70 11.48
CA GLU A 213 -0.96 -61.53 12.17
C GLU A 213 -1.59 -62.81 12.69
N GLN A 214 -2.80 -62.71 13.25
CA GLN A 214 -3.54 -63.90 13.66
C GLN A 214 -3.81 -64.82 12.47
N LEU A 215 -4.19 -64.23 11.34
CA LEU A 215 -4.41 -65.02 10.13
C LEU A 215 -3.14 -65.75 9.70
N ARG A 216 -2.01 -65.05 9.74
CA ARG A 216 -0.73 -65.67 9.37
C ARG A 216 -0.37 -66.81 10.32
N GLN A 217 -0.56 -66.59 11.62
CA GLN A 217 -0.27 -67.64 12.60
C GLN A 217 -1.16 -68.85 12.38
N MET A 218 -2.45 -68.62 12.10
CA MET A 218 -3.35 -69.74 11.84
C MET A 218 -2.94 -70.49 10.57
N GLU A 219 -2.54 -69.75 9.53
CA GLU A 219 -2.12 -70.40 8.29
C GLU A 219 -0.86 -71.24 8.51
N LYS A 220 0.11 -70.72 9.26
CA LYS A 220 1.32 -71.50 9.52
C LYS A 220 1.03 -72.69 10.42
N VAL A 221 0.09 -72.56 11.36
CA VAL A 221 -0.30 -73.70 12.19
C VAL A 221 -0.95 -74.77 11.33
N LEU A 222 -1.81 -74.36 10.40
CA LEU A 222 -2.44 -75.33 9.49
C LEU A 222 -1.40 -76.01 8.62
N GLU A 223 -0.44 -75.25 8.10
CA GLU A 223 0.60 -75.85 7.26
C GLU A 223 1.49 -76.82 8.04
N GLU A 224 1.74 -76.53 9.32
CA GLU A 224 2.52 -77.45 10.13
C GLU A 224 1.71 -78.67 10.55
N VAL A 225 0.41 -78.52 10.73
CA VAL A 225 -0.44 -79.64 11.11
C VAL A 225 -0.66 -80.57 9.93
N ALA A 226 -0.73 -80.04 8.71
CA ALA A 226 -0.94 -80.86 7.54
C ALA A 226 0.18 -81.85 7.27
N ASP A 227 1.34 -81.69 7.91
CA ASP A 227 2.46 -82.60 7.72
C ASP A 227 2.83 -83.29 9.04
N LYS A 228 1.83 -83.75 9.77
CA LYS A 228 1.98 -84.41 11.06
C LYS A 228 1.69 -85.90 10.93
N PRO A 229 2.04 -86.69 11.94
CA PRO A 229 1.68 -88.12 11.92
C PRO A 229 0.19 -88.33 11.77
N GLN A 230 -0.17 -89.54 11.32
CA GLN A 230 -1.56 -89.83 11.00
C GLN A 230 -2.47 -89.69 12.21
N THR A 231 -2.05 -90.21 13.37
CA THR A 231 -2.85 -90.05 14.58
C THR A 231 -2.92 -88.59 15.00
N GLU A 232 -1.78 -87.88 14.98
CA GLU A 232 -1.78 -86.47 15.33
C GLU A 232 -2.62 -85.67 14.34
N PHE A 233 -2.55 -86.02 13.06
CA PHE A 233 -3.39 -85.35 12.06
C PHE A 233 -4.87 -85.56 12.36
N LEU A 234 -5.28 -86.81 12.57
CA LEU A 234 -6.68 -87.09 12.82
C LEU A 234 -7.17 -86.56 14.16
N MET A 235 -6.26 -86.24 15.08
CA MET A 235 -6.68 -85.68 16.36
C MET A 235 -6.56 -84.16 16.45
N LYS A 236 -5.81 -83.51 15.56
CA LYS A 236 -5.68 -82.07 15.59
C LYS A 236 -6.33 -81.35 14.41
N PHE A 237 -6.73 -82.08 13.35
CA PHE A 237 -7.31 -81.42 12.19
C PHE A 237 -8.60 -80.71 12.55
N SER A 238 -9.44 -81.35 13.36
CA SER A 238 -10.74 -80.77 13.68
C SER A 238 -10.61 -79.60 14.65
N LEU A 239 -9.68 -79.69 15.60
CA LEU A 239 -9.41 -78.55 16.47
C LEU A 239 -8.92 -77.37 15.66
N VAL A 240 -8.02 -77.61 14.69
CA VAL A 240 -7.54 -76.53 13.85
C VAL A 240 -8.68 -75.95 13.01
N THR A 241 -9.55 -76.82 12.48
CA THR A 241 -10.68 -76.35 11.69
C THR A 241 -11.63 -75.49 12.52
N SER A 242 -11.92 -75.92 13.76
CA SER A 242 -12.79 -75.14 14.63
C SER A 242 -12.17 -73.79 14.96
N ARG A 243 -10.86 -73.77 15.26
CA ARG A 243 -10.20 -72.51 15.57
C ARG A 243 -10.20 -71.57 14.37
N LEU A 244 -9.98 -72.14 13.17
CA LEU A 244 -9.99 -71.31 11.97
C LEU A 244 -11.37 -70.75 11.67
N GLN A 245 -12.41 -71.57 11.83
CA GLN A 245 -13.78 -71.08 11.66
C GLN A 245 -14.10 -69.99 12.67
N LYS A 246 -13.63 -70.16 13.92
CA LYS A 246 -13.89 -69.14 14.94
C LYS A 246 -13.20 -67.82 14.58
N ILE A 247 -11.90 -67.88 14.25
CA ILE A 247 -11.18 -66.65 13.95
C ILE A 247 -11.64 -66.02 12.64
N LEU A 248 -12.25 -66.79 11.75
CA LEU A 248 -12.80 -66.19 10.53
C LEU A 248 -14.19 -65.61 10.75
N SER A 249 -14.97 -66.19 11.67
CA SER A 249 -16.28 -65.64 12.01
C SER A 249 -16.20 -64.47 12.97
N GLU A 250 -15.06 -64.28 13.64
CA GLU A 250 -14.87 -63.15 14.56
C GLU A 250 -14.02 -62.04 13.94
N SER A 251 -14.21 -61.80 12.64
CA SER A 251 -13.51 -60.72 11.98
C SER A 251 -13.98 -59.38 12.51
N PRO A 252 -13.10 -58.38 12.57
CA PRO A 252 -13.49 -57.06 13.08
C PRO A 252 -14.58 -56.44 12.22
N PRO A 253 -15.52 -55.72 12.83
CA PRO A 253 -16.59 -55.08 12.05
C PRO A 253 -16.05 -54.08 11.03
N PRO A 254 -15.03 -53.27 11.36
CA PRO A 254 -14.58 -52.41 10.26
C PRO A 254 -13.80 -53.16 9.19
N ILE A 259 -14.22 -38.42 6.06
CA ILE A 259 -13.72 -37.06 6.03
C ILE A 259 -14.57 -36.17 6.92
N GLN A 260 -13.93 -35.54 7.92
CA GLN A 260 -14.62 -34.66 8.85
C GLN A 260 -13.85 -33.36 9.08
N LEU A 261 -13.10 -32.90 8.07
CA LEU A 261 -12.41 -31.62 8.15
C LEU A 261 -13.19 -30.57 7.36
N PRO A 262 -13.55 -29.44 7.97
CA PRO A 262 -14.30 -28.42 7.24
C PRO A 262 -13.50 -27.76 6.13
N VAL A 263 -13.88 -28.03 4.88
CA VAL A 263 -13.21 -27.44 3.73
C VAL A 263 -13.83 -26.08 3.46
N ILE A 264 -13.01 -25.12 3.04
CA ILE A 264 -13.47 -23.76 2.81
C ILE A 264 -14.01 -23.64 1.39
N SER A 265 -15.09 -22.89 1.25
CA SER A 265 -15.73 -22.61 -0.03
C SER A 265 -15.54 -21.14 -0.39
N ASP A 266 -16.21 -20.70 -1.46
CA ASP A 266 -16.09 -19.31 -1.90
C ASP A 266 -16.72 -18.34 -0.90
N ASP A 267 -17.73 -18.79 -0.16
CA ASP A 267 -18.41 -17.93 0.82
C ASP A 267 -17.63 -17.76 2.11
N PHE A 268 -16.42 -18.35 2.20
CA PHE A 268 -15.61 -18.21 3.41
C PHE A 268 -15.24 -16.76 3.66
N LYS A 269 -14.88 -16.02 2.60
CA LYS A 269 -14.54 -14.61 2.75
C LYS A 269 -15.72 -13.82 3.29
N PHE A 270 -16.92 -14.06 2.75
CA PHE A 270 -18.09 -13.32 3.20
C PHE A 270 -18.45 -13.65 4.64
N GLN A 271 -18.32 -14.93 5.02
CA GLN A 271 -18.57 -15.29 6.41
C GLN A 271 -17.57 -14.63 7.35
N VAL A 272 -16.30 -14.59 6.95
CA VAL A 272 -15.27 -13.93 7.76
C VAL A 272 -15.58 -12.43 7.89
N TRP A 273 -16.04 -11.82 6.80
CA TRP A 273 -16.41 -10.40 6.82
C TRP A 273 -17.57 -10.14 7.79
N LYS A 274 -18.62 -10.95 7.69
CA LYS A 274 -19.78 -10.78 8.56
C LYS A 274 -19.44 -11.04 10.01
N HIS A 275 -18.47 -11.92 10.28
CA HIS A 275 -18.00 -12.12 11.65
C HIS A 275 -17.11 -10.98 12.11
N MET A 276 -16.32 -10.40 11.19
CA MET A 276 -15.44 -9.30 11.52
C MET A 276 -16.22 -8.06 11.93
N PHE A 277 -17.45 -7.91 11.44
CA PHE A 277 -18.22 -6.75 11.82
C PHE A 277 -18.42 -6.68 13.34
N ARG A 278 -18.65 -7.83 13.99
CA ARG A 278 -18.84 -7.82 15.44
C ARG A 278 -17.57 -7.42 16.18
N HIS A 279 -16.41 -7.96 15.76
CA HIS A 279 -15.15 -7.58 16.37
C HIS A 279 -14.76 -6.14 16.08
N LEU A 280 -15.38 -5.52 15.07
CA LEU A 280 -15.12 -4.10 14.81
C LEU A 280 -15.55 -3.21 15.97
N MET A 281 -16.46 -3.68 16.82
CA MET A 281 -16.94 -2.89 17.94
C MET A 281 -15.84 -2.76 19.00
N PRO A 282 -15.87 -1.68 19.79
CA PRO A 282 -14.93 -1.57 20.90
C PRO A 282 -15.25 -2.56 22.01
N ALA A 283 -14.48 -2.54 23.10
CA ALA A 283 -14.70 -3.47 24.18
C ALA A 283 -16.08 -3.24 24.81
N LEU A 284 -16.63 -4.30 25.41
CA LEU A 284 -17.93 -4.22 26.03
C LEU A 284 -17.85 -3.31 27.26
N GLU A 285 -18.58 -2.19 27.21
CA GLU A 285 -18.56 -1.24 28.32
C GLU A 285 -19.14 -1.88 29.56
N GLU A 286 -18.33 -1.96 30.62
CA GLU A 286 -18.74 -2.60 31.86
C GLU A 286 -19.69 -1.67 32.60
N LEU A 287 -20.98 -1.91 32.47
CA LEU A 287 -22.02 -1.13 33.11
C LEU A 287 -22.67 -1.93 34.22
N THR A 288 -23.14 -1.22 35.25
CA THR A 288 -23.87 -1.81 36.35
C THR A 288 -25.12 -1.00 36.62
N PHE A 289 -26.24 -1.69 36.86
CA PHE A 289 -27.50 -1.02 37.13
C PHE A 289 -27.42 -0.23 38.42
N ASP A 290 -28.11 0.91 38.45
CA ASP A 290 -28.09 1.77 39.62
C ASP A 290 -29.34 1.52 40.45
N PRO A 291 -29.24 0.85 41.62
CA PRO A 291 -30.43 0.64 42.45
C PRO A 291 -30.95 1.92 43.06
N SER A 292 -30.08 2.91 43.31
CA SER A 292 -30.52 4.18 43.88
C SER A 292 -31.39 5.00 42.92
N SER A 293 -31.45 4.61 41.65
CA SER A 293 -32.28 5.28 40.67
C SER A 293 -33.40 4.40 40.11
N ALA A 294 -33.33 3.09 40.30
CA ALA A 294 -34.31 2.19 39.73
C ALA A 294 -35.67 2.35 40.41
N HIS A 295 -36.71 1.88 39.71
CA HIS A 295 -38.05 1.86 40.29
C HIS A 295 -38.08 0.92 41.49
N PRO A 296 -38.87 1.25 42.51
CA PRO A 296 -38.93 0.38 43.70
C PRO A 296 -39.47 -1.02 43.41
N SER A 297 -40.17 -1.21 42.30
CA SER A 297 -40.70 -2.53 41.97
C SER A 297 -39.66 -3.43 41.32
N LEU A 298 -38.50 -2.91 40.95
CA LEU A 298 -37.43 -3.69 40.35
C LEU A 298 -36.43 -4.12 41.40
N VAL A 299 -35.66 -5.17 41.07
CA VAL A 299 -34.64 -5.70 41.96
C VAL A 299 -33.42 -6.06 41.12
N VAL A 300 -32.24 -5.71 41.65
CA VAL A 300 -30.97 -5.87 40.95
C VAL A 300 -30.14 -6.89 41.70
N SER A 301 -29.87 -8.03 41.06
CA SER A 301 -29.03 -9.09 41.61
C SER A 301 -27.90 -9.39 40.63
N SER A 302 -27.11 -10.41 40.97
CA SER A 302 -25.95 -10.84 40.18
C SER A 302 -24.92 -9.72 40.04
N SER A 303 -24.50 -9.22 41.20
CA SER A 303 -23.46 -8.18 41.30
C SER A 303 -23.85 -6.95 40.49
N GLY A 304 -25.14 -6.61 40.51
CA GLY A 304 -25.60 -5.43 39.80
C GLY A 304 -25.65 -5.55 38.30
N ARG A 305 -25.80 -6.77 37.78
CA ARG A 305 -25.86 -7.00 36.34
C ARG A 305 -27.10 -7.75 35.90
N ARG A 306 -28.08 -7.95 36.78
CA ARG A 306 -29.32 -8.64 36.43
C ARG A 306 -30.47 -7.92 37.11
N VAL A 307 -31.24 -7.15 36.35
CA VAL A 307 -32.37 -6.40 36.90
C VAL A 307 -33.67 -7.04 36.44
N GLU A 308 -34.61 -7.21 37.37
CA GLU A 308 -35.87 -7.85 37.01
C GLU A 308 -37.00 -7.28 37.86
N CYS A 309 -38.20 -7.30 37.30
CA CYS A 309 -39.40 -6.81 37.99
C CYS A 309 -39.98 -7.95 38.81
N SER A 310 -40.23 -7.67 40.09
CA SER A 310 -40.78 -8.68 40.99
C SER A 310 -42.30 -8.65 40.96
N ASP A 311 -42.90 -9.81 41.25
CA ASP A 311 -44.35 -9.95 41.33
C ASP A 311 -44.89 -9.67 42.73
N GLN A 312 -44.10 -9.00 43.57
CA GLN A 312 -44.51 -8.64 44.92
C GLN A 312 -44.78 -7.14 44.97
N LYS A 313 -45.81 -6.76 45.74
CA LYS A 313 -46.16 -5.35 45.86
C LYS A 313 -45.08 -4.61 46.64
N ALA A 314 -44.52 -3.55 46.03
CA ALA A 314 -43.40 -2.79 46.56
C ALA A 314 -43.88 -1.48 47.18
N PRO A 315 -43.19 -0.99 48.21
CA PRO A 315 -43.56 0.31 48.80
C PRO A 315 -43.28 1.45 47.84
N PRO A 316 -43.91 2.60 48.04
CA PRO A 316 -43.66 3.75 47.16
C PRO A 316 -42.24 4.27 47.30
N ALA A 317 -41.77 4.90 46.22
CA ALA A 317 -40.41 5.41 46.16
C ALA A 317 -40.32 6.79 46.82
N GLY A 318 -39.09 7.28 46.97
CA GLY A 318 -38.88 8.59 47.54
C GLY A 318 -39.09 9.70 46.53
N GLU A 319 -39.07 10.93 47.04
CA GLU A 319 -39.26 12.12 46.21
C GLU A 319 -37.93 12.61 45.64
N ASP A 320 -37.29 11.73 44.87
CA ASP A 320 -36.03 12.03 44.21
C ASP A 320 -36.26 12.09 42.71
N THR A 321 -35.76 13.15 42.07
CA THR A 321 -36.01 13.35 40.65
C THR A 321 -35.28 12.32 39.79
N ARG A 322 -34.18 11.76 40.28
CA ARG A 322 -33.37 10.83 39.51
C ARG A 322 -33.84 9.39 39.67
N GLN A 323 -34.98 9.15 40.30
CA GLN A 323 -35.52 7.82 40.50
C GLN A 323 -36.87 7.72 39.78
N PHE A 324 -37.06 6.64 39.04
CA PHE A 324 -38.30 6.44 38.30
C PHE A 324 -39.45 6.18 39.26
N ASP A 325 -40.62 6.72 38.92
CA ASP A 325 -41.81 6.60 39.76
C ASP A 325 -42.97 5.89 39.09
N LYS A 326 -43.22 6.14 37.81
CA LYS A 326 -44.29 5.48 37.08
C LYS A 326 -43.77 4.49 36.04
N ALA A 327 -42.86 4.92 35.18
CA ALA A 327 -42.25 4.04 34.19
C ALA A 327 -41.20 3.18 34.89
N VAL A 328 -41.44 1.88 34.97
CA VAL A 328 -40.53 0.97 35.64
C VAL A 328 -39.29 0.78 34.78
N ALA A 329 -38.19 1.43 35.15
CA ALA A 329 -36.97 1.40 34.37
C ALA A 329 -35.78 1.64 35.30
N VAL A 330 -34.59 1.56 34.73
CA VAL A 330 -33.36 1.75 35.52
C VAL A 330 -32.27 2.27 34.59
N VAL A 331 -31.47 3.20 35.09
CA VAL A 331 -30.31 3.71 34.37
C VAL A 331 -29.04 3.18 35.02
N ALA A 332 -27.94 3.29 34.30
CA ALA A 332 -26.65 2.84 34.79
C ALA A 332 -25.97 3.93 35.61
N GLN A 333 -25.04 3.50 36.46
CA GLN A 333 -24.25 4.45 37.25
C GLN A 333 -23.26 5.24 36.40
N GLN A 334 -22.87 4.72 35.24
CA GLN A 334 -21.85 5.35 34.42
C GLN A 334 -22.51 6.23 33.35
N LEU A 335 -21.99 7.44 33.21
CA LEU A 335 -22.46 8.40 32.22
C LEU A 335 -21.44 8.50 31.10
N LEU A 336 -21.90 8.25 29.87
CA LEU A 336 -21.04 8.31 28.70
C LEU A 336 -21.03 9.73 28.15
N SER A 337 -19.84 10.23 27.83
CA SER A 337 -19.70 11.62 27.40
C SER A 337 -19.00 11.79 26.07
N GLN A 338 -18.00 10.96 25.77
CA GLN A 338 -17.15 11.19 24.61
C GLN A 338 -16.65 9.86 24.06
N GLY A 339 -16.51 9.79 22.74
CA GLY A 339 -15.97 8.62 22.09
C GLY A 339 -17.04 7.65 21.63
N GLU A 340 -16.61 6.41 21.41
CA GLU A 340 -17.50 5.34 20.98
C GLU A 340 -17.60 4.29 22.08
N HIS A 341 -18.79 3.74 22.24
CA HIS A 341 -19.06 2.75 23.27
C HIS A 341 -20.03 1.72 22.72
N TYR A 342 -19.94 0.49 23.22
CA TYR A 342 -20.79 -0.60 22.79
C TYR A 342 -21.13 -1.49 23.97
N TRP A 343 -22.41 -1.86 24.10
CA TRP A 343 -22.82 -2.74 25.19
C TRP A 343 -23.99 -3.60 24.75
N GLU A 344 -24.01 -4.85 25.23
CA GLU A 344 -25.03 -5.82 24.87
C GLU A 344 -25.93 -6.12 26.07
N VAL A 345 -27.23 -6.17 25.81
CA VAL A 345 -28.23 -6.49 26.84
C VAL A 345 -28.97 -7.74 26.40
N GLU A 346 -29.02 -8.73 27.29
CA GLU A 346 -29.71 -9.99 27.03
C GLU A 346 -31.15 -9.88 27.51
N VAL A 347 -32.11 -10.03 26.59
CA VAL A 347 -33.52 -9.97 26.93
C VAL A 347 -34.09 -11.38 27.01
N GLY A 348 -33.47 -12.31 26.29
CA GLY A 348 -33.89 -13.70 26.32
C GLY A 348 -35.28 -13.95 25.76
N ASP A 349 -36.21 -14.36 26.62
CA ASP A 349 -37.56 -14.68 26.22
C ASP A 349 -38.57 -13.66 26.75
N LYS A 350 -38.12 -12.44 26.97
CA LYS A 350 -39.00 -11.38 27.45
C LYS A 350 -39.84 -10.84 26.29
N PRO A 351 -41.16 -10.76 26.43
CA PRO A 351 -42.00 -10.33 25.30
C PRO A 351 -42.03 -8.82 25.09
N ARG A 352 -41.90 -8.05 26.16
CA ARG A 352 -41.98 -6.59 26.08
C ARG A 352 -40.85 -5.96 26.87
N TRP A 353 -40.08 -5.09 26.23
CA TRP A 353 -38.99 -4.38 26.89
C TRP A 353 -38.63 -3.14 26.07
N ALA A 354 -37.70 -2.35 26.59
CA ALA A 354 -37.18 -1.21 25.83
C ALA A 354 -35.76 -0.91 26.30
N LEU A 355 -34.95 -0.38 25.38
CA LEU A 355 -33.58 -0.03 25.69
C LEU A 355 -33.19 1.25 24.96
N GLY A 356 -32.25 2.00 25.55
CA GLY A 356 -31.75 3.16 24.84
C GLY A 356 -30.95 4.09 25.74
N VAL A 357 -31.03 5.38 25.44
CA VAL A 357 -30.31 6.40 26.18
C VAL A 357 -31.26 7.52 26.59
N MET A 358 -30.93 8.17 27.70
CA MET A 358 -31.73 9.26 28.25
C MET A 358 -30.82 10.43 28.61
N ALA A 359 -31.27 11.64 28.31
CA ALA A 359 -30.50 12.83 28.65
C ALA A 359 -30.32 12.94 30.16
N ALA A 360 -29.13 13.38 30.57
CA ALA A 360 -28.83 13.49 32.00
C ALA A 360 -29.62 14.61 32.67
N ASP A 361 -30.04 15.62 31.92
CA ASP A 361 -30.77 16.75 32.48
C ASP A 361 -32.28 16.58 32.44
N ALA A 362 -32.80 15.58 31.73
CA ALA A 362 -34.23 15.36 31.64
C ALA A 362 -34.76 14.67 32.88
N SER A 363 -35.91 15.14 33.36
CA SER A 363 -36.52 14.56 34.54
C SER A 363 -36.98 13.13 34.26
N ARG A 364 -36.89 12.28 35.29
CA ARG A 364 -37.16 10.86 35.16
C ARG A 364 -38.49 10.43 35.76
N ARG A 365 -39.25 11.36 36.36
CA ARG A 365 -40.49 11.02 37.03
C ARG A 365 -41.68 11.46 36.18
N GLY A 366 -42.85 10.90 36.51
CA GLY A 366 -44.07 11.22 35.79
C GLY A 366 -44.19 10.47 34.49
N ARG A 367 -45.27 10.75 33.78
CA ARG A 367 -45.48 10.17 32.46
C ARG A 367 -44.45 10.74 31.49
N LEU A 368 -43.75 9.86 30.79
CA LEU A 368 -42.63 10.24 29.93
C LEU A 368 -42.99 10.01 28.47
N HIS A 369 -42.57 10.94 27.61
CA HIS A 369 -42.80 10.87 26.17
C HIS A 369 -41.48 10.53 25.51
N ALA A 370 -41.39 9.34 24.92
CA ALA A 370 -40.14 8.84 24.34
C ALA A 370 -39.93 9.51 22.98
N VAL A 371 -39.43 10.74 23.02
CA VAL A 371 -39.12 11.50 21.81
C VAL A 371 -37.75 12.14 21.95
N PRO A 372 -36.96 12.22 20.88
CA PRO A 372 -35.62 12.81 20.98
C PRO A 372 -35.62 14.25 21.46
N SER A 373 -36.70 14.99 21.23
CA SER A 373 -36.78 16.37 21.70
C SER A 373 -36.84 16.46 23.22
N GLN A 374 -37.13 15.35 23.91
CA GLN A 374 -37.18 15.33 25.36
C GLN A 374 -36.04 14.52 25.98
N GLY A 375 -35.00 14.25 25.20
CA GLY A 375 -33.84 13.54 25.71
C GLY A 375 -34.09 12.08 25.97
N LEU A 376 -34.72 11.40 25.02
CA LEU A 376 -35.04 9.98 25.16
C LEU A 376 -34.92 9.33 23.79
N TRP A 377 -33.92 8.47 23.61
CA TRP A 377 -33.76 7.69 22.38
C TRP A 377 -33.93 6.22 22.75
N LEU A 378 -35.08 5.65 22.38
CA LEU A 378 -35.49 4.34 22.86
C LEU A 378 -35.94 3.45 21.71
N LEU A 379 -35.62 2.16 21.82
CA LEU A 379 -36.14 1.13 20.94
C LEU A 379 -36.89 0.11 21.79
N GLY A 380 -38.12 -0.21 21.42
CA GLY A 380 -38.98 -1.05 22.22
C GLY A 380 -39.48 -2.26 21.45
N LEU A 381 -39.76 -3.33 22.18
CA LEU A 381 -40.39 -4.52 21.65
C LEU A 381 -41.63 -4.82 22.48
N ARG A 382 -42.79 -4.81 21.83
CA ARG A 382 -44.07 -5.06 22.48
C ARG A 382 -44.80 -6.20 21.78
N ASP A 383 -45.69 -6.84 22.53
CA ASP A 383 -46.50 -7.96 22.06
C ASP A 383 -45.65 -9.15 21.60
N GLY A 384 -44.40 -9.22 22.03
CA GLY A 384 -43.54 -10.35 21.73
C GLY A 384 -42.88 -10.30 20.37
N LYS A 385 -43.48 -9.59 19.42
CA LYS A 385 -42.95 -9.55 18.06
C LYS A 385 -42.91 -8.17 17.43
N ILE A 386 -43.64 -7.18 17.95
CA ILE A 386 -43.71 -5.87 17.32
C ILE A 386 -42.52 -5.04 17.78
N LEU A 387 -41.69 -4.62 16.83
CA LEU A 387 -40.51 -3.80 17.09
C LEU A 387 -40.79 -2.37 16.68
N GLU A 388 -40.60 -1.43 17.60
CA GLU A 388 -40.90 -0.02 17.35
C GLU A 388 -39.73 0.86 17.75
N ALA A 389 -39.49 1.89 16.95
CA ALA A 389 -38.49 2.91 17.25
C ALA A 389 -39.20 4.18 17.70
N HIS A 390 -38.78 4.72 18.85
CA HIS A 390 -39.44 5.88 19.43
C HIS A 390 -38.80 7.16 18.88
N VAL A 391 -39.05 7.39 17.58
CA VAL A 391 -38.55 8.56 16.88
C VAL A 391 -39.49 9.72 17.16
N GLU A 392 -39.08 10.94 16.82
CA GLU A 392 -39.90 12.13 17.05
C GLU A 392 -41.07 12.12 16.08
N ALA A 393 -42.22 11.65 16.55
CA ALA A 393 -43.43 11.61 15.73
C ALA A 393 -44.62 11.44 16.67
N LYS A 394 -45.83 11.44 16.08
CA LYS A 394 -47.03 11.23 16.86
C LYS A 394 -47.09 9.83 17.45
N GLU A 395 -46.76 8.82 16.65
CA GLU A 395 -46.72 7.44 17.08
C GLU A 395 -45.36 6.83 16.77
N PRO A 396 -44.95 5.81 17.52
CA PRO A 396 -43.66 5.17 17.24
C PRO A 396 -43.63 4.54 15.86
N ARG A 397 -42.44 4.52 15.27
CA ARG A 397 -42.26 4.01 13.91
C ARG A 397 -42.12 2.49 13.95
N ALA A 398 -43.02 1.80 13.23
CA ALA A 398 -42.94 0.35 13.14
C ALA A 398 -41.72 -0.07 12.32
N LEU A 399 -41.10 -1.17 12.74
CA LEU A 399 -39.91 -1.69 12.09
C LEU A 399 -40.16 -3.11 11.60
N ARG A 400 -39.33 -3.55 10.66
CA ARG A 400 -39.43 -4.89 10.11
C ARG A 400 -39.17 -5.94 11.19
N THR A 401 -40.23 -6.62 11.62
CA THR A 401 -40.10 -7.58 12.70
C THR A 401 -39.34 -8.81 12.20
N PRO A 402 -38.32 -9.28 12.93
CA PRO A 402 -37.56 -10.45 12.47
C PRO A 402 -38.36 -11.75 12.52
N GLU A 403 -37.74 -12.85 12.08
CA GLU A 403 -38.39 -14.16 12.14
C GLU A 403 -38.72 -14.55 13.57
N ARG A 404 -37.72 -14.52 14.45
CA ARG A 404 -37.86 -14.78 15.87
C ARG A 404 -37.63 -13.50 16.67
N PRO A 405 -38.22 -13.38 17.85
CA PRO A 405 -37.92 -12.24 18.72
C PRO A 405 -36.45 -12.21 19.08
N PRO A 406 -35.81 -11.04 19.00
CA PRO A 406 -34.38 -10.97 19.33
C PRO A 406 -34.12 -11.34 20.78
N ALA A 407 -33.04 -12.10 20.99
CA ALA A 407 -32.66 -12.52 22.33
C ALA A 407 -31.59 -11.66 22.98
N ARG A 408 -30.79 -10.96 22.17
CA ARG A 408 -29.77 -10.04 22.68
C ARG A 408 -29.70 -8.82 21.77
N ILE A 409 -29.64 -7.64 22.38
CA ILE A 409 -29.62 -6.38 21.65
C ILE A 409 -28.32 -5.66 21.97
N GLY A 410 -27.57 -5.31 20.94
CA GLY A 410 -26.35 -4.52 21.10
C GLY A 410 -26.63 -3.06 20.79
N LEU A 411 -26.04 -2.18 21.58
CA LEU A 411 -26.21 -0.74 21.45
C LEU A 411 -24.84 -0.11 21.26
N TYR A 412 -24.69 0.66 20.18
CA TYR A 412 -23.46 1.37 19.88
C TYR A 412 -23.74 2.87 19.90
N LEU A 413 -22.90 3.61 20.61
CA LEU A 413 -23.08 5.05 20.75
C LEU A 413 -21.79 5.75 20.38
N SER A 414 -21.86 6.68 19.43
CA SER A 414 -20.71 7.45 18.99
C SER A 414 -21.03 8.93 19.09
N PHE A 415 -20.28 9.64 19.95
CA PHE A 415 -20.48 11.08 20.12
C PHE A 415 -19.89 11.88 18.97
N ALA A 416 -18.74 11.45 18.43
CA ALA A 416 -18.10 12.20 17.35
C ALA A 416 -18.98 12.29 16.12
N ASP A 417 -19.76 11.26 15.83
CA ASP A 417 -20.72 11.28 14.74
C ASP A 417 -22.16 11.43 15.21
N GLY A 418 -22.41 11.40 16.52
CA GLY A 418 -23.76 11.49 17.05
C GLY A 418 -24.66 10.40 16.49
N VAL A 419 -24.32 9.14 16.78
CA VAL A 419 -25.04 7.99 16.21
C VAL A 419 -25.32 7.01 17.33
N LEU A 420 -26.59 6.60 17.46
CA LEU A 420 -26.98 5.53 18.37
C LEU A 420 -27.61 4.42 17.54
N ALA A 421 -26.90 3.31 17.42
CA ALA A 421 -27.29 2.19 16.57
C ALA A 421 -27.69 0.99 17.41
N PHE A 422 -28.84 0.41 17.09
CA PHE A 422 -29.33 -0.80 17.73
C PHE A 422 -29.16 -1.96 16.76
N TYR A 423 -28.52 -3.03 17.21
CA TYR A 423 -28.28 -4.21 16.40
C TYR A 423 -28.81 -5.44 17.13
N ASP A 424 -29.19 -6.45 16.35
CA ASP A 424 -29.63 -7.72 16.92
C ASP A 424 -28.41 -8.58 17.20
N ALA A 425 -28.08 -8.75 18.47
CA ALA A 425 -26.93 -9.55 18.90
C ALA A 425 -27.34 -10.96 19.30
N SER A 426 -28.45 -11.47 18.77
CA SER A 426 -28.86 -12.84 19.06
C SER A 426 -27.82 -13.84 18.55
N ASN A 427 -27.32 -13.62 17.35
CA ASN A 427 -26.26 -14.46 16.81
C ASN A 427 -24.91 -13.96 17.30
N PRO A 428 -24.14 -14.75 18.06
CA PRO A 428 -22.83 -14.29 18.51
C PRO A 428 -21.83 -14.10 17.39
N ASP A 429 -22.09 -14.66 16.21
CA ASP A 429 -21.16 -14.56 15.09
C ASP A 429 -21.43 -13.33 14.21
N VAL A 430 -22.70 -13.00 13.98
CA VAL A 430 -23.06 -11.91 13.08
C VAL A 430 -24.07 -11.01 13.79
N LEU A 431 -23.89 -9.70 13.63
CA LEU A 431 -24.84 -8.72 14.13
C LEU A 431 -25.67 -8.18 12.98
N THR A 432 -27.00 -8.13 13.17
CA THR A 432 -27.87 -7.62 12.12
C THR A 432 -28.48 -6.30 12.54
N PRO A 433 -28.55 -5.33 11.63
CA PRO A 433 -29.02 -3.99 12.02
C PRO A 433 -30.51 -3.97 12.31
N ILE A 434 -30.88 -3.20 13.33
CA ILE A 434 -32.28 -2.96 13.68
C ILE A 434 -32.68 -1.53 13.35
N PHE A 435 -32.06 -0.55 14.02
CA PHE A 435 -32.29 0.86 13.73
C PHE A 435 -31.15 1.67 14.30
N SER A 436 -30.90 2.84 13.71
CA SER A 436 -29.82 3.70 14.14
C SER A 436 -30.26 5.16 14.04
N PHE A 437 -30.04 5.92 15.11
CA PHE A 437 -30.27 7.35 15.08
C PHE A 437 -29.05 8.04 14.50
N HIS A 438 -29.27 8.95 13.55
CA HIS A 438 -28.20 9.72 12.94
C HIS A 438 -28.30 11.21 13.25
N GLU A 439 -29.09 11.57 14.27
CA GLU A 439 -29.24 12.97 14.66
C GLU A 439 -28.09 13.37 15.58
N ARG A 440 -27.63 14.61 15.44
CA ARG A 440 -26.54 15.10 16.28
C ARG A 440 -26.99 15.12 17.74
N LEU A 441 -26.40 14.25 18.56
CA LEU A 441 -26.75 14.16 19.97
C LEU A 441 -25.95 15.18 20.77
N PRO A 442 -26.61 16.01 21.60
CA PRO A 442 -25.84 16.96 22.42
C PRO A 442 -24.93 16.27 23.43
N GLY A 443 -25.49 15.37 24.26
CA GLY A 443 -24.71 14.69 25.24
C GLY A 443 -24.43 15.55 26.47
N PRO A 444 -24.07 14.91 27.59
CA PRO A 444 -23.91 13.46 27.79
C PRO A 444 -25.23 12.78 28.15
N VAL A 445 -25.30 11.45 28.06
CA VAL A 445 -26.52 10.71 28.32
C VAL A 445 -26.19 9.53 29.23
N TYR A 446 -27.25 8.90 29.75
CA TYR A 446 -27.23 7.72 30.59
C TYR A 446 -27.85 6.54 29.85
N PRO A 447 -27.25 5.36 29.91
CA PRO A 447 -27.89 4.16 29.35
C PRO A 447 -29.09 3.76 30.19
N ILE A 448 -30.27 3.75 29.56
CA ILE A 448 -31.53 3.51 30.26
C ILE A 448 -32.14 2.23 29.71
N PHE A 449 -32.71 1.44 30.62
CA PHE A 449 -33.31 0.15 30.29
C PHE A 449 -34.69 0.10 30.92
N ASP A 450 -35.72 -0.03 30.07
CA ASP A 450 -37.11 -0.10 30.50
C ASP A 450 -37.50 -1.57 30.53
N VAL A 451 -37.41 -2.17 31.72
CA VAL A 451 -38.01 -3.48 31.99
C VAL A 451 -39.47 -3.24 32.33
N CYS A 452 -40.36 -3.63 31.43
CA CYS A 452 -41.75 -3.21 31.48
C CYS A 452 -42.49 -3.90 32.62
N TRP A 453 -43.81 -3.70 32.65
CA TRP A 453 -44.64 -4.16 33.74
C TRP A 453 -44.58 -5.68 33.85
N HIS A 454 -44.74 -6.18 35.08
CA HIS A 454 -44.73 -7.62 35.30
C HIS A 454 -45.92 -8.32 34.66
N ASP A 455 -47.01 -7.59 34.40
CA ASP A 455 -48.17 -8.10 33.67
C ASP A 455 -48.71 -9.38 34.31
N LYS A 456 -49.01 -9.30 35.61
CA LYS A 456 -49.61 -10.40 36.36
C LYS A 456 -48.73 -11.65 36.37
N GLY A 457 -47.41 -11.48 36.24
CA GLY A 457 -46.45 -12.55 36.41
C GLY A 457 -45.81 -13.05 35.14
N LYS A 458 -46.45 -12.89 33.98
CA LYS A 458 -45.93 -13.41 32.73
C LYS A 458 -44.88 -12.51 32.09
N ASN A 459 -44.28 -11.61 32.86
CA ASN A 459 -43.19 -10.76 32.37
C ASN A 459 -42.06 -10.68 33.39
N ALA A 460 -41.86 -11.75 34.16
CA ALA A 460 -40.82 -11.79 35.19
C ALA A 460 -39.45 -12.14 34.63
N GLN A 461 -39.32 -12.26 33.30
CA GLN A 461 -38.01 -12.53 32.72
C GLN A 461 -37.06 -11.36 33.01
N PRO A 462 -35.83 -11.63 33.41
CA PRO A 462 -34.91 -10.54 33.77
C PRO A 462 -34.19 -9.95 32.57
N LEU A 463 -33.45 -8.88 32.85
CA LEU A 463 -32.56 -8.25 31.89
C LEU A 463 -31.13 -8.34 32.41
N LEU A 464 -30.25 -8.90 31.59
CA LEU A 464 -28.88 -9.20 31.98
C LEU A 464 -27.92 -8.44 31.09
N LEU A 465 -26.95 -7.77 31.70
CA LEU A 465 -25.91 -7.06 30.97
C LEU A 465 -24.77 -8.04 30.67
N VAL A 466 -24.60 -8.36 29.39
CA VAL A 466 -23.56 -9.31 28.98
C VAL A 466 -22.19 -8.65 29.10
N HIS B 81 -4.30 -97.85 23.84
CA HIS B 81 -3.95 -96.47 23.52
C HIS B 81 -5.20 -95.60 23.44
N CYS B 82 -6.23 -95.97 24.21
CA CYS B 82 -7.49 -95.22 24.26
C CYS B 82 -7.46 -94.08 25.26
N GLU B 83 -6.50 -94.10 26.20
CA GLU B 83 -6.38 -93.14 27.29
C GLU B 83 -7.53 -93.31 28.28
N GLU B 84 -8.48 -94.17 27.93
CA GLU B 84 -9.58 -94.56 28.81
C GLU B 84 -9.88 -96.05 28.79
N HIS B 85 -9.42 -96.80 27.78
CA HIS B 85 -9.71 -98.21 27.65
C HIS B 85 -8.47 -99.05 27.38
N LEU B 86 -7.30 -98.43 27.24
CA LEU B 86 -6.04 -99.09 26.89
C LEU B 86 -6.08 -99.78 25.53
N ASP B 87 -7.09 -99.50 24.71
CA ASP B 87 -7.24 -100.03 23.37
C ASP B 87 -6.76 -99.04 22.32
N PRO B 88 -6.05 -99.49 21.29
CA PRO B 88 -5.52 -98.54 20.30
C PRO B 88 -6.63 -97.84 19.53
N LEU B 89 -6.37 -96.59 19.17
CA LEU B 89 -7.32 -95.77 18.42
C LEU B 89 -7.34 -96.22 16.96
N SER B 90 -8.49 -96.74 16.52
CA SER B 90 -8.60 -97.22 15.14
C SER B 90 -9.86 -96.82 14.42
N ILE B 91 -10.84 -96.20 15.09
CA ILE B 91 -12.11 -95.82 14.48
C ILE B 91 -12.26 -94.31 14.58
N TYR B 92 -12.64 -93.67 13.47
CA TYR B 92 -12.83 -92.22 13.42
C TYR B 92 -14.33 -91.95 13.34
N CYS B 93 -14.84 -91.18 14.29
CA CYS B 93 -16.24 -90.76 14.28
C CYS B 93 -16.38 -89.54 13.39
N GLU B 94 -17.24 -89.63 12.37
CA GLU B 94 -17.38 -88.52 11.42
C GLU B 94 -18.03 -87.32 12.08
N GLN B 95 -19.13 -87.53 12.81
CA GLN B 95 -19.87 -86.43 13.42
C GLN B 95 -19.21 -85.89 14.69
N ASP B 96 -18.25 -86.62 15.26
CA ASP B 96 -17.49 -86.11 16.40
C ASP B 96 -16.04 -85.78 16.06
N ARG B 97 -15.52 -86.33 14.96
CA ARG B 97 -14.20 -85.98 14.45
C ARG B 97 -13.11 -86.24 15.50
N THR B 98 -13.17 -87.40 16.14
CA THR B 98 -12.21 -87.77 17.17
C THR B 98 -11.88 -89.25 17.05
N LEU B 99 -10.60 -89.58 17.18
CA LEU B 99 -10.17 -90.97 17.18
C LEU B 99 -10.60 -91.65 18.48
N VAL B 100 -11.08 -92.88 18.36
CA VAL B 100 -11.52 -93.68 19.49
C VAL B 100 -11.07 -95.12 19.28
N CYS B 101 -11.42 -95.98 20.22
CA CYS B 101 -11.06 -97.38 20.21
C CYS B 101 -12.26 -98.22 19.77
N GLY B 102 -12.10 -99.54 19.81
CA GLY B 102 -13.19 -100.43 19.43
C GLY B 102 -14.31 -100.49 20.46
N VAL B 103 -13.96 -100.42 21.74
CA VAL B 103 -15.00 -100.42 22.77
C VAL B 103 -15.85 -99.16 22.68
N CYS B 104 -15.20 -98.00 22.50
CA CYS B 104 -15.94 -96.75 22.37
C CYS B 104 -16.84 -96.76 21.14
N ALA B 105 -16.43 -97.48 20.08
CA ALA B 105 -17.22 -97.53 18.86
C ALA B 105 -18.33 -98.59 18.92
N SER B 106 -18.17 -99.62 19.76
CA SER B 106 -19.19 -100.65 19.88
C SER B 106 -20.26 -100.28 20.90
N LEU B 107 -19.86 -99.77 22.06
CA LEU B 107 -20.81 -99.35 23.08
C LEU B 107 -20.22 -98.18 23.86
N GLY B 108 -20.95 -97.08 23.92
CA GLY B 108 -20.48 -95.92 24.66
C GLY B 108 -20.63 -94.60 23.92
N SER B 109 -19.51 -93.94 23.65
CA SER B 109 -19.57 -92.58 23.11
C SER B 109 -20.07 -92.57 21.67
N HIS B 110 -19.49 -93.40 20.81
CA HIS B 110 -19.76 -93.31 19.38
C HIS B 110 -20.35 -94.60 18.83
N ARG B 111 -21.34 -95.19 19.52
CA ARG B 111 -21.89 -96.47 19.08
C ARG B 111 -22.99 -96.34 18.04
N GLY B 112 -23.64 -95.18 17.94
CA GLY B 112 -24.74 -95.02 17.01
C GLY B 112 -24.56 -93.90 16.01
N HIS B 113 -23.33 -93.47 15.80
CA HIS B 113 -23.03 -92.36 14.92
C HIS B 113 -22.66 -92.87 13.53
N ARG B 114 -22.20 -91.96 12.68
CA ARG B 114 -21.62 -92.30 11.38
C ARG B 114 -20.11 -92.43 11.57
N LEU B 115 -19.60 -93.67 11.60
CA LEU B 115 -18.21 -93.93 11.88
C LEU B 115 -17.53 -94.58 10.68
N LEU B 116 -16.30 -94.17 10.42
CA LEU B 116 -15.48 -94.70 9.34
C LEU B 116 -14.13 -95.10 9.93
N PRO B 117 -13.35 -95.90 9.23
CA PRO B 117 -11.93 -96.06 9.58
C PRO B 117 -11.12 -94.94 8.95
N ALA B 118 -9.79 -95.03 9.15
CA ALA B 118 -8.92 -93.89 8.86
C ALA B 118 -9.05 -93.38 7.43
N ALA B 119 -8.79 -94.26 6.45
CA ALA B 119 -8.51 -93.84 5.07
C ALA B 119 -9.58 -92.90 4.50
N GLU B 120 -10.82 -93.38 4.43
CA GLU B 120 -11.86 -92.61 3.73
C GLU B 120 -12.21 -91.34 4.49
N ALA B 121 -12.21 -91.40 5.83
CA ALA B 121 -12.47 -90.21 6.62
C ALA B 121 -11.38 -89.15 6.41
N GLN B 122 -10.11 -89.59 6.38
CA GLN B 122 -9.02 -88.67 6.12
C GLN B 122 -9.14 -88.06 4.73
N ALA B 123 -9.55 -88.86 3.75
CA ALA B 123 -9.74 -88.33 2.40
C ALA B 123 -10.85 -87.29 2.38
N ARG B 124 -11.97 -87.58 3.07
CA ARG B 124 -13.08 -86.62 3.12
C ARG B 124 -12.70 -85.35 3.86
N LEU B 125 -11.80 -85.44 4.83
CA LEU B 125 -11.38 -84.25 5.57
C LEU B 125 -10.37 -83.43 4.77
N LYS B 126 -9.47 -84.09 4.04
CA LYS B 126 -8.53 -83.38 3.18
C LYS B 126 -9.21 -82.82 1.94
N THR B 127 -10.40 -83.33 1.61
CA THR B 127 -11.19 -82.73 0.52
C THR B 127 -11.56 -81.29 0.85
N GLN B 128 -11.70 -80.97 2.13
CA GLN B 128 -12.11 -79.63 2.56
C GLN B 128 -10.96 -78.64 2.62
N LEU B 129 -9.72 -79.08 2.39
CA LEU B 129 -8.56 -78.21 2.45
C LEU B 129 -8.58 -77.12 1.38
N PRO B 130 -8.91 -77.43 0.12
CA PRO B 130 -8.97 -76.34 -0.88
C PRO B 130 -9.98 -75.25 -0.52
N GLN B 131 -11.13 -75.63 0.04
CA GLN B 131 -12.12 -74.63 0.46
C GLN B 131 -11.55 -73.72 1.54
N GLN B 132 -10.89 -74.31 2.54
CA GLN B 132 -10.32 -73.52 3.61
C GLN B 132 -9.23 -72.59 3.09
N LYS B 133 -8.38 -73.10 2.18
CA LYS B 133 -7.31 -72.27 1.63
C LYS B 133 -7.88 -71.12 0.81
N MET B 134 -8.93 -71.38 0.01
CA MET B 134 -9.54 -70.32 -0.78
C MET B 134 -10.19 -69.27 0.12
N GLN B 135 -10.89 -69.70 1.17
CA GLN B 135 -11.48 -68.74 2.09
C GLN B 135 -10.43 -67.91 2.80
N LEU B 136 -9.32 -68.55 3.20
CA LEU B 136 -8.24 -67.82 3.85
C LEU B 136 -7.62 -66.80 2.90
N GLN B 137 -7.41 -67.18 1.64
CA GLN B 137 -6.88 -66.24 0.66
C GLN B 137 -7.84 -65.07 0.45
N GLU B 138 -9.14 -65.35 0.38
CA GLU B 138 -10.12 -64.28 0.21
C GLU B 138 -10.10 -63.32 1.40
N ALA B 139 -10.05 -63.87 2.61
CA ALA B 139 -10.00 -63.03 3.81
C ALA B 139 -8.75 -62.17 3.83
N SER B 140 -7.60 -62.77 3.47
CA SER B 140 -6.35 -62.01 3.44
C SER B 140 -6.42 -60.89 2.40
N MET B 141 -6.99 -61.18 1.23
CA MET B 141 -7.14 -60.16 0.20
C MET B 141 -8.01 -59.01 0.70
N ARG B 142 -9.14 -59.34 1.31
CA ARG B 142 -10.04 -58.32 1.84
C ARG B 142 -9.34 -57.45 2.88
N LYS B 143 -8.63 -58.09 3.82
CA LYS B 143 -7.97 -57.33 4.88
C LYS B 143 -6.85 -56.46 4.32
N GLU B 144 -6.09 -56.96 3.34
CA GLU B 144 -5.03 -56.17 2.75
C GLU B 144 -5.59 -54.98 1.98
N LYS B 145 -6.70 -55.19 1.27
CA LYS B 145 -7.36 -54.09 0.57
C LYS B 145 -7.84 -53.03 1.56
N THR B 146 -8.42 -53.47 2.67
CA THR B 146 -8.87 -52.51 3.69
C THR B 146 -7.69 -51.73 4.28
N VAL B 147 -6.58 -52.41 4.53
CA VAL B 147 -5.39 -51.73 5.06
C VAL B 147 -4.88 -50.70 4.07
N ALA B 148 -4.83 -51.07 2.79
CA ALA B 148 -4.39 -50.13 1.76
C ALA B 148 -5.33 -48.93 1.68
N VAL B 149 -6.63 -49.18 1.78
CA VAL B 149 -7.60 -48.09 1.77
C VAL B 149 -7.38 -47.15 2.94
N LEU B 150 -7.11 -47.71 4.13
CA LEU B 150 -6.89 -46.85 5.30
C LEU B 150 -5.60 -46.05 5.17
N GLU B 151 -4.56 -46.63 4.57
CA GLU B 151 -3.33 -45.88 4.34
C GLU B 151 -3.56 -44.75 3.33
N HIS B 152 -4.31 -45.04 2.26
CA HIS B 152 -4.66 -44.00 1.31
C HIS B 152 -5.47 -42.90 1.98
N GLN B 153 -6.36 -43.26 2.91
CA GLN B 153 -7.14 -42.27 3.63
C GLN B 153 -6.26 -41.41 4.52
N LEU B 154 -5.25 -42.02 5.16
CA LEU B 154 -4.32 -41.22 5.97
C LEU B 154 -3.55 -40.23 5.11
N VAL B 155 -3.11 -40.67 3.92
CA VAL B 155 -2.39 -39.77 3.02
C VAL B 155 -3.31 -38.63 2.56
N GLU B 156 -4.56 -38.96 2.20
CA GLU B 156 -5.49 -37.94 1.77
C GLU B 156 -5.86 -36.99 2.91
N VAL B 157 -5.86 -37.49 4.15
CA VAL B 157 -6.11 -36.62 5.30
C VAL B 157 -4.98 -35.61 5.45
N GLU B 158 -3.73 -36.08 5.33
CA GLU B 158 -2.61 -35.16 5.42
C GLU B 158 -2.67 -34.10 4.32
N GLU B 159 -2.96 -34.55 3.08
CA GLU B 159 -3.05 -33.61 1.97
C GLU B 159 -4.19 -32.62 2.17
N THR B 160 -5.34 -33.10 2.66
CA THR B 160 -6.48 -32.23 2.91
C THR B 160 -6.17 -31.19 3.97
N VAL B 161 -5.50 -31.59 5.05
CA VAL B 161 -5.14 -30.64 6.10
C VAL B 161 -4.21 -29.57 5.55
N ARG B 162 -3.19 -29.99 4.77
CA ARG B 162 -2.29 -29.01 4.17
C ARG B 162 -3.05 -28.06 3.24
N GLN B 163 -3.95 -28.60 2.42
CA GLN B 163 -4.73 -27.78 1.50
C GLN B 163 -5.60 -26.78 2.25
N PHE B 164 -6.24 -27.22 3.33
CA PHE B 164 -7.08 -26.33 4.12
C PHE B 164 -6.25 -25.20 4.73
N ARG B 165 -5.08 -25.54 5.29
CA ARG B 165 -4.22 -24.51 5.85
C ARG B 165 -3.83 -23.49 4.79
N GLY B 166 -3.40 -23.97 3.61
CA GLY B 166 -3.00 -23.04 2.56
C GLY B 166 -4.13 -22.18 2.05
N ALA B 167 -5.32 -22.78 1.88
CA ALA B 167 -6.48 -22.03 1.39
C ALA B 167 -6.90 -20.96 2.39
N VAL B 168 -6.95 -21.30 3.69
CA VAL B 168 -7.28 -20.30 4.70
C VAL B 168 -6.24 -19.19 4.70
N GLY B 169 -4.96 -19.55 4.61
CA GLY B 169 -3.92 -18.54 4.58
C GLY B 169 -4.07 -17.59 3.40
N GLU B 170 -4.36 -18.14 2.22
CA GLU B 170 -4.51 -17.30 1.03
C GLU B 170 -5.74 -16.40 1.15
N GLN B 171 -6.88 -16.96 1.56
CA GLN B 171 -8.10 -16.17 1.63
C GLN B 171 -8.00 -15.06 2.69
N LEU B 172 -7.27 -15.30 3.78
CA LEU B 172 -7.09 -14.23 4.75
C LEU B 172 -5.99 -13.26 4.34
N GLY B 173 -4.99 -13.73 3.61
CA GLY B 173 -3.97 -12.84 3.09
C GLY B 173 -4.51 -11.88 2.04
N LYS B 174 -5.60 -12.27 1.37
CA LYS B 174 -6.29 -11.33 0.50
C LYS B 174 -6.73 -10.08 1.26
N MET B 175 -7.46 -10.27 2.37
CA MET B 175 -7.91 -9.14 3.17
C MET B 175 -6.74 -8.43 3.83
N ARG B 176 -5.71 -9.18 4.24
CA ARG B 176 -4.53 -8.54 4.80
C ARG B 176 -3.85 -7.62 3.79
N MET B 177 -3.75 -8.08 2.54
CA MET B 177 -3.20 -7.24 1.48
C MET B 177 -4.06 -6.02 1.24
N PHE B 178 -5.39 -6.18 1.27
CA PHE B 178 -6.27 -5.03 1.11
C PHE B 178 -6.02 -3.99 2.21
N LEU B 179 -5.95 -4.45 3.47
CA LEU B 179 -5.74 -3.52 4.58
C LEU B 179 -4.38 -2.84 4.49
N ALA B 180 -3.35 -3.61 4.14
CA ALA B 180 -2.02 -3.02 3.96
C ALA B 180 -2.03 -1.98 2.84
N ALA B 181 -2.72 -2.28 1.75
CA ALA B 181 -2.82 -1.34 0.64
C ALA B 181 -3.51 -0.06 1.05
N LEU B 182 -4.60 -0.17 1.82
CA LEU B 182 -5.31 1.03 2.28
C LEU B 182 -4.42 1.85 3.21
N GLU B 183 -3.70 1.18 4.11
CA GLU B 183 -2.78 1.89 5.00
C GLU B 183 -1.70 2.61 4.21
N SER B 184 -1.14 1.95 3.20
CA SER B 184 -0.11 2.57 2.37
C SER B 184 -0.64 3.78 1.63
N SER B 185 -1.84 3.68 1.06
CA SER B 185 -2.41 4.81 0.34
C SER B 185 -2.63 5.99 1.27
N LEU B 186 -3.17 5.72 2.47
CA LEU B 186 -3.36 6.79 3.44
C LEU B 186 -2.03 7.40 3.87
N ASP B 187 -0.99 6.58 4.01
CA ASP B 187 0.32 7.10 4.39
C ASP B 187 0.90 8.00 3.32
N ARG B 188 0.77 7.62 2.04
CA ARG B 188 1.26 8.50 0.98
C ARG B 188 0.44 9.79 0.92
N GLU B 189 -0.87 9.69 1.16
CA GLU B 189 -1.68 10.91 1.23
C GLU B 189 -1.19 11.82 2.35
N ALA B 190 -0.84 11.25 3.49
CA ALA B 190 -0.32 12.05 4.60
C ALA B 190 1.02 12.69 4.24
N GLU B 191 1.87 11.95 3.53
CA GLU B 191 3.14 12.49 3.06
C GLU B 191 2.92 13.71 2.17
N ARG B 192 2.02 13.57 1.20
CA ARG B 192 1.69 14.69 0.32
C ARG B 192 1.13 15.87 1.10
N VAL B 193 0.25 15.60 2.07
CA VAL B 193 -0.34 16.66 2.88
C VAL B 193 0.73 17.41 3.66
N ARG B 194 1.67 16.67 4.26
CA ARG B 194 2.76 17.30 5.00
C ARG B 194 3.59 18.19 4.09
N GLY B 195 3.95 17.69 2.91
CA GLY B 195 4.75 18.50 2.00
C GLY B 195 4.04 19.77 1.56
N ASP B 196 2.78 19.63 1.17
CA ASP B 196 2.02 20.79 0.71
C ASP B 196 1.81 21.81 1.83
N ALA B 197 1.50 21.34 3.03
CA ALA B 197 1.30 22.26 4.15
C ALA B 197 2.59 23.00 4.48
N GLY B 198 3.73 22.30 4.47
CA GLY B 198 4.98 22.97 4.73
C GLY B 198 5.32 24.01 3.68
N VAL B 199 5.08 23.67 2.40
CA VAL B 199 5.35 24.63 1.33
C VAL B 199 4.46 25.86 1.47
N ALA B 200 3.17 25.65 1.74
CA ALA B 200 2.25 26.78 1.86
C ALA B 200 2.61 27.67 3.05
N LEU B 201 2.97 27.05 4.18
CA LEU B 201 3.34 27.84 5.35
C LEU B 201 4.63 28.61 5.11
N ARG B 202 5.58 28.02 4.37
CA ARG B 202 6.80 28.76 4.04
C ARG B 202 6.50 29.93 3.12
N ARG B 203 5.59 29.74 2.17
CA ARG B 203 5.19 30.85 1.29
C ARG B 203 4.56 31.98 2.09
N GLU B 204 3.63 31.65 2.99
CA GLU B 204 3.01 32.68 3.81
C GLU B 204 4.02 33.38 4.71
N LEU B 205 4.97 32.62 5.26
CA LEU B 205 5.99 33.23 6.10
C LEU B 205 6.86 34.19 5.31
N SER B 206 7.24 33.81 4.09
CA SER B 206 8.04 34.71 3.26
C SER B 206 7.28 35.97 2.90
N SER B 207 6.00 35.83 2.54
CA SER B 207 5.19 37.00 2.21
C SER B 207 5.06 37.94 3.39
N LEU B 208 4.72 37.40 4.56
CA LEU B 208 4.55 38.25 5.74
C LEU B 208 5.86 38.85 6.21
N ASN B 209 6.98 38.13 6.06
CA ASN B 209 8.27 38.69 6.45
C ASN B 209 8.67 39.83 5.53
N SER B 210 8.43 39.68 4.22
CA SER B 210 8.72 40.79 3.30
C SER B 210 7.83 42.00 3.61
N TYR B 211 6.55 41.75 3.90
CA TYR B 211 5.66 42.87 4.23
C TYR B 211 6.09 43.56 5.51
N LEU B 212 6.49 42.79 6.52
CA LEU B 212 6.97 43.39 7.76
C LEU B 212 8.28 44.14 7.57
N GLU B 213 9.14 43.66 6.66
CA GLU B 213 10.35 44.40 6.34
C GLU B 213 10.01 45.74 5.69
N GLN B 214 9.03 45.75 4.79
CA GLN B 214 8.56 47.01 4.22
C GLN B 214 8.01 47.93 5.29
N LEU B 215 7.25 47.38 6.24
CA LEU B 215 6.71 48.18 7.33
C LEU B 215 7.83 48.78 8.18
N ARG B 216 8.86 47.98 8.48
CA ARG B 216 9.98 48.46 9.27
C ARG B 216 10.73 49.58 8.55
N GLN B 217 10.97 49.40 7.24
CA GLN B 217 11.65 50.44 6.48
C GLN B 217 10.84 51.73 6.45
N MET B 218 9.52 51.61 6.26
CA MET B 218 8.68 52.81 6.25
C MET B 218 8.67 53.49 7.60
N GLU B 219 8.61 52.72 8.70
CA GLU B 219 8.62 53.32 10.02
C GLU B 219 9.92 54.05 10.30
N LYS B 220 11.06 53.44 9.93
CA LYS B 220 12.34 54.10 10.16
C LYS B 220 12.49 55.34 9.28
N VAL B 221 11.96 55.29 8.05
CA VAL B 221 12.01 56.45 7.18
C VAL B 221 11.16 57.58 7.75
N LEU B 222 9.98 57.25 8.26
CA LEU B 222 9.13 58.25 8.89
C LEU B 222 9.80 58.86 10.12
N GLU B 223 10.44 58.03 10.95
CA GLU B 223 11.11 58.54 12.13
C GLU B 223 12.29 59.43 11.78
N GLU B 224 13.00 59.12 10.70
CA GLU B 224 14.10 59.98 10.26
C GLU B 224 13.60 61.26 9.61
N VAL B 225 12.45 61.21 8.93
CA VAL B 225 11.89 62.39 8.30
C VAL B 225 11.33 63.36 9.34
N ALA B 226 10.78 62.82 10.43
CA ALA B 226 10.22 63.66 11.48
C ALA B 226 11.26 64.53 12.18
N ASP B 227 12.55 64.26 11.98
CA ASP B 227 13.60 65.03 12.62
C ASP B 227 14.49 65.71 11.57
N LYS B 228 13.87 66.34 10.58
CA LYS B 228 14.55 66.98 9.47
C LYS B 228 14.34 68.49 9.52
N PRO B 229 15.14 69.26 8.76
CA PRO B 229 14.91 70.71 8.67
C PRO B 229 13.51 71.01 8.13
N GLN B 230 13.10 72.27 8.30
CA GLN B 230 11.73 72.66 7.98
C GLN B 230 11.41 72.46 6.50
N THR B 231 12.29 72.94 5.62
CA THR B 231 12.01 72.83 4.19
C THR B 231 12.07 71.38 3.72
N GLU B 232 13.07 70.62 4.17
CA GLU B 232 13.17 69.22 3.77
C GLU B 232 11.97 68.41 4.28
N PHE B 233 11.54 68.70 5.52
CA PHE B 233 10.37 68.03 6.07
C PHE B 233 9.13 68.37 5.26
N LEU B 234 8.90 69.66 4.99
CA LEU B 234 7.70 70.05 4.27
C LEU B 234 7.74 69.66 2.80
N MET B 235 8.90 69.28 2.27
CA MET B 235 8.95 68.77 0.91
C MET B 235 8.83 67.25 0.82
N LYS B 236 9.32 66.52 1.82
CA LYS B 236 9.29 65.06 1.76
C LYS B 236 8.15 64.43 2.55
N PHE B 237 7.45 65.20 3.37
CA PHE B 237 6.39 64.64 4.21
C PHE B 237 5.26 64.07 3.37
N SER B 238 4.87 64.76 2.31
CA SER B 238 3.74 64.29 1.52
C SER B 238 4.10 63.06 0.70
N LEU B 239 5.33 63.01 0.19
CA LEU B 239 5.79 61.80 -0.49
C LEU B 239 5.82 60.62 0.47
N VAL B 240 6.31 60.84 1.69
CA VAL B 240 6.35 59.77 2.68
C VAL B 240 4.93 59.32 3.04
N THR B 241 4.01 60.27 3.19
CA THR B 241 2.63 59.94 3.52
C THR B 241 1.98 59.13 2.40
N SER B 242 2.20 59.53 1.14
CA SER B 242 1.64 58.78 0.02
C SER B 242 2.22 57.37 -0.03
N ARG B 243 3.53 57.23 0.18
CA ARG B 243 4.15 55.91 0.17
C ARG B 243 3.61 55.04 1.29
N LEU B 244 3.41 55.64 2.47
CA LEU B 244 2.87 54.87 3.60
C LEU B 244 1.43 54.44 3.35
N GLN B 245 0.61 55.33 2.81
CA GLN B 245 -0.76 54.96 2.45
C GLN B 245 -0.77 53.84 1.41
N LYS B 246 0.14 53.92 0.44
CA LYS B 246 0.21 52.88 -0.58
C LYS B 246 0.59 51.53 0.03
N ILE B 247 1.65 51.51 0.85
CA ILE B 247 2.08 50.24 1.44
C ILE B 247 1.09 49.72 2.48
N LEU B 248 0.23 50.59 3.03
CA LEU B 248 -0.80 50.12 3.94
C LEU B 248 -2.02 49.61 3.18
N SER B 249 -2.28 50.15 1.99
CA SER B 249 -3.36 49.61 1.16
C SER B 249 -2.92 48.36 0.41
N GLU B 250 -1.62 48.12 0.29
CA GLU B 250 -1.09 46.89 -0.31
C GLU B 250 -0.83 45.83 0.75
N SER B 251 -1.83 45.54 1.58
CA SER B 251 -1.64 44.51 2.59
C SER B 251 -1.74 43.13 1.96
N PRO B 252 -0.97 42.16 2.45
CA PRO B 252 -1.03 40.80 1.88
C PRO B 252 -2.39 40.17 2.11
N PRO B 253 -2.88 39.38 1.16
CA PRO B 253 -4.16 38.69 1.34
C PRO B 253 -4.12 37.75 2.52
N PRO B 254 -5.27 37.30 3.01
CA PRO B 254 -5.25 36.36 4.15
C PRO B 254 -4.76 34.97 3.78
N ALA B 255 -5.19 34.43 2.63
CA ALA B 255 -4.65 33.17 2.11
C ALA B 255 -4.85 32.03 3.11
N ARG B 256 -6.13 31.68 3.31
CA ARG B 256 -6.54 30.70 4.29
C ARG B 256 -5.63 29.47 4.30
N LEU B 257 -5.55 28.83 5.47
CA LEU B 257 -4.63 27.73 5.68
C LEU B 257 -4.90 26.55 4.76
N ASP B 258 -6.16 26.09 4.73
CA ASP B 258 -6.57 24.94 3.93
C ASP B 258 -5.74 23.70 4.26
N ILE B 259 -5.89 23.23 5.49
CA ILE B 259 -5.23 21.99 5.91
C ILE B 259 -6.05 20.82 5.41
N GLN B 260 -5.68 20.29 4.24
CA GLN B 260 -6.47 19.25 3.58
C GLN B 260 -6.04 17.85 4.04
N LEU B 261 -6.16 17.62 5.35
CA LEU B 261 -5.83 16.33 5.92
C LEU B 261 -7.13 15.58 6.20
N PRO B 262 -7.33 14.39 5.64
CA PRO B 262 -8.56 13.63 5.93
C PRO B 262 -8.60 13.16 7.37
N VAL B 263 -9.50 13.72 8.17
CA VAL B 263 -9.61 13.32 9.57
C VAL B 263 -10.47 12.08 9.69
N ILE B 264 -10.05 11.15 10.55
CA ILE B 264 -10.76 9.90 10.77
C ILE B 264 -11.75 10.07 11.92
N SER B 265 -12.93 9.49 11.76
CA SER B 265 -13.94 9.51 12.81
C SER B 265 -14.12 8.09 13.35
N ASP B 266 -15.13 7.92 14.22
CA ASP B 266 -15.39 6.60 14.79
C ASP B 266 -15.92 5.62 13.74
N ASP B 267 -16.63 6.13 12.72
CA ASP B 267 -17.20 5.32 11.66
C ASP B 267 -16.18 4.88 10.62
N PHE B 268 -14.90 5.20 10.81
CA PHE B 268 -13.88 4.82 9.84
C PHE B 268 -13.79 3.31 9.67
N LYS B 269 -13.87 2.56 10.78
CA LYS B 269 -13.83 1.11 10.70
C LYS B 269 -14.99 0.57 9.88
N PHE B 270 -16.20 1.10 10.11
CA PHE B 270 -17.37 0.62 9.38
C PHE B 270 -17.28 0.95 7.90
N GLN B 271 -16.76 2.15 7.57
CA GLN B 271 -16.58 2.50 6.17
C GLN B 271 -15.56 1.58 5.49
N VAL B 272 -14.46 1.29 6.18
CA VAL B 272 -13.45 0.39 5.63
C VAL B 272 -14.04 -1.00 5.42
N TRP B 273 -14.88 -1.46 6.36
CA TRP B 273 -15.53 -2.76 6.23
C TRP B 273 -16.45 -2.80 5.00
N LYS B 274 -17.27 -1.76 4.84
CA LYS B 274 -18.19 -1.72 3.71
C LYS B 274 -17.47 -1.62 2.38
N HIS B 275 -16.28 -1.00 2.36
CA HIS B 275 -15.47 -0.99 1.14
C HIS B 275 -14.76 -2.33 0.91
N MET B 276 -14.39 -2.99 2.01
CA MET B 276 -13.76 -4.30 1.91
C MET B 276 -14.71 -5.30 1.28
N PHE B 277 -16.02 -5.09 1.46
CA PHE B 277 -16.95 -5.98 0.77
C PHE B 277 -16.76 -5.90 -0.75
N ARG B 278 -16.56 -4.68 -1.27
CA ARG B 278 -16.31 -4.54 -2.71
C ARG B 278 -14.99 -5.17 -3.10
N HIS B 279 -13.94 -4.95 -2.29
CA HIS B 279 -12.67 -5.59 -2.62
C HIS B 279 -12.69 -7.11 -2.51
N LEU B 280 -13.64 -7.68 -1.76
CA LEU B 280 -13.76 -9.13 -1.67
C LEU B 280 -14.16 -9.79 -2.98
N MET B 281 -14.81 -9.06 -3.88
CA MET B 281 -15.28 -9.65 -5.13
C MET B 281 -14.11 -10.00 -6.05
N PRO B 282 -14.29 -11.01 -6.93
CA PRO B 282 -13.24 -11.31 -7.91
C PRO B 282 -13.12 -10.27 -9.00
N ALA B 283 -12.19 -10.48 -9.93
CA ALA B 283 -11.97 -9.54 -11.02
C ALA B 283 -13.19 -9.46 -11.93
N LEU B 284 -13.31 -8.33 -12.61
CA LEU B 284 -14.43 -8.10 -13.52
C LEU B 284 -14.31 -9.04 -14.72
N GLU B 285 -15.27 -9.94 -14.87
CA GLU B 285 -15.24 -10.91 -15.96
C GLU B 285 -15.36 -10.20 -17.31
N GLU B 286 -14.36 -10.38 -18.16
CA GLU B 286 -14.33 -9.74 -19.47
C GLU B 286 -15.29 -10.48 -20.39
N LEU B 287 -16.50 -9.94 -20.55
CA LEU B 287 -17.52 -10.53 -21.39
C LEU B 287 -17.74 -9.69 -22.65
N THR B 288 -18.13 -10.35 -23.73
CA THR B 288 -18.50 -9.70 -24.98
C THR B 288 -19.82 -10.29 -25.46
N PHE B 289 -20.70 -9.42 -25.95
CA PHE B 289 -22.01 -9.85 -26.41
C PHE B 289 -21.87 -10.75 -27.64
N ASP B 290 -22.76 -11.74 -27.74
CA ASP B 290 -22.74 -12.66 -28.86
C ASP B 290 -23.79 -12.22 -29.87
N PRO B 291 -23.41 -11.64 -31.01
CA PRO B 291 -24.42 -11.25 -32.01
C PRO B 291 -25.07 -12.44 -32.68
N SER B 292 -24.38 -13.57 -32.78
CA SER B 292 -24.95 -14.76 -33.40
C SER B 292 -26.11 -15.34 -32.60
N SER B 293 -26.32 -14.87 -31.37
CA SER B 293 -27.42 -15.29 -30.53
C SER B 293 -28.41 -14.19 -30.22
N ALA B 294 -28.05 -12.93 -30.46
CA ALA B 294 -28.89 -11.81 -30.10
C ALA B 294 -30.11 -11.74 -31.03
N HIS B 295 -31.13 -11.03 -30.55
CA HIS B 295 -32.32 -10.79 -31.37
C HIS B 295 -31.94 -9.96 -32.59
N PRO B 296 -32.59 -10.19 -33.74
CA PRO B 296 -32.24 -9.41 -34.94
C PRO B 296 -32.49 -7.92 -34.79
N SER B 297 -33.32 -7.51 -33.82
CA SER B 297 -33.59 -6.09 -33.59
C SER B 297 -32.52 -5.41 -32.75
N LEU B 298 -31.58 -6.17 -32.16
CA LEU B 298 -30.53 -5.57 -31.37
C LEU B 298 -29.27 -5.36 -32.21
N VAL B 299 -28.42 -4.45 -31.75
CA VAL B 299 -27.18 -4.13 -32.44
C VAL B 299 -26.08 -3.93 -31.39
N VAL B 300 -24.90 -4.48 -31.67
CA VAL B 300 -23.78 -4.49 -30.73
C VAL B 300 -22.65 -3.65 -31.29
N SER B 301 -22.32 -2.56 -30.61
CA SER B 301 -21.21 -1.68 -30.93
C SER B 301 -20.27 -1.55 -29.72
N SER B 302 -19.26 -0.70 -29.88
CA SER B 302 -18.24 -0.44 -28.87
C SER B 302 -17.47 -1.72 -28.53
N SER B 303 -16.91 -2.33 -29.57
CA SER B 303 -16.06 -3.53 -29.44
C SER B 303 -16.79 -4.65 -28.71
N GLY B 304 -18.09 -4.78 -28.96
CA GLY B 304 -18.87 -5.83 -28.34
C GLY B 304 -19.17 -5.64 -26.88
N ARG B 305 -19.21 -4.40 -26.41
CA ARG B 305 -19.52 -4.11 -25.01
C ARG B 305 -20.67 -3.13 -24.85
N ARG B 306 -21.38 -2.78 -25.93
CA ARG B 306 -22.51 -1.86 -25.86
C ARG B 306 -23.60 -2.36 -26.80
N VAL B 307 -24.66 -2.94 -26.25
CA VAL B 307 -25.76 -3.48 -27.04
C VAL B 307 -26.98 -2.59 -26.88
N GLU B 308 -27.67 -2.32 -27.98
CA GLU B 308 -28.84 -1.46 -27.91
C GLU B 308 -29.89 -1.93 -28.91
N CYS B 309 -31.15 -1.65 -28.57
CA CYS B 309 -32.29 -2.07 -29.37
C CYS B 309 -32.57 -1.07 -30.49
N SER B 310 -32.76 -1.58 -31.70
CA SER B 310 -33.05 -0.74 -32.86
C SER B 310 -34.53 -0.47 -32.96
N ASP B 311 -34.87 0.66 -33.57
CA ASP B 311 -36.24 1.11 -33.78
C ASP B 311 -36.85 0.59 -35.08
N GLN B 312 -36.32 -0.50 -35.64
CA GLN B 312 -36.84 -1.06 -36.87
C GLN B 312 -37.66 -2.31 -36.59
N LYS B 313 -38.77 -2.45 -37.31
CA LYS B 313 -39.63 -3.63 -37.18
C LYS B 313 -38.91 -4.82 -37.81
N ALA B 314 -38.73 -5.88 -37.03
CA ALA B 314 -37.91 -6.89 -37.69
C ALA B 314 -38.76 -8.02 -38.25
N PRO B 315 -38.32 -8.62 -39.35
CA PRO B 315 -38.99 -9.80 -39.89
C PRO B 315 -38.81 -10.98 -38.96
N PRO B 316 -39.61 -12.03 -39.11
CA PRO B 316 -39.45 -13.19 -38.22
C PRO B 316 -38.09 -13.84 -38.41
N ALA B 317 -37.61 -14.48 -37.34
CA ALA B 317 -36.28 -15.05 -37.32
C ALA B 317 -36.25 -16.44 -37.95
N GLY B 318 -35.02 -16.94 -38.12
CA GLY B 318 -34.81 -18.26 -38.67
C GLY B 318 -35.01 -19.38 -37.66
N GLU B 319 -34.93 -20.60 -38.15
CA GLU B 319 -35.11 -21.78 -37.32
C GLU B 319 -33.79 -22.18 -36.64
N ASP B 320 -33.27 -21.25 -35.86
CA ASP B 320 -32.05 -21.46 -35.10
C ASP B 320 -32.40 -21.48 -33.61
N THR B 321 -31.98 -22.54 -32.93
CA THR B 321 -32.36 -22.70 -31.52
C THR B 321 -31.61 -21.75 -30.60
N ARG B 322 -30.39 -21.35 -30.96
CA ARG B 322 -29.56 -20.52 -30.11
C ARG B 322 -29.75 -19.02 -30.35
N GLN B 323 -30.74 -18.63 -31.14
CA GLN B 323 -31.00 -17.23 -31.43
C GLN B 323 -32.38 -16.85 -30.91
N PHE B 324 -32.44 -15.74 -30.19
CA PHE B 324 -33.72 -15.26 -29.65
C PHE B 324 -34.60 -14.76 -30.79
N ASP B 325 -35.91 -15.02 -30.68
CA ASP B 325 -36.84 -14.65 -31.74
C ASP B 325 -37.91 -13.67 -31.30
N LYS B 326 -38.47 -13.83 -30.10
CA LYS B 326 -39.49 -12.92 -29.59
C LYS B 326 -38.97 -12.04 -28.45
N ALA B 327 -38.36 -12.63 -27.43
CA ALA B 327 -37.80 -11.85 -26.33
C ALA B 327 -36.47 -11.25 -26.80
N VAL B 328 -36.44 -9.93 -26.92
CA VAL B 328 -35.24 -9.23 -27.37
C VAL B 328 -34.19 -9.27 -26.29
N ALA B 329 -33.20 -10.15 -26.45
CA ALA B 329 -32.17 -10.34 -25.43
C ALA B 329 -30.91 -10.85 -26.11
N VAL B 330 -29.84 -10.97 -25.34
CA VAL B 330 -28.56 -11.44 -25.86
C VAL B 330 -27.77 -12.10 -24.73
N VAL B 331 -27.07 -13.17 -25.05
CA VAL B 331 -26.18 -13.83 -24.10
C VAL B 331 -24.74 -13.52 -24.49
N ALA B 332 -23.83 -13.79 -23.57
CA ALA B 332 -22.41 -13.50 -23.79
C ALA B 332 -21.73 -14.66 -24.52
N GLN B 333 -20.60 -14.33 -25.15
CA GLN B 333 -19.81 -15.36 -25.83
C GLN B 333 -19.16 -16.33 -24.86
N GLN B 334 -18.95 -15.93 -23.61
CA GLN B 334 -18.25 -16.73 -22.62
C GLN B 334 -19.26 -17.50 -21.79
N LEU B 335 -19.02 -18.80 -21.61
CA LEU B 335 -19.87 -19.68 -20.82
C LEU B 335 -19.16 -19.98 -19.50
N LEU B 336 -19.83 -19.68 -18.40
CA LEU B 336 -19.27 -19.93 -17.07
C LEU B 336 -19.60 -21.35 -16.63
N SER B 337 -18.60 -22.05 -16.11
CA SER B 337 -18.75 -23.46 -15.75
C SER B 337 -18.36 -23.75 -14.31
N GLN B 338 -17.32 -23.08 -13.79
CA GLN B 338 -16.76 -23.45 -12.51
C GLN B 338 -16.18 -22.23 -11.82
N GLY B 339 -16.27 -22.21 -10.50
CA GLY B 339 -15.68 -21.14 -9.72
C GLY B 339 -16.64 -20.00 -9.44
N GLU B 340 -16.05 -18.86 -9.08
CA GLU B 340 -16.80 -17.65 -8.79
C GLU B 340 -16.48 -16.58 -9.84
N HIS B 341 -17.50 -15.79 -10.19
CA HIS B 341 -17.39 -14.77 -11.21
C HIS B 341 -18.19 -13.55 -10.79
N TYR B 342 -17.76 -12.38 -11.25
CA TYR B 342 -18.44 -11.13 -10.93
C TYR B 342 -18.39 -10.22 -12.14
N TRP B 343 -19.52 -9.59 -12.46
CA TRP B 343 -19.57 -8.67 -13.59
C TRP B 343 -20.61 -7.58 -13.35
N GLU B 344 -20.31 -6.38 -13.82
CA GLU B 344 -21.18 -5.22 -13.63
C GLU B 344 -21.78 -4.80 -14.97
N VAL B 345 -23.08 -4.51 -14.96
CA VAL B 345 -23.81 -4.05 -16.13
C VAL B 345 -24.39 -2.69 -15.83
N GLU B 346 -24.11 -1.71 -16.70
CA GLU B 346 -24.64 -0.37 -16.55
C GLU B 346 -25.94 -0.24 -17.33
N VAL B 347 -27.03 0.05 -16.62
CA VAL B 347 -28.34 0.24 -17.24
C VAL B 347 -28.65 1.73 -17.32
N GLY B 348 -28.08 2.51 -16.41
CA GLY B 348 -28.29 3.95 -16.39
C GLY B 348 -29.71 4.35 -16.09
N ASP B 349 -30.37 4.97 -17.07
CA ASP B 349 -31.74 5.46 -16.93
C ASP B 349 -32.73 4.66 -17.76
N LYS B 350 -32.43 3.38 -18.00
CA LYS B 350 -33.34 2.54 -18.76
C LYS B 350 -34.52 2.12 -17.90
N PRO B 351 -35.76 2.31 -18.38
CA PRO B 351 -36.93 2.03 -17.52
C PRO B 351 -37.27 0.55 -17.41
N ARG B 352 -37.02 -0.24 -18.46
CA ARG B 352 -37.36 -1.66 -18.45
C ARG B 352 -36.17 -2.45 -18.96
N TRP B 353 -35.72 -3.43 -18.17
CA TRP B 353 -34.61 -4.29 -18.56
C TRP B 353 -34.65 -5.54 -17.69
N ALA B 354 -33.75 -6.48 -18.00
CA ALA B 354 -33.56 -7.66 -17.17
C ALA B 354 -32.14 -8.17 -17.31
N LEU B 355 -31.63 -8.78 -16.24
CA LEU B 355 -30.28 -9.33 -16.26
C LEU B 355 -30.26 -10.65 -15.50
N GLY B 356 -29.36 -11.55 -15.91
CA GLY B 356 -29.19 -12.77 -15.12
C GLY B 356 -28.42 -13.83 -15.87
N VAL B 357 -28.78 -15.08 -15.61
CA VAL B 357 -28.11 -16.22 -16.23
C VAL B 357 -29.16 -17.15 -16.82
N MET B 358 -28.75 -17.86 -17.88
CA MET B 358 -29.62 -18.79 -18.59
C MET B 358 -28.88 -20.11 -18.83
N ALA B 359 -29.58 -21.22 -18.67
CA ALA B 359 -28.97 -22.52 -18.92
C ALA B 359 -28.53 -22.64 -20.37
N ALA B 360 -27.38 -23.27 -20.59
CA ALA B 360 -26.84 -23.41 -21.94
C ALA B 360 -27.64 -24.37 -22.80
N ASP B 361 -28.37 -25.30 -22.19
CA ASP B 361 -29.14 -26.28 -22.94
C ASP B 361 -30.58 -25.86 -23.19
N ALA B 362 -31.05 -24.81 -22.53
CA ALA B 362 -32.42 -24.35 -22.70
C ALA B 362 -32.56 -23.57 -24.00
N SER B 363 -33.67 -23.81 -24.71
CA SER B 363 -33.92 -23.10 -25.96
C SER B 363 -34.18 -21.63 -25.68
N ARG B 364 -33.75 -20.78 -26.62
CA ARG B 364 -33.79 -19.34 -26.45
C ARG B 364 -34.90 -18.67 -27.24
N ARG B 365 -35.68 -19.42 -28.03
CA ARG B 365 -36.70 -18.83 -28.88
C ARG B 365 -38.10 -19.06 -28.31
N GLY B 366 -39.04 -18.29 -28.85
CA GLY B 366 -40.42 -18.35 -28.40
C GLY B 366 -40.63 -17.54 -27.14
N ARG B 367 -41.87 -17.55 -26.66
CA ARG B 367 -42.17 -16.90 -25.40
C ARG B 367 -41.50 -17.65 -24.26
N LEU B 368 -40.76 -16.93 -23.43
CA LEU B 368 -39.95 -17.54 -22.39
C LEU B 368 -40.53 -17.21 -21.02
N HIS B 369 -40.49 -18.20 -20.14
CA HIS B 369 -40.99 -18.07 -18.77
C HIS B 369 -39.78 -17.97 -17.85
N ALA B 370 -39.59 -16.80 -17.25
CA ALA B 370 -38.41 -16.53 -16.43
C ALA B 370 -38.59 -17.23 -15.09
N VAL B 371 -38.35 -18.54 -15.09
CA VAL B 371 -38.41 -19.34 -13.88
C VAL B 371 -37.20 -20.25 -13.82
N PRO B 372 -36.63 -20.51 -12.63
CA PRO B 372 -35.46 -21.39 -12.55
C PRO B 372 -35.71 -22.78 -13.08
N SER B 373 -36.96 -23.26 -13.05
CA SER B 373 -37.27 -24.59 -13.58
C SER B 373 -37.08 -24.66 -15.09
N GLN B 374 -36.98 -23.51 -15.77
CA GLN B 374 -36.74 -23.47 -17.20
C GLN B 374 -35.36 -22.93 -17.53
N GLY B 375 -34.45 -22.90 -16.55
CA GLY B 375 -33.10 -22.46 -16.78
C GLY B 375 -32.96 -20.96 -16.98
N LEU B 376 -33.61 -20.18 -16.11
CA LEU B 376 -33.56 -18.71 -16.21
C LEU B 376 -33.58 -18.13 -14.80
N TRP B 377 -32.48 -17.51 -14.40
CA TRP B 377 -32.39 -16.79 -13.13
C TRP B 377 -32.22 -15.32 -13.50
N LEU B 378 -33.29 -14.54 -13.33
CA LEU B 378 -33.37 -13.19 -13.87
C LEU B 378 -33.88 -12.21 -12.82
N LEU B 379 -33.34 -10.99 -12.87
CA LEU B 379 -33.84 -9.85 -12.11
C LEU B 379 -34.24 -8.77 -13.11
N GLY B 380 -35.46 -8.27 -12.99
CA GLY B 380 -36.00 -7.34 -13.97
C GLY B 380 -36.49 -6.05 -13.35
N LEU B 381 -36.48 -4.99 -14.16
CA LEU B 381 -37.06 -3.70 -13.80
C LEU B 381 -38.08 -3.34 -14.88
N ARG B 382 -39.34 -3.19 -14.47
CA ARG B 382 -40.43 -2.88 -15.38
C ARG B 382 -41.14 -1.61 -14.92
N ASP B 383 -41.80 -0.95 -15.88
CA ASP B 383 -42.58 0.26 -15.66
C ASP B 383 -41.73 1.40 -15.11
N GLY B 384 -40.41 1.32 -15.28
CA GLY B 384 -39.52 2.38 -14.86
C GLY B 384 -39.13 2.36 -13.40
N LYS B 385 -39.97 1.77 -12.54
CA LYS B 385 -39.68 1.78 -11.11
C LYS B 385 -39.90 0.46 -10.39
N ILE B 386 -40.60 -0.51 -10.97
CA ILE B 386 -40.92 -1.76 -10.28
C ILE B 386 -39.76 -2.74 -10.46
N LEU B 387 -39.17 -3.17 -9.36
CA LEU B 387 -38.07 -4.13 -9.36
C LEU B 387 -38.61 -5.49 -8.93
N GLU B 388 -38.39 -6.51 -9.77
CA GLU B 388 -38.93 -7.84 -9.51
C GLU B 388 -37.85 -8.90 -9.68
N ALA B 389 -37.91 -9.92 -8.84
CA ALA B 389 -37.06 -11.10 -8.95
C ALA B 389 -37.88 -12.24 -9.52
N HIS B 390 -37.36 -12.88 -10.56
CA HIS B 390 -38.10 -13.91 -11.29
C HIS B 390 -37.87 -15.28 -10.65
N VAL B 391 -38.42 -15.43 -9.45
CA VAL B 391 -38.36 -16.67 -8.69
C VAL B 391 -39.44 -17.60 -9.22
N GLU B 392 -39.38 -18.88 -8.83
CA GLU B 392 -40.36 -19.87 -9.27
C GLU B 392 -41.70 -19.60 -8.61
N ALA B 393 -42.58 -18.90 -9.32
CA ALA B 393 -43.91 -18.59 -8.83
C ALA B 393 -44.78 -18.22 -10.03
N LYS B 394 -46.06 -17.94 -9.75
CA LYS B 394 -46.97 -17.52 -10.82
C LYS B 394 -46.55 -16.17 -11.39
N GLU B 395 -46.22 -15.22 -10.53
CA GLU B 395 -45.77 -13.89 -10.93
C GLU B 395 -44.45 -13.59 -10.25
N PRO B 396 -43.63 -12.72 -10.84
CA PRO B 396 -42.36 -12.36 -10.21
C PRO B 396 -42.57 -11.69 -8.85
N ARG B 397 -41.59 -11.88 -7.96
CA ARG B 397 -41.69 -11.36 -6.61
C ARG B 397 -41.24 -9.90 -6.59
N ALA B 398 -42.11 -9.02 -6.12
CA ALA B 398 -41.77 -7.62 -5.99
C ALA B 398 -40.72 -7.42 -4.90
N LEU B 399 -39.80 -6.50 -5.12
CA LEU B 399 -38.71 -6.21 -4.19
C LEU B 399 -38.78 -4.76 -3.74
N ARG B 400 -38.13 -4.48 -2.62
CA ARG B 400 -38.12 -3.12 -2.10
C ARG B 400 -37.40 -2.18 -3.06
N THR B 401 -38.16 -1.37 -3.77
CA THR B 401 -37.59 -0.47 -4.76
C THR B 401 -36.88 0.69 -4.08
N PRO B 402 -35.63 1.00 -4.47
CA PRO B 402 -34.94 2.15 -3.87
C PRO B 402 -35.57 3.47 -4.29
N GLU B 403 -35.01 4.59 -3.84
CA GLU B 403 -35.53 5.89 -4.26
C GLU B 403 -35.51 6.02 -5.78
N ARG B 404 -34.33 5.80 -6.37
CA ARG B 404 -34.23 5.74 -7.82
C ARG B 404 -33.90 4.31 -8.25
N PRO B 405 -34.29 3.92 -9.48
CA PRO B 405 -33.89 2.63 -10.01
C PRO B 405 -32.37 2.55 -10.10
N PRO B 406 -31.79 1.40 -9.72
CA PRO B 406 -30.33 1.29 -9.76
C PRO B 406 -29.80 1.49 -11.18
N ALA B 407 -28.69 2.21 -11.28
CA ALA B 407 -28.08 2.52 -12.57
C ALA B 407 -27.01 1.52 -12.98
N ARG B 408 -26.45 0.78 -12.03
CA ARG B 408 -25.47 -0.26 -12.32
C ARG B 408 -25.76 -1.45 -11.42
N ILE B 409 -25.76 -2.64 -12.01
CA ILE B 409 -26.09 -3.88 -11.31
C ILE B 409 -24.88 -4.79 -11.36
N GLY B 410 -24.41 -5.23 -10.20
CA GLY B 410 -23.35 -6.20 -10.10
C GLY B 410 -23.92 -7.59 -9.88
N LEU B 411 -23.32 -8.57 -10.55
CA LEU B 411 -23.77 -9.95 -10.48
C LEU B 411 -22.60 -10.81 -10.01
N TYR B 412 -22.83 -11.58 -8.95
CA TYR B 412 -21.85 -12.50 -8.40
C TYR B 412 -22.41 -13.91 -8.51
N LEU B 413 -21.61 -14.82 -9.07
CA LEU B 413 -22.04 -16.20 -9.31
C LEU B 413 -21.01 -17.15 -8.71
N SER B 414 -21.47 -18.06 -7.86
CA SER B 414 -20.61 -19.05 -7.22
C SER B 414 -21.18 -20.43 -7.48
N PHE B 415 -20.42 -21.26 -8.21
CA PHE B 415 -20.86 -22.63 -8.49
C PHE B 415 -20.69 -23.53 -7.28
N ALA B 416 -19.61 -23.34 -6.50
CA ALA B 416 -19.36 -24.20 -5.35
C ALA B 416 -20.47 -24.09 -4.32
N ASP B 417 -21.07 -22.92 -4.17
CA ASP B 417 -22.21 -22.73 -3.28
C ASP B 417 -23.52 -22.62 -4.03
N GLY B 418 -23.50 -22.55 -5.35
CA GLY B 418 -24.70 -22.40 -6.16
C GLY B 418 -25.50 -21.17 -5.78
N VAL B 419 -24.89 -19.99 -5.91
CA VAL B 419 -25.49 -18.74 -5.48
C VAL B 419 -25.32 -17.70 -6.58
N LEU B 420 -26.41 -17.06 -6.97
CA LEU B 420 -26.39 -15.92 -7.89
C LEU B 420 -26.95 -14.71 -7.15
N ALA B 421 -26.08 -13.76 -6.82
CA ALA B 421 -26.43 -12.61 -6.01
C ALA B 421 -26.38 -11.34 -6.86
N PHE B 422 -27.42 -10.53 -6.76
CA PHE B 422 -27.52 -9.24 -7.43
C PHE B 422 -27.30 -8.13 -6.42
N TYR B 423 -26.39 -7.21 -6.73
CA TYR B 423 -26.08 -6.08 -5.87
C TYR B 423 -26.21 -4.78 -6.66
N ASP B 424 -26.52 -3.70 -5.94
CA ASP B 424 -26.57 -2.37 -6.53
C ASP B 424 -25.16 -1.79 -6.52
N ALA B 425 -24.55 -1.69 -7.69
CA ALA B 425 -23.19 -1.18 -7.83
C ALA B 425 -23.17 0.29 -8.21
N SER B 426 -24.22 1.03 -7.88
CA SER B 426 -24.24 2.47 -8.15
C SER B 426 -23.17 3.20 -7.35
N ASN B 427 -23.00 2.84 -6.08
CA ASN B 427 -21.96 3.42 -5.26
C ASN B 427 -20.64 2.70 -5.50
N PRO B 428 -19.60 3.38 -5.99
CA PRO B 428 -18.32 2.69 -6.22
C PRO B 428 -17.64 2.23 -4.96
N ASP B 429 -18.04 2.75 -3.79
CA ASP B 429 -17.39 2.39 -2.53
C ASP B 429 -18.04 1.19 -1.87
N VAL B 430 -19.37 1.10 -1.91
CA VAL B 430 -20.12 0.06 -1.20
C VAL B 430 -21.10 -0.58 -2.16
N LEU B 431 -21.23 -1.90 -2.08
CA LEU B 431 -22.23 -2.65 -2.82
C LEU B 431 -23.37 -3.02 -1.88
N THR B 432 -24.61 -2.77 -2.31
CA THR B 432 -25.77 -3.07 -1.49
C THR B 432 -26.59 -4.21 -2.08
N PRO B 433 -27.07 -5.13 -1.26
CA PRO B 433 -27.75 -6.31 -1.80
C PRO B 433 -29.10 -5.99 -2.40
N ILE B 434 -29.41 -6.66 -3.52
CA ILE B 434 -30.72 -6.58 -4.16
C ILE B 434 -31.49 -7.89 -4.01
N PHE B 435 -30.94 -8.98 -4.54
CA PHE B 435 -31.54 -10.30 -4.41
C PHE B 435 -30.48 -11.34 -4.69
N SER B 436 -30.65 -12.53 -4.12
CA SER B 436 -29.70 -13.61 -4.27
C SER B 436 -30.42 -14.94 -4.39
N PHE B 437 -30.06 -15.72 -5.40
CA PHE B 437 -30.56 -17.09 -5.54
C PHE B 437 -29.73 -18.05 -4.71
N HIS B 438 -30.39 -18.91 -3.95
CA HIS B 438 -29.73 -19.93 -3.15
C HIS B 438 -30.07 -21.33 -3.63
N GLU B 439 -30.60 -21.45 -4.84
CA GLU B 439 -30.96 -22.75 -5.40
C GLU B 439 -29.77 -23.44 -6.04
N ARG B 440 -29.73 -24.77 -5.92
CA ARG B 440 -28.66 -25.56 -6.53
C ARG B 440 -28.69 -25.42 -8.04
N LEU B 441 -27.65 -24.79 -8.60
CA LEU B 441 -27.58 -24.58 -10.04
C LEU B 441 -26.95 -25.79 -10.72
N PRO B 442 -27.60 -26.36 -11.75
CA PRO B 442 -26.95 -27.48 -12.46
C PRO B 442 -25.69 -27.05 -13.19
N GLY B 443 -25.77 -26.00 -14.01
CA GLY B 443 -24.63 -25.52 -14.74
C GLY B 443 -24.31 -26.37 -15.95
N PRO B 444 -23.56 -25.82 -16.91
CA PRO B 444 -23.03 -24.44 -16.97
C PRO B 444 -24.06 -23.46 -17.52
N VAL B 445 -23.87 -22.16 -17.37
CA VAL B 445 -24.83 -21.16 -17.80
C VAL B 445 -24.12 -20.07 -18.58
N TYR B 446 -24.94 -19.24 -19.26
CA TYR B 446 -24.58 -18.07 -20.05
C TYR B 446 -25.11 -16.80 -19.39
N PRO B 447 -24.31 -15.75 -19.31
CA PRO B 447 -24.82 -14.45 -18.83
C PRO B 447 -25.75 -13.85 -19.87
N ILE B 448 -27.00 -13.62 -19.49
CA ILE B 448 -28.03 -13.16 -20.40
C ILE B 448 -28.52 -11.78 -19.97
N PHE B 449 -28.75 -10.91 -20.96
CA PHE B 449 -29.17 -9.54 -20.75
C PHE B 449 -30.36 -9.27 -21.66
N ASP B 450 -31.50 -8.93 -21.06
CA ASP B 450 -32.74 -8.64 -21.77
C ASP B 450 -32.88 -7.13 -21.86
N VAL B 451 -32.44 -6.58 -22.99
CA VAL B 451 -32.74 -5.20 -23.38
C VAL B 451 -34.07 -5.21 -24.13
N CYS B 452 -35.12 -4.70 -23.48
CA CYS B 452 -36.48 -4.87 -23.96
C CYS B 452 -36.72 -3.97 -25.18
N TRP B 453 -37.96 -3.93 -25.64
CA TRP B 453 -38.30 -3.16 -26.83
C TRP B 453 -37.99 -1.69 -26.62
N HIS B 454 -37.65 -1.00 -27.72
CA HIS B 454 -37.40 0.44 -27.64
C HIS B 454 -38.65 1.22 -27.28
N ASP B 455 -39.84 0.63 -27.50
CA ASP B 455 -41.12 1.20 -27.08
C ASP B 455 -41.31 2.61 -27.63
N LYS B 456 -41.19 2.72 -28.96
CA LYS B 456 -41.41 3.98 -29.67
C LYS B 456 -40.42 5.06 -29.25
N GLY B 457 -39.24 4.64 -28.78
CA GLY B 457 -38.13 5.54 -28.52
C GLY B 457 -37.81 5.76 -27.05
N LYS B 458 -38.77 5.58 -26.14
CA LYS B 458 -38.52 5.85 -24.73
C LYS B 458 -37.84 4.70 -24.01
N ASN B 459 -37.24 3.76 -24.76
CA ASN B 459 -36.44 2.68 -24.18
C ASN B 459 -35.20 2.44 -25.01
N ALA B 460 -34.67 3.48 -25.65
CA ALA B 460 -33.48 3.36 -26.48
C ALA B 460 -32.19 3.39 -25.68
N GLN B 461 -32.28 3.43 -24.35
CA GLN B 461 -31.09 3.38 -23.53
C GLN B 461 -30.37 2.05 -23.74
N PRO B 462 -29.06 2.07 -23.90
CA PRO B 462 -28.33 0.82 -24.17
C PRO B 462 -27.96 0.05 -22.91
N LEU B 463 -27.37 -1.12 -23.11
CA LEU B 463 -26.80 -1.93 -22.05
C LEU B 463 -25.30 -1.99 -22.28
N LEU B 464 -24.54 -1.63 -21.25
CA LEU B 464 -23.10 -1.45 -21.36
C LEU B 464 -22.39 -2.43 -20.43
N LEU B 465 -21.41 -3.14 -20.98
CA LEU B 465 -20.59 -4.06 -20.19
C LEU B 465 -19.43 -3.26 -19.62
N VAL B 466 -19.43 -3.08 -18.30
CA VAL B 466 -18.38 -2.32 -17.64
C VAL B 466 -17.09 -3.14 -17.64
N HIS C 81 -68.70 33.73 -31.87
CA HIS C 81 -67.73 32.81 -31.33
C HIS C 81 -66.53 33.56 -30.75
N CYS C 82 -66.79 34.77 -30.26
CA CYS C 82 -65.77 35.61 -29.65
C CYS C 82 -65.57 35.32 -28.17
N GLU C 83 -66.54 34.65 -27.53
CA GLU C 83 -66.56 34.38 -26.09
C GLU C 83 -66.76 35.68 -25.32
N GLU C 84 -66.74 36.81 -26.03
CA GLU C 84 -67.05 38.12 -25.46
C GLU C 84 -67.95 38.96 -26.35
N HIS C 85 -68.08 38.65 -27.64
CA HIS C 85 -68.88 39.44 -28.57
C HIS C 85 -69.84 38.60 -29.40
N LEU C 86 -69.82 37.27 -29.26
CA LEU C 86 -70.62 36.34 -30.04
C LEU C 86 -70.30 36.39 -31.53
N ASP C 87 -69.20 37.04 -31.93
CA ASP C 87 -68.73 37.14 -33.30
C ASP C 87 -67.63 36.12 -33.55
N PRO C 88 -67.63 35.45 -34.70
CA PRO C 88 -66.60 34.43 -34.95
C PRO C 88 -65.21 35.04 -35.04
N LEU C 89 -64.22 34.28 -34.59
CA LEU C 89 -62.84 34.72 -34.61
C LEU C 89 -62.29 34.64 -36.03
N SER C 90 -61.96 35.80 -36.61
CA SER C 90 -61.46 35.83 -37.98
C SER C 90 -60.26 36.76 -38.16
N ILE C 91 -59.87 37.52 -37.15
CA ILE C 91 -58.76 38.46 -37.25
C ILE C 91 -57.70 38.06 -36.25
N TYR C 92 -56.45 38.03 -36.71
CA TYR C 92 -55.29 37.67 -35.90
C TYR C 92 -54.49 38.94 -35.60
N CYS C 93 -54.29 39.22 -34.32
CA CYS C 93 -53.47 40.35 -33.89
C CYS C 93 -52.01 39.93 -33.87
N GLU C 94 -51.17 40.65 -34.63
CA GLU C 94 -49.76 40.27 -34.73
C GLU C 94 -49.02 40.50 -33.43
N GLN C 95 -49.22 41.67 -32.81
CA GLN C 95 -48.50 42.00 -31.59
C GLN C 95 -49.05 41.31 -30.35
N ASP C 96 -50.24 40.72 -30.43
CA ASP C 96 -50.79 39.93 -29.34
C ASP C 96 -50.83 38.43 -29.61
N ARG C 97 -50.76 38.03 -30.88
CA ARG C 97 -50.70 36.62 -31.27
C ARG C 97 -51.90 35.84 -30.73
N THR C 98 -53.09 36.43 -30.89
CA THR C 98 -54.33 35.82 -30.42
C THR C 98 -55.45 36.10 -31.43
N LEU C 99 -56.24 35.07 -31.72
CA LEU C 99 -57.40 35.25 -32.59
C LEU C 99 -58.47 36.08 -31.89
N VAL C 100 -59.08 36.99 -32.65
CA VAL C 100 -60.16 37.84 -32.16
C VAL C 100 -61.20 37.98 -33.26
N CYS C 101 -62.23 38.77 -32.97
CA CYS C 101 -63.33 39.01 -33.89
C CYS C 101 -63.18 40.39 -34.53
N GLY C 102 -64.19 40.78 -35.31
CA GLY C 102 -64.16 42.08 -35.96
C GLY C 102 -64.41 43.24 -35.02
N VAL C 103 -65.26 43.04 -34.01
CA VAL C 103 -65.51 44.10 -33.04
C VAL C 103 -64.25 44.40 -32.24
N CYS C 104 -63.55 43.35 -31.80
CA CYS C 104 -62.31 43.54 -31.06
C CYS C 104 -61.26 44.27 -31.91
N ALA C 105 -61.28 44.07 -33.22
CA ALA C 105 -60.32 44.70 -34.11
C ALA C 105 -60.72 46.12 -34.51
N SER C 106 -62.02 46.43 -34.47
CA SER C 106 -62.47 47.77 -34.84
C SER C 106 -62.46 48.73 -33.65
N LEU C 107 -62.95 48.28 -32.49
CA LEU C 107 -62.94 49.12 -31.30
C LEU C 107 -62.81 48.22 -30.08
N GLY C 108 -61.80 48.47 -29.26
CA GLY C 108 -61.60 47.68 -28.05
C GLY C 108 -60.18 47.23 -27.82
N SER C 109 -59.98 45.90 -27.80
CA SER C 109 -58.68 45.35 -27.41
C SER C 109 -57.62 45.61 -28.47
N HIS C 110 -57.93 45.29 -29.73
CA HIS C 110 -56.92 45.32 -30.78
C HIS C 110 -57.28 46.31 -31.89
N ARG C 111 -57.69 47.52 -31.51
CA ARG C 111 -58.14 48.49 -32.50
C ARG C 111 -57.01 49.29 -33.12
N GLY C 112 -55.84 49.36 -32.47
CA GLY C 112 -54.74 50.14 -32.99
C GLY C 112 -53.48 49.35 -33.22
N HIS C 113 -53.61 48.03 -33.30
CA HIS C 113 -52.49 47.13 -33.47
C HIS C 113 -52.28 46.80 -34.94
N ARG C 114 -51.43 45.81 -35.21
CA ARG C 114 -51.18 45.30 -36.56
C ARG C 114 -51.92 43.98 -36.70
N LEU C 115 -52.87 43.92 -37.63
CA LEU C 115 -53.82 42.82 -37.70
C LEU C 115 -53.82 42.18 -39.08
N LEU C 116 -54.33 40.96 -39.14
CA LEU C 116 -54.38 40.19 -40.37
C LEU C 116 -55.61 39.29 -40.31
N PRO C 117 -55.94 38.61 -41.43
CA PRO C 117 -57.08 37.68 -41.37
C PRO C 117 -56.72 36.31 -40.81
N ALA C 118 -57.67 35.37 -40.85
CA ALA C 118 -57.48 34.04 -40.29
C ALA C 118 -56.82 33.06 -41.26
N ALA C 119 -56.52 33.48 -42.48
CA ALA C 119 -55.85 32.64 -43.46
C ALA C 119 -54.43 33.08 -43.75
N GLU C 120 -54.22 34.37 -44.00
CA GLU C 120 -52.87 34.89 -44.21
C GLU C 120 -52.02 34.71 -42.95
N ALA C 121 -52.63 34.91 -41.78
CA ALA C 121 -51.91 34.68 -40.53
C ALA C 121 -51.50 33.22 -40.37
N GLN C 122 -52.40 32.29 -40.70
CA GLN C 122 -52.06 30.88 -40.62
C GLN C 122 -50.94 30.53 -41.59
N ALA C 123 -50.97 31.09 -42.79
CA ALA C 123 -49.90 30.84 -43.75
C ALA C 123 -48.56 31.40 -43.25
N ARG C 124 -48.59 32.62 -42.72
CA ARG C 124 -47.35 33.24 -42.23
C ARG C 124 -46.80 32.51 -41.01
N LEU C 125 -47.68 31.91 -40.19
CA LEU C 125 -47.20 31.17 -39.04
C LEU C 125 -46.68 29.79 -39.42
N LYS C 126 -47.33 29.14 -40.40
CA LYS C 126 -46.83 27.86 -40.88
C LYS C 126 -45.56 28.00 -41.71
N THR C 127 -45.27 29.20 -42.20
CA THR C 127 -44.00 29.44 -42.88
C THR C 127 -42.81 29.23 -41.94
N GLN C 128 -43.01 29.45 -40.64
CA GLN C 128 -41.93 29.37 -39.66
C GLN C 128 -41.67 27.96 -39.15
N LEU C 129 -42.47 26.98 -39.56
CA LEU C 129 -42.32 25.60 -39.09
C LEU C 129 -40.99 24.96 -39.51
N PRO C 130 -40.54 25.11 -40.77
CA PRO C 130 -39.26 24.50 -41.15
C PRO C 130 -38.07 24.96 -40.30
N GLN C 131 -38.03 26.24 -39.92
CA GLN C 131 -36.94 26.72 -39.09
C GLN C 131 -36.90 26.00 -37.75
N GLN C 132 -38.06 25.89 -37.10
CA GLN C 132 -38.14 25.21 -35.82
C GLN C 132 -37.78 23.73 -35.95
N LYS C 133 -38.27 23.07 -37.00
CA LYS C 133 -37.98 21.66 -37.19
C LYS C 133 -36.49 21.43 -37.44
N MET C 134 -35.87 22.29 -38.25
CA MET C 134 -34.44 22.14 -38.53
C MET C 134 -33.60 22.39 -37.27
N GLN C 135 -33.97 23.41 -36.49
CA GLN C 135 -33.22 23.66 -35.25
C GLN C 135 -33.37 22.50 -34.27
N LEU C 136 -34.57 21.94 -34.17
CA LEU C 136 -34.79 20.78 -33.30
C LEU C 136 -33.97 19.58 -33.77
N GLN C 137 -33.95 19.33 -35.08
CA GLN C 137 -33.17 18.23 -35.61
C GLN C 137 -31.68 18.42 -35.32
N GLU C 138 -31.17 19.63 -35.48
CA GLU C 138 -29.76 19.88 -35.22
C GLU C 138 -29.43 19.64 -33.75
N ALA C 139 -30.27 20.16 -32.85
CA ALA C 139 -30.03 19.98 -31.42
C ALA C 139 -30.09 18.51 -31.03
N SER C 140 -31.08 17.78 -31.55
CA SER C 140 -31.20 16.36 -31.24
C SER C 140 -30.01 15.57 -31.76
N MET C 141 -29.55 15.88 -32.98
CA MET C 141 -28.39 15.19 -33.53
C MET C 141 -27.15 15.43 -32.69
N ARG C 142 -26.92 16.69 -32.30
CA ARG C 142 -25.77 17.02 -31.47
C ARG C 142 -25.82 16.27 -30.14
N LYS C 143 -26.98 16.28 -29.48
CA LYS C 143 -27.09 15.65 -28.18
C LYS C 143 -26.94 14.13 -28.29
N GLU C 144 -27.49 13.53 -29.34
CA GLU C 144 -27.36 12.08 -29.50
C GLU C 144 -25.91 11.67 -29.78
N LYS C 145 -25.20 12.46 -30.59
CA LYS C 145 -23.79 12.18 -30.82
C LYS C 145 -22.99 12.28 -29.53
N THR C 146 -23.28 13.31 -28.72
CA THR C 146 -22.60 13.46 -27.43
C THR C 146 -22.90 12.28 -26.52
N VAL C 147 -24.17 11.82 -26.52
CA VAL C 147 -24.55 10.68 -25.68
C VAL C 147 -23.80 9.42 -26.10
N ALA C 148 -23.69 9.20 -27.42
CA ALA C 148 -22.96 8.02 -27.90
C ALA C 148 -21.48 8.08 -27.49
N VAL C 149 -20.87 9.26 -27.62
CA VAL C 149 -19.48 9.41 -27.22
C VAL C 149 -19.31 9.13 -25.73
N LEU C 150 -20.23 9.65 -24.91
CA LEU C 150 -20.13 9.42 -23.47
C LEU C 150 -20.35 7.96 -23.11
N GLU C 151 -21.23 7.26 -23.83
CA GLU C 151 -21.41 5.83 -23.59
C GLU C 151 -20.13 5.05 -23.92
N HIS C 152 -19.49 5.40 -25.05
CA HIS C 152 -18.22 4.76 -25.38
C HIS C 152 -17.18 5.02 -24.30
N GLN C 153 -17.14 6.25 -23.77
CA GLN C 153 -16.18 6.57 -22.71
C GLN C 153 -16.48 5.78 -21.44
N LEU C 154 -17.77 5.62 -21.10
CA LEU C 154 -18.15 4.83 -19.95
C LEU C 154 -17.69 3.38 -20.11
N VAL C 155 -17.81 2.85 -21.33
CA VAL C 155 -17.30 1.50 -21.59
C VAL C 155 -15.79 1.44 -21.41
N GLU C 156 -15.08 2.45 -21.91
CA GLU C 156 -13.62 2.41 -21.96
C GLU C 156 -12.94 2.84 -20.66
N VAL C 157 -13.71 3.28 -19.66
CA VAL C 157 -13.14 3.67 -18.37
C VAL C 157 -12.34 2.52 -17.75
N GLU C 158 -12.92 1.31 -17.77
CA GLU C 158 -12.23 0.16 -17.20
C GLU C 158 -10.90 -0.11 -17.90
N GLU C 159 -10.90 -0.04 -19.24
CA GLU C 159 -9.66 -0.25 -19.97
C GLU C 159 -8.62 0.81 -19.62
N THR C 160 -9.06 2.06 -19.46
CA THR C 160 -8.11 3.11 -19.10
C THR C 160 -7.48 2.85 -17.73
N VAL C 161 -8.30 2.45 -16.76
CA VAL C 161 -7.78 2.16 -15.43
C VAL C 161 -6.81 0.98 -15.48
N ARG C 162 -7.17 -0.07 -16.23
CA ARG C 162 -6.31 -1.24 -16.33
C ARG C 162 -4.98 -0.90 -17.00
N GLN C 163 -5.01 -0.08 -18.04
CA GLN C 163 -3.78 0.34 -18.70
C GLN C 163 -2.88 1.14 -17.76
N PHE C 164 -3.46 2.06 -17.00
CA PHE C 164 -2.66 2.83 -16.05
C PHE C 164 -2.04 1.92 -15.00
N ARG C 165 -2.81 0.98 -14.47
CA ARG C 165 -2.29 0.03 -13.51
C ARG C 165 -1.13 -0.76 -14.10
N GLY C 166 -1.28 -1.25 -15.32
CA GLY C 166 -0.22 -2.04 -15.94
C GLY C 166 1.04 -1.23 -16.18
N ALA C 167 0.90 0.02 -16.61
CA ALA C 167 2.07 0.85 -16.85
C ALA C 167 2.82 1.11 -15.54
N VAL C 168 2.09 1.44 -14.47
CA VAL C 168 2.75 1.62 -13.17
C VAL C 168 3.43 0.34 -12.73
N GLY C 169 2.75 -0.80 -12.91
CA GLY C 169 3.34 -2.07 -12.52
C GLY C 169 4.64 -2.37 -13.24
N GLU C 170 4.68 -2.11 -14.55
CA GLU C 170 5.92 -2.34 -15.31
C GLU C 170 7.03 -1.41 -14.86
N GLN C 171 6.70 -0.12 -14.68
CA GLN C 171 7.72 0.85 -14.30
C GLN C 171 8.31 0.53 -12.94
N LEU C 172 7.51 -0.02 -12.02
CA LEU C 172 8.05 -0.42 -10.72
C LEU C 172 8.72 -1.81 -10.77
N GLY C 173 8.24 -2.68 -11.66
CA GLY C 173 8.86 -3.98 -11.83
C GLY C 173 10.26 -3.92 -12.38
N LYS C 174 10.60 -2.85 -13.10
CA LYS C 174 12.00 -2.64 -13.48
C LYS C 174 12.90 -2.64 -12.24
N MET C 175 12.58 -1.77 -11.28
CA MET C 175 13.38 -1.68 -10.06
C MET C 175 13.26 -2.96 -9.22
N ARG C 176 12.08 -3.58 -9.22
CA ARG C 176 11.92 -4.83 -8.48
C ARG C 176 12.85 -5.92 -9.03
N MET C 177 12.93 -6.02 -10.36
CA MET C 177 13.84 -6.98 -10.99
C MET C 177 15.29 -6.67 -10.64
N PHE C 178 15.66 -5.38 -10.68
CA PHE C 178 17.03 -5.01 -10.32
C PHE C 178 17.35 -5.45 -8.88
N LEU C 179 16.44 -5.16 -7.96
CA LEU C 179 16.67 -5.50 -6.55
C LEU C 179 16.75 -7.01 -6.35
N ALA C 180 15.87 -7.75 -7.02
CA ALA C 180 15.92 -9.21 -6.90
C ALA C 180 17.24 -9.76 -7.42
N ALA C 181 17.71 -9.25 -8.56
CA ALA C 181 18.99 -9.72 -9.11
C ALA C 181 20.14 -9.39 -8.17
N LEU C 182 20.15 -8.19 -7.59
CA LEU C 182 21.21 -7.81 -6.68
C LEU C 182 21.20 -8.67 -5.42
N GLU C 183 20.00 -8.92 -4.87
CA GLU C 183 19.90 -9.77 -3.69
C GLU C 183 20.38 -11.18 -3.97
N SER C 184 20.01 -11.74 -5.13
CA SER C 184 20.46 -13.08 -5.48
C SER C 184 21.97 -13.14 -5.63
N SER C 185 22.56 -12.15 -6.30
CA SER C 185 24.01 -12.13 -6.47
C SER C 185 24.72 -12.03 -5.13
N LEU C 186 24.25 -11.13 -4.25
CA LEU C 186 24.88 -10.99 -2.94
C LEU C 186 24.75 -12.26 -2.11
N ASP C 187 23.58 -12.91 -2.17
CA ASP C 187 23.40 -14.15 -1.41
C ASP C 187 24.32 -15.25 -1.92
N ARG C 188 24.46 -15.38 -3.24
CA ARG C 188 25.36 -16.38 -3.79
C ARG C 188 26.81 -16.09 -3.40
N GLU C 189 27.22 -14.83 -3.45
CA GLU C 189 28.58 -14.48 -3.06
C GLU C 189 28.83 -14.79 -1.59
N ALA C 190 27.86 -14.47 -0.73
CA ALA C 190 28.01 -14.76 0.69
C ALA C 190 28.10 -16.26 0.95
N GLU C 191 27.26 -17.05 0.26
CA GLU C 191 27.30 -18.49 0.43
C GLU C 191 28.63 -19.07 -0.04
N ARG C 192 29.15 -18.58 -1.16
CA ARG C 192 30.44 -19.06 -1.66
C ARG C 192 31.57 -18.72 -0.68
N VAL C 193 31.58 -17.49 -0.17
CA VAL C 193 32.62 -17.10 0.78
C VAL C 193 32.53 -17.94 2.05
N ARG C 194 31.32 -18.16 2.54
CA ARG C 194 31.12 -18.99 3.73
C ARG C 194 31.63 -20.40 3.49
N GLY C 195 31.29 -20.98 2.34
CA GLY C 195 31.75 -22.33 2.04
C GLY C 195 33.26 -22.44 1.99
N ASP C 196 33.91 -21.49 1.30
CA ASP C 196 35.37 -21.55 1.20
C ASP C 196 36.03 -21.37 2.57
N ALA C 197 35.52 -20.42 3.36
CA ALA C 197 36.09 -20.19 4.69
C ALA C 197 35.89 -21.41 5.59
N GLY C 198 34.71 -22.03 5.52
CA GLY C 198 34.47 -23.23 6.30
C GLY C 198 35.37 -24.37 5.89
N VAL C 199 35.59 -24.54 4.59
CA VAL C 199 36.47 -25.61 4.11
C VAL C 199 37.88 -25.39 4.62
N ALA C 200 38.38 -24.16 4.52
CA ALA C 200 39.74 -23.88 4.98
C ALA C 200 39.88 -24.07 6.48
N LEU C 201 38.90 -23.60 7.25
CA LEU C 201 38.98 -23.74 8.70
C LEU C 201 38.85 -25.19 9.13
N ARG C 202 38.02 -25.97 8.44
CA ARG C 202 37.94 -27.40 8.73
C ARG C 202 39.23 -28.12 8.37
N ARG C 203 39.89 -27.70 7.29
CA ARG C 203 41.18 -28.27 6.95
C ARG C 203 42.20 -28.02 8.06
N GLU C 204 42.27 -26.77 8.53
CA GLU C 204 43.21 -26.47 9.61
C GLU C 204 42.84 -27.20 10.89
N LEU C 205 41.54 -27.32 11.18
CA LEU C 205 41.09 -28.04 12.37
C LEU C 205 41.45 -29.52 12.27
N SER C 206 41.29 -30.12 11.10
CA SER C 206 41.66 -31.52 10.92
C SER C 206 43.17 -31.72 11.10
N SER C 207 43.97 -30.80 10.56
CA SER C 207 45.42 -30.91 10.73
C SER C 207 45.79 -30.83 12.21
N LEU C 208 45.24 -29.86 12.93
CA LEU C 208 45.57 -29.72 14.34
C LEU C 208 45.02 -30.87 15.17
N ASN C 209 43.86 -31.41 14.78
CA ASN C 209 43.30 -32.56 15.49
C ASN C 209 44.15 -33.79 15.28
N SER C 210 44.68 -33.98 14.07
CA SER C 210 45.60 -35.09 13.83
C SER C 210 46.87 -34.92 14.65
N TYR C 211 47.38 -33.68 14.74
CA TYR C 211 48.57 -33.44 15.55
C TYR C 211 48.30 -33.73 17.02
N LEU C 212 47.14 -33.32 17.52
CA LEU C 212 46.80 -33.62 18.91
C LEU C 212 46.57 -35.10 19.14
N GLU C 213 46.05 -35.82 18.13
CA GLU C 213 45.93 -37.27 18.25
C GLU C 213 47.30 -37.93 18.32
N GLN C 214 48.25 -37.45 17.51
CA GLN C 214 49.62 -37.95 17.62
C GLN C 214 50.20 -37.66 19.01
N LEU C 215 49.95 -36.47 19.53
CA LEU C 215 50.43 -36.14 20.88
C LEU C 215 49.82 -37.08 21.92
N ARG C 216 48.52 -37.35 21.81
CA ARG C 216 47.85 -38.25 22.75
C ARG C 216 48.41 -39.66 22.66
N GLN C 217 48.63 -40.15 21.43
CA GLN C 217 49.21 -41.48 21.26
C GLN C 217 50.61 -41.56 21.84
N MET C 218 51.42 -40.51 21.64
CA MET C 218 52.76 -40.50 22.20
C MET C 218 52.72 -40.49 23.72
N GLU C 219 51.80 -39.70 24.30
CA GLU C 219 51.68 -39.66 25.75
C GLU C 219 51.26 -41.01 26.31
N LYS C 220 50.30 -41.67 25.65
CA LYS C 220 49.87 -42.98 26.13
C LYS C 220 50.96 -44.03 25.94
N VAL C 221 51.76 -43.91 24.88
CA VAL C 221 52.87 -44.84 24.68
C VAL C 221 53.92 -44.65 25.77
N LEU C 222 54.22 -43.40 26.12
CA LEU C 222 55.15 -43.14 27.21
C LEU C 222 54.63 -43.68 28.53
N GLU C 223 53.34 -43.50 28.80
CA GLU C 223 52.76 -44.00 30.04
C GLU C 223 52.78 -45.53 30.08
N GLU C 224 52.54 -46.18 28.94
CA GLU C 224 52.59 -47.65 28.91
C GLU C 224 54.02 -48.16 29.02
N VAL C 225 54.99 -47.41 28.49
CA VAL C 225 56.39 -47.82 28.58
C VAL C 225 56.90 -47.65 30.00
N ALA C 226 56.43 -46.63 30.71
CA ALA C 226 56.87 -46.38 32.08
C ALA C 226 56.49 -47.51 33.04
N ASP C 227 55.60 -48.41 32.64
CA ASP C 227 55.18 -49.55 33.47
C ASP C 227 55.52 -50.87 32.79
N LYS C 228 56.68 -50.93 32.16
CA LYS C 228 57.19 -52.10 31.46
C LYS C 228 58.29 -52.77 32.26
N PRO C 229 58.73 -53.96 31.85
CA PRO C 229 59.90 -54.57 32.50
C PRO C 229 61.13 -53.68 32.41
N GLN C 230 62.00 -53.80 33.42
CA GLN C 230 63.13 -52.88 33.55
C GLN C 230 64.06 -52.94 32.34
N THR C 231 64.30 -54.14 31.81
CA THR C 231 65.12 -54.26 30.61
C THR C 231 64.47 -53.55 29.43
N GLU C 232 63.15 -53.69 29.29
CA GLU C 232 62.45 -52.98 28.21
C GLU C 232 62.54 -51.48 28.40
N PHE C 233 62.44 -51.01 29.65
CA PHE C 233 62.59 -49.59 29.93
C PHE C 233 63.96 -49.09 29.54
N LEU C 234 65.01 -49.80 29.97
CA LEU C 234 66.37 -49.36 29.67
C LEU C 234 66.74 -49.52 28.21
N MET C 235 66.00 -50.34 27.45
CA MET C 235 66.27 -50.48 26.02
C MET C 235 65.39 -49.60 25.15
N LYS C 236 64.29 -49.05 25.68
CA LYS C 236 63.37 -48.25 24.89
C LYS C 236 63.30 -46.79 25.33
N PHE C 237 63.89 -46.41 26.46
CA PHE C 237 63.78 -45.04 26.93
C PHE C 237 64.39 -44.05 25.93
N SER C 238 65.55 -44.38 25.37
CA SER C 238 66.21 -43.45 24.46
C SER C 238 65.48 -43.35 23.13
N LEU C 239 64.95 -44.47 22.64
CA LEU C 239 64.13 -44.42 21.42
C LEU C 239 62.88 -43.59 21.64
N VAL C 240 62.22 -43.75 22.79
CA VAL C 240 61.03 -42.97 23.10
C VAL C 240 61.37 -41.48 23.20
N THR C 241 62.51 -41.17 23.83
CA THR C 241 62.93 -39.77 23.95
C THR C 241 63.19 -39.16 22.58
N SER C 242 63.87 -39.90 21.71
CA SER C 242 64.14 -39.40 20.36
C SER C 242 62.85 -39.20 19.58
N ARG C 243 61.92 -40.14 19.68
CA ARG C 243 60.65 -40.00 18.98
C ARG C 243 59.85 -38.80 19.50
N LEU C 244 59.87 -38.59 20.83
CA LEU C 244 59.16 -37.45 21.38
C LEU C 244 59.80 -36.13 20.95
N GLN C 245 61.12 -36.07 20.94
CA GLN C 245 61.80 -34.87 20.45
C GLN C 245 61.46 -34.61 18.98
N LYS C 246 61.38 -35.68 18.18
CA LYS C 246 61.04 -35.51 16.77
C LYS C 246 59.62 -34.98 16.61
N ILE C 247 58.65 -35.60 17.29
CA ILE C 247 57.26 -35.17 17.15
C ILE C 247 57.03 -33.79 17.75
N LEU C 248 57.88 -33.35 18.68
CA LEU C 248 57.76 -31.99 19.19
C LEU C 248 58.45 -30.98 18.28
N SER C 249 59.50 -31.38 17.57
CA SER C 249 60.16 -30.49 16.63
C SER C 249 59.43 -30.41 15.28
N GLU C 250 58.53 -31.34 15.00
CA GLU C 250 57.77 -31.34 13.75
C GLU C 250 56.37 -30.76 13.93
N SER C 251 56.23 -29.75 14.79
CA SER C 251 54.94 -29.12 15.00
C SER C 251 54.53 -28.33 13.75
N PRO C 252 53.23 -28.27 13.46
CA PRO C 252 52.75 -27.54 12.29
C PRO C 252 53.06 -26.06 12.39
N PRO C 253 53.41 -25.41 11.29
CA PRO C 253 53.69 -23.96 11.32
C PRO C 253 52.49 -23.15 11.81
N PRO C 254 51.25 -23.46 11.38
CA PRO C 254 50.20 -22.62 11.97
C PRO C 254 49.92 -22.96 13.42
N ILE C 259 40.28 -15.33 5.47
CA ILE C 259 39.57 -14.20 4.91
C ILE C 259 38.31 -13.90 5.72
N GLN C 260 37.65 -12.79 5.40
CA GLN C 260 36.45 -12.35 6.11
C GLN C 260 35.35 -12.09 5.09
N LEU C 261 34.16 -11.74 5.61
CA LEU C 261 32.99 -11.46 4.80
C LEU C 261 32.67 -9.98 4.86
N PRO C 262 32.55 -9.30 3.71
CA PRO C 262 32.25 -7.86 3.73
C PRO C 262 30.86 -7.56 4.27
N VAL C 263 30.81 -6.95 5.45
CA VAL C 263 29.55 -6.59 6.10
C VAL C 263 29.09 -5.24 5.56
N ILE C 264 27.77 -5.08 5.43
CA ILE C 264 27.18 -3.87 4.88
C ILE C 264 27.00 -2.85 6.00
N SER C 265 27.24 -1.60 5.66
CA SER C 265 27.12 -0.46 6.57
C SER C 265 25.90 0.38 6.22
N ASP C 266 25.79 1.54 6.86
CA ASP C 266 24.64 2.41 6.62
C ASP C 266 24.63 2.97 5.20
N ASP C 267 25.80 3.12 4.59
CA ASP C 267 25.87 3.64 3.22
C ASP C 267 25.50 2.60 2.17
N PHE C 268 25.12 1.39 2.59
CA PHE C 268 24.72 0.35 1.65
C PHE C 268 23.47 0.78 0.87
N LYS C 269 22.51 1.38 1.56
CA LYS C 269 21.30 1.86 0.89
C LYS C 269 21.64 2.90 -0.17
N PHE C 270 22.51 3.84 0.15
CA PHE C 270 22.88 4.89 -0.80
C PHE C 270 23.63 4.30 -1.99
N GLN C 271 24.52 3.33 -1.74
CA GLN C 271 25.22 2.71 -2.85
C GLN C 271 24.27 1.95 -3.77
N VAL C 272 23.31 1.23 -3.18
CA VAL C 272 22.32 0.52 -3.99
C VAL C 272 21.48 1.51 -4.78
N TRP C 273 21.11 2.63 -4.17
CA TRP C 273 20.35 3.65 -4.87
C TRP C 273 21.12 4.22 -6.05
N LYS C 274 22.39 4.57 -5.84
CA LYS C 274 23.20 5.12 -6.91
C LYS C 274 23.46 4.11 -8.02
N HIS C 275 23.51 2.81 -7.68
CA HIS C 275 23.67 1.78 -8.71
C HIS C 275 22.38 1.53 -9.48
N MET C 276 21.22 1.70 -8.83
CA MET C 276 19.93 1.44 -9.49
C MET C 276 19.69 2.36 -10.68
N PHE C 277 20.28 3.55 -10.68
CA PHE C 277 20.06 4.49 -11.78
C PHE C 277 20.46 3.90 -13.12
N ARG C 278 21.57 3.14 -13.18
CA ARG C 278 22.00 2.58 -14.45
C ARG C 278 21.01 1.55 -14.97
N HIS C 279 20.51 0.68 -14.09
CA HIS C 279 19.49 -0.29 -14.49
C HIS C 279 18.16 0.36 -14.80
N LEU C 280 17.93 1.58 -14.32
CA LEU C 280 16.71 2.30 -14.67
C LEU C 280 16.61 2.61 -16.16
N MET C 281 17.75 2.69 -16.85
CA MET C 281 17.73 3.01 -18.26
C MET C 281 17.16 1.85 -19.08
N PRO C 282 16.58 2.13 -20.25
CA PRO C 282 16.12 1.05 -21.12
C PRO C 282 17.28 0.29 -21.74
N ALA C 283 16.97 -0.71 -22.56
CA ALA C 283 18.02 -1.51 -23.18
C ALA C 283 18.87 -0.67 -24.11
N LEU C 284 20.12 -1.09 -24.31
CA LEU C 284 21.04 -0.38 -25.18
C LEU C 284 20.56 -0.48 -26.62
N GLU C 285 20.24 0.66 -27.21
CA GLU C 285 19.73 0.69 -28.58
C GLU C 285 20.80 0.19 -29.54
N GLU C 286 20.49 -0.87 -30.28
CA GLU C 286 21.43 -1.48 -31.21
C GLU C 286 21.54 -0.59 -32.44
N LEU C 287 22.58 0.23 -32.49
CA LEU C 287 22.82 1.15 -33.59
C LEU C 287 24.01 0.70 -34.41
N THR C 288 23.98 1.02 -35.70
CA THR C 288 25.08 0.75 -36.61
C THR C 288 25.38 2.01 -37.43
N PHE C 289 26.66 2.31 -37.59
CA PHE C 289 27.08 3.47 -38.34
C PHE C 289 26.71 3.31 -39.81
N ASP C 290 26.37 4.43 -40.45
CA ASP C 290 26.00 4.42 -41.86
C ASP C 290 27.20 4.82 -42.70
N PRO C 291 27.84 3.89 -43.41
CA PRO C 291 28.97 4.29 -44.27
C PRO C 291 28.54 5.11 -45.47
N SER C 292 27.32 4.93 -45.95
CA SER C 292 26.81 5.71 -47.08
C SER C 292 26.61 7.18 -46.73
N SER C 293 26.67 7.54 -45.45
CA SER C 293 26.52 8.92 -45.01
C SER C 293 27.76 9.49 -44.36
N ALA C 294 28.72 8.66 -43.96
CA ALA C 294 29.90 9.14 -43.26
C ALA C 294 30.82 9.92 -44.19
N HIS C 295 31.68 10.73 -43.59
CA HIS C 295 32.69 11.45 -44.36
C HIS C 295 33.65 10.46 -45.02
N PRO C 296 34.13 10.76 -46.23
CA PRO C 296 35.05 9.83 -46.90
C PRO C 296 36.36 9.61 -46.15
N SER C 297 36.73 10.50 -45.22
CA SER C 297 37.95 10.33 -44.45
C SER C 297 37.78 9.36 -43.28
N LEU C 298 36.56 8.96 -42.97
CA LEU C 298 36.29 8.03 -41.89
C LEU C 298 36.16 6.61 -42.43
N VAL C 299 36.34 5.64 -41.53
CA VAL C 299 36.25 4.23 -41.87
C VAL C 299 35.49 3.52 -40.76
N VAL C 300 34.59 2.61 -41.14
CA VAL C 300 33.71 1.91 -40.23
C VAL C 300 34.07 0.44 -40.27
N SER C 301 34.55 -0.08 -39.14
CA SER C 301 34.90 -1.48 -38.95
C SER C 301 34.15 -2.01 -37.72
N SER C 302 34.45 -3.27 -37.39
CA SER C 302 33.84 -3.97 -36.26
C SER C 302 32.32 -4.07 -36.42
N SER C 303 31.92 -4.66 -37.56
CA SER C 303 30.52 -4.91 -37.88
C SER C 303 29.69 -3.62 -37.83
N GLY C 304 30.29 -2.52 -38.28
CA GLY C 304 29.59 -1.26 -38.31
C GLY C 304 29.37 -0.62 -36.96
N ARG C 305 30.24 -0.91 -35.98
CA ARG C 305 30.11 -0.35 -34.64
C ARG C 305 31.39 0.35 -34.18
N ARG C 306 32.36 0.55 -35.06
CA ARG C 306 33.60 1.24 -34.69
C ARG C 306 33.99 2.15 -35.87
N VAL C 307 33.78 3.46 -35.70
CA VAL C 307 34.09 4.43 -36.74
C VAL C 307 35.31 5.24 -36.29
N GLU C 308 36.26 5.43 -37.21
CA GLU C 308 37.46 6.17 -36.85
C GLU C 308 37.99 6.93 -38.06
N CYS C 309 38.66 8.05 -37.78
CA CYS C 309 39.25 8.87 -38.83
C CYS C 309 40.63 8.37 -39.17
N SER C 310 40.89 8.15 -40.46
CA SER C 310 42.17 7.66 -40.93
C SER C 310 43.11 8.82 -41.22
N ASP C 311 44.41 8.57 -41.10
CA ASP C 311 45.43 9.57 -41.40
C ASP C 311 45.86 9.54 -42.86
N GLN C 312 45.06 8.93 -43.73
CA GLN C 312 45.33 8.85 -45.17
C GLN C 312 44.40 9.80 -45.91
N LYS C 313 44.91 10.44 -46.95
CA LYS C 313 44.10 11.35 -47.75
C LYS C 313 43.05 10.57 -48.52
N ALA C 314 41.77 10.96 -48.35
CA ALA C 314 40.58 10.31 -48.88
C ALA C 314 40.08 11.04 -50.12
N PRO C 315 39.45 10.32 -51.04
CA PRO C 315 38.88 10.95 -52.24
C PRO C 315 37.71 11.84 -51.87
N PRO C 316 37.36 12.80 -52.74
CA PRO C 316 36.22 13.67 -52.44
C PRO C 316 34.90 12.91 -52.43
N ALA C 317 33.94 13.43 -51.66
CA ALA C 317 32.65 12.78 -51.53
C ALA C 317 31.73 13.19 -52.68
N GLY C 318 30.59 12.52 -52.76
CA GLY C 318 29.61 12.84 -53.78
C GLY C 318 28.75 14.03 -53.40
N GLU C 319 27.95 14.48 -54.37
CA GLU C 319 27.04 15.60 -54.17
C GLU C 319 25.69 15.10 -53.65
N ASP C 320 25.76 14.43 -52.50
CA ASP C 320 24.58 13.90 -51.83
C ASP C 320 24.34 14.66 -50.53
N THR C 321 23.09 15.07 -50.32
CA THR C 321 22.77 15.90 -49.16
C THR C 321 22.89 15.10 -47.86
N ARG C 322 22.72 13.79 -47.92
CA ARG C 322 22.74 12.94 -46.74
C ARG C 322 24.14 12.47 -46.37
N GLN C 323 25.17 12.95 -47.06
CA GLN C 323 26.55 12.57 -46.80
C GLN C 323 27.34 13.81 -46.38
N PHE C 324 28.09 13.68 -45.30
CA PHE C 324 28.90 14.79 -44.81
C PHE C 324 30.05 15.08 -45.77
N ASP C 325 30.35 16.36 -45.95
CA ASP C 325 31.38 16.79 -46.88
C ASP C 325 32.51 17.57 -46.20
N LYS C 326 32.20 18.45 -45.27
CA LYS C 326 33.21 19.24 -44.55
C LYS C 326 33.35 18.82 -43.10
N ALA C 327 32.24 18.74 -42.36
CA ALA C 327 32.27 18.29 -40.98
C ALA C 327 32.40 16.78 -40.95
N VAL C 328 33.54 16.29 -40.46
CA VAL C 328 33.80 14.86 -40.41
C VAL C 328 32.95 14.24 -39.30
N ALA C 329 31.86 13.58 -39.69
CA ALA C 329 30.92 13.01 -38.73
C ALA C 329 30.22 11.83 -39.39
N VAL C 330 29.37 11.16 -38.60
CA VAL C 330 28.63 9.99 -39.10
C VAL C 330 27.35 9.86 -38.29
N VAL C 331 26.26 9.52 -38.99
CA VAL C 331 24.99 9.25 -38.36
C VAL C 331 24.71 7.75 -38.45
N ALA C 332 23.75 7.29 -37.65
CA ALA C 332 23.37 5.89 -37.64
C ALA C 332 22.33 5.60 -38.71
N GLN C 333 22.23 4.32 -39.10
CA GLN C 333 21.22 3.91 -40.06
C GLN C 333 19.82 3.96 -39.49
N GLN C 334 19.68 3.88 -38.17
CA GLN C 334 18.38 3.81 -37.52
C GLN C 334 17.93 5.20 -37.10
N LEU C 335 16.67 5.52 -37.42
CA LEU C 335 16.07 6.80 -37.07
C LEU C 335 15.09 6.59 -35.91
N LEU C 336 15.31 7.33 -34.83
CA LEU C 336 14.45 7.25 -33.65
C LEU C 336 13.30 8.23 -33.79
N SER C 337 12.09 7.78 -33.50
CA SER C 337 10.91 8.61 -33.71
C SER C 337 10.04 8.78 -32.47
N GLN C 338 9.91 7.75 -31.65
CA GLN C 338 8.94 7.77 -30.57
C GLN C 338 9.44 6.91 -29.41
N GLY C 339 9.12 7.34 -28.20
CA GLY C 339 9.46 6.59 -27.00
C GLY C 339 10.77 7.03 -26.37
N GLU C 340 11.32 6.14 -25.57
CA GLU C 340 12.58 6.38 -24.88
C GLU C 340 13.66 5.43 -25.41
N HIS C 341 14.88 5.95 -25.50
CA HIS C 341 16.02 5.22 -26.04
C HIS C 341 17.26 5.59 -25.24
N TYR C 342 18.21 4.64 -25.17
CA TYR C 342 19.45 4.87 -24.44
C TYR C 342 20.59 4.16 -25.18
N TRP C 343 21.71 4.87 -25.35
CA TRP C 343 22.85 4.27 -26.01
C TRP C 343 24.14 4.89 -25.49
N GLU C 344 25.19 4.07 -25.36
CA GLU C 344 26.47 4.50 -24.83
C GLU C 344 27.53 4.49 -25.93
N VAL C 345 28.35 5.54 -25.95
CA VAL C 345 29.45 5.67 -26.91
C VAL C 345 30.75 5.77 -26.12
N GLU C 346 31.71 4.91 -26.44
CA GLU C 346 33.01 4.92 -25.78
C GLU C 346 33.97 5.81 -26.57
N VAL C 347 34.49 6.85 -25.90
CA VAL C 347 35.42 7.77 -26.54
C VAL C 347 36.84 7.42 -26.10
N GLY C 348 36.97 6.82 -24.92
CA GLY C 348 38.27 6.41 -24.42
C GLY C 348 39.22 7.55 -24.14
N ASP C 349 40.30 7.64 -24.92
CA ASP C 349 41.32 8.66 -24.74
C ASP C 349 41.32 9.68 -25.87
N LYS C 350 40.17 9.88 -26.50
CA LYS C 350 40.06 10.86 -27.58
C LYS C 350 39.98 12.27 -27.00
N PRO C 351 40.81 13.20 -27.46
CA PRO C 351 40.83 14.54 -26.85
C PRO C 351 39.70 15.45 -27.34
N ARG C 352 39.28 15.27 -28.59
CA ARG C 352 38.24 16.11 -29.18
C ARG C 352 37.22 15.24 -29.89
N TRP C 353 35.94 15.41 -29.52
CA TRP C 353 34.86 14.67 -30.16
C TRP C 353 33.55 15.40 -29.88
N ALA C 354 32.47 14.89 -30.46
CA ALA C 354 31.15 15.41 -30.17
C ALA C 354 30.11 14.31 -30.40
N LEU C 355 29.03 14.38 -29.64
CA LEU C 355 27.94 13.41 -29.75
C LEU C 355 26.61 14.12 -29.60
N GLY C 356 25.57 13.57 -30.23
CA GLY C 356 24.24 14.10 -30.01
C GLY C 356 23.24 13.62 -31.04
N VAL C 357 22.28 14.50 -31.36
CA VAL C 357 21.22 14.18 -32.30
C VAL C 357 21.13 15.29 -33.35
N MET C 358 20.67 14.90 -34.54
CA MET C 358 20.52 15.81 -35.66
C MET C 358 19.16 15.61 -36.31
N ALA C 359 18.52 16.72 -36.69
CA ALA C 359 17.23 16.64 -37.35
C ALA C 359 17.35 15.90 -38.68
N ALA C 360 16.34 15.08 -38.99
CA ALA C 360 16.37 14.29 -40.21
C ALA C 360 16.21 15.14 -41.47
N ASP C 361 15.59 16.32 -41.35
CA ASP C 361 15.36 17.18 -42.50
C ASP C 361 16.46 18.21 -42.71
N ALA C 362 17.36 18.39 -41.74
CA ALA C 362 18.43 19.37 -41.87
C ALA C 362 19.54 18.85 -42.77
N SER C 363 20.06 19.72 -43.62
CA SER C 363 21.14 19.35 -44.52
C SER C 363 22.42 19.05 -43.74
N ARG C 364 23.19 18.09 -44.26
CA ARG C 364 24.38 17.59 -43.57
C ARG C 364 25.67 18.10 -44.17
N ARG C 365 25.61 18.90 -45.23
CA ARG C 365 26.82 19.37 -45.91
C ARG C 365 27.08 20.83 -45.59
N GLY C 366 28.32 21.25 -45.85
CA GLY C 366 28.74 22.62 -45.59
C GLY C 366 29.08 22.84 -44.13
N ARG C 367 29.44 24.09 -43.83
CA ARG C 367 29.70 24.49 -42.46
C ARG C 367 28.39 24.49 -41.67
N LEU C 368 28.37 23.80 -40.54
CA LEU C 368 27.17 23.61 -39.75
C LEU C 368 27.28 24.35 -38.42
N HIS C 369 26.16 24.94 -37.99
CA HIS C 369 26.09 25.66 -36.73
C HIS C 369 25.29 24.81 -35.76
N ALA C 370 25.96 24.32 -34.71
CA ALA C 370 25.35 23.39 -33.75
C ALA C 370 24.45 24.18 -32.81
N VAL C 371 23.24 24.48 -33.29
CA VAL C 371 22.23 25.17 -32.49
C VAL C 371 20.90 24.44 -32.64
N PRO C 372 20.09 24.37 -31.58
CA PRO C 372 18.80 23.65 -31.68
C PRO C 372 17.88 24.22 -32.75
N SER C 373 17.99 25.52 -33.07
CA SER C 373 17.15 26.09 -34.11
C SER C 373 17.48 25.54 -35.49
N GLN C 374 18.63 24.89 -35.66
CA GLN C 374 19.02 24.31 -36.93
C GLN C 374 19.02 22.78 -36.89
N GLY C 375 18.37 22.18 -35.89
CA GLY C 375 18.27 20.74 -35.81
C GLY C 375 19.55 20.04 -35.44
N LEU C 376 20.26 20.56 -34.44
CA LEU C 376 21.53 19.97 -34.00
C LEU C 376 21.63 20.16 -32.50
N TRP C 377 21.57 19.05 -31.76
CA TRP C 377 21.77 19.05 -30.31
C TRP C 377 23.04 18.25 -30.02
N LEU C 378 24.12 18.95 -29.68
CA LEU C 378 25.44 18.35 -29.62
C LEU C 378 26.14 18.72 -28.33
N LEU C 379 26.91 17.76 -27.81
CA LEU C 379 27.83 17.98 -26.68
C LEU C 379 29.23 17.62 -27.16
N GLY C 380 30.18 18.53 -26.95
CA GLY C 380 31.52 18.38 -27.47
C GLY C 380 32.57 18.44 -26.37
N LEU C 381 33.69 17.77 -26.61
CA LEU C 381 34.87 17.83 -25.76
C LEU C 381 36.06 18.22 -26.60
N ARG C 382 36.68 19.35 -26.27
CA ARG C 382 37.84 19.86 -26.97
C ARG C 382 38.99 20.07 -26.00
N ASP C 383 40.21 20.05 -26.53
CA ASP C 383 41.44 20.23 -25.77
C ASP C 383 41.62 19.15 -24.70
N GLY C 384 40.92 18.02 -24.84
CA GLY C 384 41.08 16.90 -23.93
C GLY C 384 40.28 16.99 -22.65
N LYS C 385 39.97 18.22 -22.20
CA LYS C 385 39.25 18.38 -20.94
C LYS C 385 38.12 19.40 -20.98
N ILE C 386 38.04 20.27 -21.99
CA ILE C 386 37.04 21.32 -22.02
C ILE C 386 35.74 20.73 -22.57
N LEU C 387 34.68 20.76 -21.75
CA LEU C 387 33.37 20.24 -22.10
C LEU C 387 32.43 21.39 -22.43
N GLU C 388 31.81 21.34 -23.60
CA GLU C 388 30.93 22.41 -24.06
C GLU C 388 29.61 21.83 -24.54
N ALA C 389 28.53 22.53 -24.22
CA ALA C 389 27.19 22.19 -24.69
C ALA C 389 26.78 23.17 -25.78
N HIS C 390 26.33 22.65 -26.92
CA HIS C 390 25.98 23.49 -28.06
C HIS C 390 24.52 23.90 -27.97
N VAL C 391 24.25 24.74 -26.97
CA VAL C 391 22.90 25.28 -26.72
C VAL C 391 22.69 26.47 -27.66
N GLU C 392 21.44 26.92 -27.79
CA GLU C 392 21.12 28.05 -28.65
C GLU C 392 21.65 29.34 -28.01
N ALA C 393 22.84 29.77 -28.46
CA ALA C 393 23.46 30.97 -27.94
C ALA C 393 24.52 31.42 -28.94
N LYS C 394 25.15 32.56 -28.63
CA LYS C 394 26.23 33.06 -29.49
C LYS C 394 27.45 32.14 -29.45
N GLU C 395 27.83 31.69 -28.26
CA GLU C 395 28.96 30.79 -28.08
C GLU C 395 28.51 29.56 -27.30
N PRO C 396 29.19 28.42 -27.47
CA PRO C 396 28.81 27.22 -26.72
C PRO C 396 28.96 27.44 -25.22
N ARG C 397 28.11 26.77 -24.46
CA ARG C 397 28.07 26.94 -23.01
C ARG C 397 29.14 26.05 -22.36
N ALA C 398 30.04 26.66 -21.60
CA ALA C 398 31.05 25.90 -20.88
C ALA C 398 30.40 25.12 -19.74
N LEU C 399 30.91 23.92 -19.51
CA LEU C 399 30.37 23.03 -18.48
C LEU C 399 31.44 22.71 -17.45
N ARG C 400 30.99 22.28 -16.27
CA ARG C 400 31.89 21.89 -15.20
C ARG C 400 32.71 20.68 -15.60
N THR C 401 33.99 20.87 -15.86
CA THR C 401 34.83 19.77 -16.31
C THR C 401 35.05 18.80 -15.15
N PRO C 402 34.85 17.50 -15.35
CA PRO C 402 35.04 16.53 -14.25
C PRO C 402 36.49 16.42 -13.81
N GLU C 403 36.73 15.57 -12.81
CA GLU C 403 38.11 15.33 -12.34
C GLU C 403 38.97 14.79 -13.48
N ARG C 404 38.51 13.71 -14.11
CA ARG C 404 39.15 13.11 -15.27
C ARG C 404 38.28 13.32 -16.50
N PRO C 405 38.87 13.37 -17.70
CA PRO C 405 38.07 13.44 -18.92
C PRO C 405 37.19 12.21 -19.04
N PRO C 406 35.91 12.37 -19.39
CA PRO C 406 35.02 11.21 -19.49
C PRO C 406 35.49 10.24 -20.57
N ALA C 407 35.42 8.94 -20.24
CA ALA C 407 35.82 7.90 -21.17
C ALA C 407 34.64 7.27 -21.91
N ARG C 408 33.43 7.34 -21.37
CA ARG C 408 32.24 6.82 -22.02
C ARG C 408 31.07 7.75 -21.72
N ILE C 409 30.29 8.06 -22.76
CA ILE C 409 29.17 8.99 -22.65
C ILE C 409 27.89 8.23 -22.97
N GLY C 410 26.93 8.27 -22.06
CA GLY C 410 25.62 7.69 -22.28
C GLY C 410 24.63 8.77 -22.68
N LEU C 411 23.77 8.44 -23.63
CA LEU C 411 22.78 9.36 -24.16
C LEU C 411 21.39 8.75 -23.98
N TYR C 412 20.50 9.50 -23.34
CA TYR C 412 19.11 9.10 -23.14
C TYR C 412 18.20 10.09 -23.86
N LEU C 413 17.26 9.57 -24.64
CA LEU C 413 16.35 10.40 -25.42
C LEU C 413 14.93 9.98 -25.12
N SER C 414 14.11 10.94 -24.71
CA SER C 414 12.70 10.70 -24.40
C SER C 414 11.84 11.66 -25.22
N PHE C 415 11.02 11.11 -26.11
CA PHE C 415 10.14 11.95 -26.93
C PHE C 415 8.93 12.43 -26.13
N ALA C 416 8.40 11.57 -25.26
CA ALA C 416 7.22 11.95 -24.48
C ALA C 416 7.49 13.16 -23.59
N ASP C 417 8.71 13.28 -23.07
CA ASP C 417 9.10 14.44 -22.29
C ASP C 417 9.99 15.41 -23.05
N GLY C 418 10.43 15.04 -24.26
CA GLY C 418 11.31 15.87 -25.04
C GLY C 418 12.60 16.20 -24.30
N VAL C 419 13.37 15.17 -23.96
CA VAL C 419 14.57 15.33 -23.13
C VAL C 419 15.70 14.55 -23.75
N LEU C 420 16.85 15.20 -23.96
CA LEU C 420 18.08 14.55 -24.37
C LEU C 420 19.11 14.76 -23.26
N ALA C 421 19.42 13.71 -22.52
CA ALA C 421 20.29 13.79 -21.36
C ALA C 421 21.60 13.06 -21.63
N PHE C 422 22.71 13.74 -21.32
CA PHE C 422 24.05 13.19 -21.43
C PHE C 422 24.57 12.86 -20.05
N TYR C 423 25.07 11.63 -19.87
CA TYR C 423 25.61 11.18 -18.61
C TYR C 423 27.02 10.65 -18.83
N ASP C 424 27.86 10.75 -17.80
CA ASP C 424 29.21 10.20 -17.83
C ASP C 424 29.13 8.73 -17.45
N ALA C 425 29.34 7.85 -18.43
CA ALA C 425 29.28 6.41 -18.23
C ALA C 425 30.66 5.81 -18.00
N SER C 426 31.61 6.60 -17.52
CA SER C 426 32.94 6.07 -17.21
C SER C 426 32.87 5.01 -16.13
N ASN C 427 32.08 5.27 -15.08
CA ASN C 427 31.86 4.28 -14.04
C ASN C 427 30.73 3.35 -14.46
N PRO C 428 30.98 2.05 -14.63
CA PRO C 428 29.89 1.14 -15.02
C PRO C 428 28.83 0.97 -13.94
N ASP C 429 29.12 1.35 -12.71
CA ASP C 429 28.17 1.16 -11.61
C ASP C 429 27.23 2.35 -11.44
N VAL C 430 27.74 3.57 -11.60
CA VAL C 430 26.97 4.79 -11.37
C VAL C 430 27.14 5.71 -12.58
N LEU C 431 26.04 6.33 -13.01
CA LEU C 431 26.05 7.32 -14.07
C LEU C 431 25.94 8.71 -13.45
N THR C 432 26.82 9.62 -13.89
CA THR C 432 26.80 10.98 -13.38
C THR C 432 26.34 11.96 -14.44
N PRO C 433 25.50 12.94 -14.09
CA PRO C 433 24.93 13.83 -15.10
C PRO C 433 25.96 14.79 -15.66
N ILE C 434 25.86 15.04 -16.97
CA ILE C 434 26.67 16.04 -17.67
C ILE C 434 25.83 17.24 -18.08
N PHE C 435 24.85 17.03 -18.95
CA PHE C 435 23.93 18.08 -19.36
C PHE C 435 22.70 17.41 -19.98
N SER C 436 21.58 18.11 -19.93
CA SER C 436 20.32 17.58 -20.45
C SER C 436 19.53 18.69 -21.12
N PHE C 437 19.06 18.44 -22.34
CA PHE C 437 18.15 19.35 -23.01
C PHE C 437 16.73 19.09 -22.54
N HIS C 438 16.01 20.16 -22.19
CA HIS C 438 14.63 20.05 -21.76
C HIS C 438 13.66 20.72 -22.74
N GLU C 439 14.12 21.01 -23.96
CA GLU C 439 13.27 21.63 -24.95
C GLU C 439 12.43 20.58 -25.67
N ARG C 440 11.19 20.93 -25.99
CA ARG C 440 10.32 20.01 -26.70
C ARG C 440 10.88 19.70 -28.08
N LEU C 441 11.31 18.46 -28.29
CA LEU C 441 11.89 18.09 -29.58
C LEU C 441 10.79 17.67 -30.54
N PRO C 442 10.75 18.23 -31.75
CA PRO C 442 9.73 17.80 -32.73
C PRO C 442 9.90 16.34 -33.14
N GLY C 443 11.08 15.96 -33.59
CA GLY C 443 11.33 14.61 -34.02
C GLY C 443 10.80 14.34 -35.42
N PRO C 444 11.28 13.28 -36.06
CA PRO C 444 12.30 12.33 -35.60
C PRO C 444 13.73 12.82 -35.85
N VAL C 445 14.73 12.22 -35.21
CA VAL C 445 16.12 12.64 -35.33
C VAL C 445 17.00 11.42 -35.55
N TYR C 446 18.25 11.69 -35.93
CA TYR C 446 19.30 10.71 -36.14
C TYR C 446 20.40 10.86 -35.09
N PRO C 447 20.89 9.77 -34.52
CA PRO C 447 22.06 9.86 -33.63
C PRO C 447 23.30 10.18 -34.43
N ILE C 448 23.94 11.31 -34.10
CA ILE C 448 25.07 11.84 -34.85
C ILE C 448 26.30 11.85 -33.95
N PHE C 449 27.44 11.48 -34.54
CA PHE C 449 28.70 11.40 -33.84
C PHE C 449 29.74 12.14 -34.67
N ASP C 450 30.33 13.18 -34.09
CA ASP C 450 31.34 14.01 -34.74
C ASP C 450 32.70 13.55 -34.25
N VAL C 451 33.34 12.68 -35.02
CA VAL C 451 34.75 12.37 -34.85
C VAL C 451 35.55 13.41 -35.63
N CYS C 452 36.20 14.32 -34.92
CA CYS C 452 36.79 15.50 -35.51
C CYS C 452 38.06 15.13 -36.28
N TRP C 453 38.78 16.15 -36.75
CA TRP C 453 39.98 15.94 -37.55
C TRP C 453 41.01 15.16 -36.75
N HIS C 454 41.85 14.40 -37.48
CA HIS C 454 42.89 13.62 -36.82
C HIS C 454 43.93 14.51 -36.14
N ASP C 455 44.06 15.77 -36.57
CA ASP C 455 44.90 16.76 -35.91
C ASP C 455 46.34 16.26 -35.76
N LYS C 456 46.93 15.88 -36.89
CA LYS C 456 48.31 15.42 -36.96
C LYS C 456 48.54 14.15 -36.15
N GLY C 457 47.49 13.32 -35.99
CA GLY C 457 47.63 11.99 -35.44
C GLY C 457 47.11 11.81 -34.03
N LYS C 458 47.05 12.88 -33.23
CA LYS C 458 46.65 12.77 -31.85
C LYS C 458 45.13 12.75 -31.66
N ASN C 459 44.37 12.45 -32.72
CA ASN C 459 42.93 12.30 -32.62
C ASN C 459 42.45 11.09 -33.42
N ALA C 460 43.30 10.08 -33.55
CA ALA C 460 42.96 8.86 -34.28
C ALA C 460 42.19 7.85 -33.42
N GLN C 461 41.84 8.21 -32.19
CA GLN C 461 41.07 7.31 -31.35
C GLN C 461 39.70 7.05 -31.98
N PRO C 462 39.22 5.81 -31.98
CA PRO C 462 37.95 5.50 -32.62
C PRO C 462 36.77 5.76 -31.71
N LEU C 463 35.59 5.62 -32.28
CA LEU C 463 34.32 5.68 -31.56
C LEU C 463 33.62 4.34 -31.70
N LEU C 464 33.28 3.73 -30.56
CA LEU C 464 32.74 2.38 -30.51
C LEU C 464 31.35 2.42 -29.89
N LEU C 465 30.39 1.77 -30.56
CA LEU C 465 29.03 1.64 -30.05
C LEU C 465 28.97 0.39 -29.18
N VAL C 466 28.80 0.58 -27.87
CA VAL C 466 28.73 -0.54 -26.94
C VAL C 466 27.42 -1.30 -27.11
N HIS D 81 71.21 -55.09 20.89
CA HIS D 81 71.42 -56.02 19.78
C HIS D 81 72.88 -56.46 19.71
N CYS D 82 73.33 -57.17 20.74
CA CYS D 82 74.71 -57.69 20.73
C CYS D 82 74.91 -58.69 19.60
N GLU D 83 73.94 -59.58 19.40
CA GLU D 83 73.92 -60.56 18.31
C GLU D 83 75.10 -61.52 18.39
N GLU D 84 75.90 -61.41 19.45
CA GLU D 84 77.09 -62.24 19.60
C GLU D 84 77.25 -62.80 21.01
N HIS D 85 76.40 -62.43 21.96
CA HIS D 85 76.50 -62.91 23.32
C HIS D 85 75.23 -63.53 23.85
N LEU D 86 74.06 -62.97 23.52
CA LEU D 86 72.76 -63.43 24.03
C LEU D 86 72.73 -63.44 25.55
N ASP D 87 73.66 -62.74 26.18
CA ASP D 87 73.81 -62.71 27.62
C ASP D 87 72.85 -61.70 28.23
N PRO D 88 72.58 -61.81 29.53
CA PRO D 88 71.79 -60.75 30.19
C PRO D 88 72.56 -59.44 30.18
N LEU D 89 72.07 -58.46 29.42
CA LEU D 89 72.75 -57.19 29.29
C LEU D 89 72.79 -56.47 30.62
N SER D 90 73.99 -56.06 31.05
CA SER D 90 74.17 -55.51 32.38
C SER D 90 74.94 -54.20 32.42
N ILE D 91 75.51 -53.75 31.30
CA ILE D 91 76.30 -52.54 31.26
C ILE D 91 75.57 -51.49 30.43
N TYR D 92 75.44 -50.29 30.99
CA TYR D 92 74.73 -49.18 30.35
C TYR D 92 75.70 -48.02 30.22
N CYS D 93 76.03 -47.67 28.98
CA CYS D 93 76.92 -46.56 28.69
C CYS D 93 76.17 -45.25 28.85
N GLU D 94 76.78 -44.29 29.54
CA GLU D 94 76.11 -43.02 29.82
C GLU D 94 76.00 -42.17 28.56
N GLN D 95 77.13 -41.80 27.97
CA GLN D 95 77.15 -40.96 26.78
C GLN D 95 76.75 -41.71 25.52
N ASP D 96 76.30 -42.95 25.64
CA ASP D 96 75.93 -43.76 24.49
C ASP D 96 74.48 -44.23 24.53
N ARG D 97 73.93 -44.47 25.72
CA ARG D 97 72.54 -44.89 25.89
C ARG D 97 72.26 -46.20 25.15
N THR D 98 73.06 -47.22 25.46
CA THR D 98 72.92 -48.53 24.81
C THR D 98 73.30 -49.61 25.80
N LEU D 99 72.38 -50.54 26.06
CA LEU D 99 72.68 -51.68 26.91
C LEU D 99 73.57 -52.66 26.18
N VAL D 100 74.52 -53.25 26.91
CA VAL D 100 75.50 -54.17 26.37
C VAL D 100 75.77 -55.28 27.39
N CYS D 101 76.57 -56.25 26.98
CA CYS D 101 76.95 -57.38 27.82
C CYS D 101 78.34 -57.12 28.42
N GLY D 102 78.83 -58.10 29.18
CA GLY D 102 80.11 -57.96 29.85
C GLY D 102 81.30 -57.88 28.92
N VAL D 103 81.45 -58.88 28.04
CA VAL D 103 82.61 -58.93 27.17
C VAL D 103 82.54 -57.83 26.11
N CYS D 104 81.37 -57.66 25.49
CA CYS D 104 81.22 -56.73 24.38
C CYS D 104 81.36 -55.28 24.82
N ALA D 105 81.36 -55.01 26.12
CA ALA D 105 81.63 -53.69 26.67
C ALA D 105 83.03 -53.57 27.26
N SER D 106 83.47 -54.57 28.01
CA SER D 106 84.81 -54.53 28.60
C SER D 106 85.88 -54.55 27.53
N LEU D 107 85.59 -55.13 26.36
CA LEU D 107 86.53 -55.12 25.23
C LEU D 107 85.72 -55.05 23.95
N GLY D 108 85.90 -53.99 23.17
CA GLY D 108 85.15 -53.83 21.94
C GLY D 108 84.57 -52.44 21.75
N SER D 109 83.25 -52.35 21.63
CA SER D 109 82.59 -51.11 21.25
C SER D 109 82.82 -50.01 22.28
N HIS D 110 82.23 -50.15 23.47
CA HIS D 110 82.36 -49.12 24.49
C HIS D 110 83.36 -49.54 25.56
N ARG D 111 84.63 -49.64 25.15
CA ARG D 111 85.69 -50.01 26.08
C ARG D 111 86.24 -48.80 26.84
N GLY D 112 86.27 -47.63 26.21
CA GLY D 112 86.81 -46.45 26.85
C GLY D 112 85.83 -45.30 26.92
N HIS D 113 84.54 -45.62 26.88
CA HIS D 113 83.50 -44.61 26.98
C HIS D 113 83.17 -44.34 28.45
N ARG D 114 82.08 -43.61 28.69
CA ARG D 114 81.57 -43.37 30.03
C ARG D 114 80.39 -44.31 30.27
N LEU D 115 80.62 -45.36 31.04
CA LEU D 115 79.62 -46.38 31.30
C LEU D 115 79.33 -46.42 32.79
N LEU D 116 78.05 -46.36 33.16
CA LEU D 116 77.65 -46.39 34.57
C LEU D 116 76.26 -46.99 34.71
N PRO D 117 76.14 -48.32 34.50
CA PRO D 117 74.84 -48.97 34.75
C PRO D 117 74.54 -49.05 36.24
N ALA D 118 73.54 -48.29 36.69
CA ALA D 118 73.23 -48.28 38.12
C ALA D 118 71.83 -47.74 38.33
N ALA D 119 71.32 -47.99 39.54
CA ALA D 119 70.06 -47.37 39.95
C ALA D 119 70.17 -45.85 39.93
N GLU D 120 71.35 -45.31 40.22
CA GLU D 120 71.54 -43.86 40.10
C GLU D 120 71.45 -43.41 38.66
N ALA D 121 71.96 -44.22 37.72
CA ALA D 121 71.79 -43.90 36.31
C ALA D 121 70.32 -43.93 35.90
N GLN D 122 69.58 -44.92 36.39
CA GLN D 122 68.14 -44.96 36.11
C GLN D 122 67.44 -43.74 36.69
N ALA D 123 67.85 -43.32 37.89
CA ALA D 123 67.28 -42.13 38.51
C ALA D 123 67.61 -40.87 37.71
N ARG D 124 68.83 -40.78 37.18
CA ARG D 124 69.18 -39.64 36.34
C ARG D 124 68.36 -39.64 35.05
N LEU D 125 68.12 -40.82 34.49
CA LEU D 125 67.26 -40.90 33.30
C LEU D 125 65.82 -40.49 33.62
N LYS D 126 65.32 -40.89 34.78
CA LYS D 126 63.95 -40.57 35.18
C LYS D 126 63.80 -39.15 35.70
N THR D 127 64.90 -38.47 36.01
CA THR D 127 64.81 -37.09 36.49
C THR D 127 64.18 -36.17 35.44
N GLN D 128 64.37 -36.48 34.16
CA GLN D 128 63.82 -35.68 33.07
C GLN D 128 62.39 -36.09 32.70
N LEU D 129 61.81 -37.06 33.40
CA LEU D 129 60.41 -37.40 33.17
C LEU D 129 59.48 -36.23 33.47
N PRO D 130 59.62 -35.50 34.58
CA PRO D 130 58.79 -34.29 34.75
C PRO D 130 59.01 -33.26 33.65
N GLN D 131 60.22 -33.15 33.11
CA GLN D 131 60.47 -32.22 32.00
C GLN D 131 59.65 -32.63 30.77
N GLN D 132 59.68 -33.92 30.44
CA GLN D 132 58.90 -34.40 29.30
C GLN D 132 57.40 -34.19 29.53
N LYS D 133 56.94 -34.48 30.76
CA LYS D 133 55.53 -34.28 31.07
C LYS D 133 55.13 -32.81 30.92
N MET D 134 55.95 -31.91 31.42
CA MET D 134 55.65 -30.48 31.32
C MET D 134 55.63 -30.02 29.86
N GLN D 135 56.62 -30.45 29.08
CA GLN D 135 56.65 -30.05 27.67
C GLN D 135 55.45 -30.57 26.91
N LEU D 136 55.10 -31.85 27.13
CA LEU D 136 53.94 -32.42 26.45
C LEU D 136 52.65 -31.73 26.87
N GLN D 137 52.50 -31.44 28.16
CA GLN D 137 51.30 -30.76 28.63
C GLN D 137 51.19 -29.36 28.05
N GLU D 138 52.30 -28.62 27.99
CA GLU D 138 52.27 -27.28 27.42
C GLU D 138 51.93 -27.33 25.93
N ALA D 139 52.52 -28.27 25.18
CA ALA D 139 52.20 -28.39 23.76
C ALA D 139 50.74 -28.74 23.55
N SER D 140 50.22 -29.68 24.34
CA SER D 140 48.81 -30.04 24.24
C SER D 140 47.90 -28.88 24.58
N MET D 141 48.27 -28.10 25.61
CA MET D 141 47.48 -26.94 25.99
C MET D 141 47.44 -25.92 24.87
N ARG D 142 48.60 -25.63 24.25
CA ARG D 142 48.64 -24.67 23.17
C ARG D 142 47.81 -25.14 21.97
N LYS D 143 47.93 -26.43 21.62
CA LYS D 143 47.19 -26.93 20.47
C LYS D 143 45.69 -26.96 20.74
N GLU D 144 45.29 -27.33 21.95
CA GLU D 144 43.86 -27.31 22.30
C GLU D 144 43.32 -25.88 22.30
N LYS D 145 44.11 -24.92 22.78
CA LYS D 145 43.68 -23.53 22.75
C LYS D 145 43.50 -23.05 21.31
N THR D 146 44.43 -23.42 20.42
CA THR D 146 44.30 -23.04 19.02
C THR D 146 43.08 -23.70 18.38
N VAL D 147 42.82 -24.96 18.74
CA VAL D 147 41.64 -25.66 18.22
C VAL D 147 40.35 -24.97 18.67
N ALA D 148 40.29 -24.59 19.94
CA ALA D 148 39.13 -23.86 20.45
C ALA D 148 38.98 -22.52 19.76
N VAL D 149 40.11 -21.85 19.48
CA VAL D 149 40.07 -20.57 18.76
C VAL D 149 39.50 -20.77 17.37
N LEU D 150 39.91 -21.83 16.68
CA LEU D 150 39.38 -22.11 15.35
C LEU D 150 37.90 -22.45 15.38
N GLU D 151 37.47 -23.19 16.40
CA GLU D 151 36.04 -23.49 16.54
C GLU D 151 35.23 -22.22 16.77
N HIS D 152 35.74 -21.32 17.62
CA HIS D 152 35.08 -20.05 17.84
C HIS D 152 35.03 -19.23 16.55
N GLN D 153 36.11 -19.28 15.77
CA GLN D 153 36.13 -18.60 14.48
C GLN D 153 35.05 -19.14 13.55
N LEU D 154 34.90 -20.47 13.51
CA LEU D 154 33.86 -21.07 12.67
C LEU D 154 32.48 -20.64 13.10
N VAL D 155 32.22 -20.66 14.42
CA VAL D 155 30.90 -20.26 14.92
C VAL D 155 30.62 -18.80 14.61
N GLU D 156 31.61 -17.93 14.82
CA GLU D 156 31.42 -16.51 14.55
C GLU D 156 31.28 -16.23 13.06
N VAL D 157 31.92 -17.03 12.20
CA VAL D 157 31.75 -16.87 10.76
C VAL D 157 30.34 -17.26 10.35
N GLU D 158 29.81 -18.35 10.92
CA GLU D 158 28.43 -18.73 10.65
C GLU D 158 27.47 -17.62 11.08
N GLU D 159 27.68 -17.10 12.29
CA GLU D 159 26.81 -16.03 12.79
C GLU D 159 26.93 -14.77 11.92
N THR D 160 28.15 -14.45 11.47
CA THR D 160 28.35 -13.28 10.63
C THR D 160 27.66 -13.44 9.28
N VAL D 161 27.72 -14.65 8.70
CA VAL D 161 27.03 -14.89 7.43
C VAL D 161 25.52 -14.74 7.61
N ARG D 162 24.98 -15.29 8.71
CA ARG D 162 23.56 -15.14 8.98
C ARG D 162 23.17 -13.67 9.15
N GLN D 163 23.99 -12.92 9.89
CA GLN D 163 23.71 -11.51 10.13
C GLN D 163 23.78 -10.71 8.83
N PHE D 164 24.76 -11.02 7.97
CA PHE D 164 24.87 -10.34 6.68
C PHE D 164 23.66 -10.62 5.81
N ARG D 165 23.20 -11.88 5.77
CA ARG D 165 22.00 -12.21 5.01
C ARG D 165 20.80 -11.43 5.54
N GLY D 166 20.64 -11.40 6.86
CA GLY D 166 19.51 -10.67 7.44
C GLY D 166 19.58 -9.18 7.16
N ALA D 167 20.76 -8.59 7.28
CA ALA D 167 20.92 -7.16 7.03
C ALA D 167 20.63 -6.81 5.59
N VAL D 168 21.14 -7.60 4.64
CA VAL D 168 20.84 -7.35 3.23
C VAL D 168 19.35 -7.49 2.97
N GLY D 169 18.74 -8.54 3.54
CA GLY D 169 17.31 -8.73 3.35
C GLY D 169 16.50 -7.55 3.87
N GLU D 170 16.83 -7.05 5.05
CA GLU D 170 16.08 -5.94 5.63
C GLU D 170 16.30 -4.66 4.82
N GLN D 171 17.55 -4.36 4.47
CA GLN D 171 17.84 -3.10 3.79
C GLN D 171 17.36 -3.10 2.35
N LEU D 172 17.09 -4.28 1.76
CA LEU D 172 16.45 -4.31 0.45
C LEU D 172 14.94 -4.39 0.55
N GLY D 173 14.41 -5.05 1.59
CA GLY D 173 12.98 -5.03 1.83
C GLY D 173 12.45 -3.67 2.19
N LYS D 174 13.32 -2.78 2.71
CA LYS D 174 12.90 -1.39 2.89
C LYS D 174 12.48 -0.76 1.57
N MET D 175 13.35 -0.86 0.56
CA MET D 175 13.02 -0.32 -0.76
C MET D 175 11.86 -1.08 -1.40
N ARG D 176 11.81 -2.39 -1.19
CA ARG D 176 10.71 -3.17 -1.73
C ARG D 176 9.38 -2.71 -1.16
N MET D 177 9.32 -2.48 0.16
CA MET D 177 8.11 -2.00 0.80
C MET D 177 7.76 -0.60 0.32
N PHE D 178 8.76 0.26 0.12
CA PHE D 178 8.49 1.58 -0.43
C PHE D 178 7.84 1.49 -1.80
N LEU D 179 8.40 0.66 -2.69
CA LEU D 179 7.86 0.52 -4.03
C LEU D 179 6.46 -0.07 -4.02
N ALA D 180 6.25 -1.10 -3.20
CA ALA D 180 4.92 -1.71 -3.09
C ALA D 180 3.91 -0.72 -2.55
N ALA D 181 4.30 0.09 -1.58
CA ALA D 181 3.41 1.10 -1.03
C ALA D 181 3.04 2.15 -2.06
N LEU D 182 4.02 2.57 -2.87
CA LEU D 182 3.73 3.52 -3.95
C LEU D 182 2.76 2.93 -4.96
N GLU D 183 2.99 1.66 -5.34
CA GLU D 183 2.08 0.99 -6.27
C GLU D 183 0.67 0.92 -5.69
N SER D 184 0.57 0.59 -4.40
CA SER D 184 -0.73 0.52 -3.74
C SER D 184 -1.45 1.86 -3.73
N SER D 185 -0.73 2.93 -3.40
CA SER D 185 -1.37 4.24 -3.35
C SER D 185 -1.84 4.67 -4.73
N LEU D 186 -1.04 4.41 -5.76
CA LEU D 186 -1.48 4.69 -7.13
C LEU D 186 -2.69 3.85 -7.51
N ASP D 187 -2.73 2.59 -7.03
CA ASP D 187 -3.88 1.73 -7.29
C ASP D 187 -5.15 2.29 -6.67
N ARG D 188 -5.06 2.76 -5.42
CA ARG D 188 -6.25 3.33 -4.79
C ARG D 188 -6.67 4.63 -5.48
N GLU D 189 -5.69 5.43 -5.91
CA GLU D 189 -6.04 6.64 -6.67
C GLU D 189 -6.77 6.28 -7.96
N ALA D 190 -6.31 5.23 -8.65
CA ALA D 190 -6.98 4.78 -9.87
C ALA D 190 -8.39 4.27 -9.55
N GLU D 191 -8.56 3.59 -8.42
CA GLU D 191 -9.87 3.14 -8.00
C GLU D 191 -10.83 4.32 -7.81
N ARG D 192 -10.37 5.35 -7.11
CA ARG D 192 -11.17 6.55 -6.92
C ARG D 192 -11.50 7.22 -8.24
N VAL D 193 -10.51 7.30 -9.14
CA VAL D 193 -10.73 7.91 -10.45
C VAL D 193 -11.79 7.15 -11.23
N ARG D 194 -11.70 5.81 -11.22
CA ARG D 194 -12.68 4.98 -11.89
C ARG D 194 -14.08 5.24 -11.35
N GLY D 195 -14.24 5.23 -10.02
CA GLY D 195 -15.55 5.44 -9.44
C GLY D 195 -16.13 6.81 -9.77
N ASP D 196 -15.31 7.85 -9.60
CA ASP D 196 -15.80 9.20 -9.84
C ASP D 196 -16.12 9.43 -11.31
N ALA D 197 -15.30 8.90 -12.22
CA ALA D 197 -15.57 9.03 -13.64
C ALA D 197 -16.87 8.32 -14.02
N GLY D 198 -17.09 7.13 -13.47
CA GLY D 198 -18.35 6.44 -13.72
C GLY D 198 -19.55 7.22 -13.23
N VAL D 199 -19.44 7.78 -12.03
CA VAL D 199 -20.57 8.54 -11.47
C VAL D 199 -20.85 9.79 -12.31
N ALA D 200 -19.80 10.51 -12.69
CA ALA D 200 -19.99 11.73 -13.49
C ALA D 200 -20.58 11.42 -14.85
N LEU D 201 -20.10 10.34 -15.49
CA LEU D 201 -20.66 9.96 -16.78
C LEU D 201 -22.12 9.55 -16.64
N ARG D 202 -22.47 8.85 -15.56
CA ARG D 202 -23.88 8.51 -15.31
C ARG D 202 -24.72 9.77 -15.15
N ARG D 203 -24.24 10.75 -14.39
CA ARG D 203 -25.00 11.97 -14.17
C ARG D 203 -25.23 12.71 -15.48
N GLU D 204 -24.18 12.89 -16.27
CA GLU D 204 -24.34 13.62 -17.52
C GLU D 204 -25.19 12.84 -18.53
N LEU D 205 -25.08 11.51 -18.52
CA LEU D 205 -25.94 10.71 -19.38
C LEU D 205 -27.40 10.87 -19.00
N SER D 206 -27.71 10.87 -17.70
CA SER D 206 -29.08 11.08 -17.26
C SER D 206 -29.59 12.46 -17.67
N SER D 207 -28.76 13.49 -17.50
CA SER D 207 -29.16 14.83 -17.88
C SER D 207 -29.46 14.93 -19.37
N LEU D 208 -28.55 14.39 -20.20
CA LEU D 208 -28.75 14.44 -21.64
C LEU D 208 -29.96 13.60 -22.07
N ASN D 209 -30.20 12.47 -21.41
CA ASN D 209 -31.35 11.65 -21.75
C ASN D 209 -32.66 12.37 -21.43
N SER D 210 -32.72 13.04 -20.27
CA SER D 210 -33.91 13.82 -19.93
C SER D 210 -34.10 14.96 -20.93
N TYR D 211 -33.02 15.63 -21.31
CA TYR D 211 -33.14 16.72 -22.28
C TYR D 211 -33.61 16.21 -23.64
N LEU D 212 -33.10 15.06 -24.07
CA LEU D 212 -33.55 14.48 -25.33
C LEU D 212 -35.00 14.02 -25.26
N GLU D 213 -35.45 13.55 -24.09
CA GLU D 213 -36.87 13.23 -23.94
C GLU D 213 -37.72 14.48 -24.05
N GLN D 214 -37.25 15.60 -23.48
CA GLN D 214 -37.95 16.87 -23.65
C GLN D 214 -38.02 17.26 -25.12
N LEU D 215 -36.92 17.08 -25.85
CA LEU D 215 -36.90 17.39 -27.28
C LEU D 215 -37.88 16.51 -28.03
N ARG D 216 -37.94 15.22 -27.71
CA ARG D 216 -38.89 14.31 -28.35
C ARG D 216 -40.32 14.71 -28.08
N GLN D 217 -40.63 15.07 -26.82
CA GLN D 217 -41.97 15.50 -26.48
C GLN D 217 -42.36 16.76 -27.25
N MET D 218 -41.45 17.73 -27.32
CA MET D 218 -41.77 18.96 -28.04
C MET D 218 -41.92 18.71 -29.53
N GLU D 219 -41.10 17.81 -30.10
CA GLU D 219 -41.22 17.47 -31.51
C GLU D 219 -42.57 16.84 -31.81
N LYS D 220 -43.01 15.89 -30.96
CA LYS D 220 -44.30 15.26 -31.18
C LYS D 220 -45.45 16.25 -30.96
N VAL D 221 -45.29 17.18 -30.02
CA VAL D 221 -46.30 18.22 -29.80
C VAL D 221 -46.42 19.10 -31.04
N LEU D 222 -45.28 19.53 -31.60
CA LEU D 222 -45.32 20.34 -32.80
C LEU D 222 -45.93 19.58 -33.97
N GLU D 223 -45.59 18.30 -34.12
CA GLU D 223 -46.14 17.52 -35.22
C GLU D 223 -47.65 17.35 -35.09
N GLU D 224 -48.15 17.16 -33.85
CA GLU D 224 -49.59 17.03 -33.67
C GLU D 224 -50.32 18.36 -33.77
N VAL D 225 -49.65 19.47 -33.45
CA VAL D 225 -50.28 20.78 -33.58
C VAL D 225 -50.33 21.21 -35.04
N ALA D 226 -49.35 20.80 -35.85
CA ALA D 226 -49.33 21.19 -37.26
C ALA D 226 -50.49 20.63 -38.06
N ASP D 227 -51.23 19.66 -37.51
CA ASP D 227 -52.34 19.04 -38.22
C ASP D 227 -53.65 19.26 -37.46
N LYS D 228 -53.88 20.50 -37.03
CA LYS D 228 -55.05 20.89 -36.26
C LYS D 228 -55.90 21.89 -37.03
N PRO D 229 -57.16 22.07 -36.65
CA PRO D 229 -58.01 23.05 -37.35
C PRO D 229 -57.43 24.45 -37.32
N GLN D 230 -58.05 25.33 -38.11
CA GLN D 230 -57.52 26.68 -38.31
C GLN D 230 -57.50 27.47 -36.99
N THR D 231 -58.64 27.53 -36.31
CA THR D 231 -58.71 28.31 -35.07
C THR D 231 -57.86 27.69 -33.97
N GLU D 232 -57.88 26.37 -33.84
CA GLU D 232 -57.07 25.70 -32.83
C GLU D 232 -55.58 25.93 -33.07
N PHE D 233 -55.15 25.83 -34.33
CA PHE D 233 -53.76 26.11 -34.66
C PHE D 233 -53.40 27.56 -34.36
N LEU D 234 -54.26 28.49 -34.76
CA LEU D 234 -53.97 29.91 -34.56
C LEU D 234 -53.98 30.29 -33.08
N MET D 235 -54.66 29.52 -32.23
CA MET D 235 -54.67 29.81 -30.80
C MET D 235 -53.61 29.04 -30.02
N LYS D 236 -53.06 27.96 -30.58
CA LYS D 236 -52.07 27.18 -29.87
C LYS D 236 -50.64 27.35 -30.38
N PHE D 237 -50.45 27.87 -31.59
CA PHE D 237 -49.11 27.92 -32.17
C PHE D 237 -48.20 28.89 -31.42
N SER D 238 -48.76 29.99 -30.92
CA SER D 238 -47.95 30.96 -30.19
C SER D 238 -47.37 30.35 -28.92
N LEU D 239 -48.22 29.66 -28.15
CA LEU D 239 -47.74 28.99 -26.94
C LEU D 239 -46.77 27.87 -27.28
N VAL D 240 -47.03 27.14 -28.36
CA VAL D 240 -46.13 26.06 -28.76
C VAL D 240 -44.75 26.63 -29.10
N THR D 241 -44.72 27.73 -29.86
CA THR D 241 -43.45 28.35 -30.22
C THR D 241 -42.73 28.90 -29.01
N SER D 242 -43.47 29.51 -28.08
CA SER D 242 -42.84 30.02 -26.86
C SER D 242 -42.20 28.90 -26.06
N ARG D 243 -42.93 27.80 -25.87
CA ARG D 243 -42.39 26.67 -25.12
C ARG D 243 -41.19 26.04 -25.83
N LEU D 244 -41.26 25.95 -27.17
CA LEU D 244 -40.15 25.36 -27.92
C LEU D 244 -38.90 26.22 -27.81
N GLN D 245 -39.05 27.54 -27.95
CA GLN D 245 -37.89 28.43 -27.80
C GLN D 245 -37.34 28.39 -26.38
N LYS D 246 -38.24 28.27 -25.39
CA LYS D 246 -37.80 28.12 -24.00
C LYS D 246 -36.93 26.89 -23.82
N ILE D 247 -37.45 25.73 -24.24
CA ILE D 247 -36.71 24.48 -24.04
C ILE D 247 -35.48 24.41 -24.93
N LEU D 248 -35.43 25.18 -26.01
CA LEU D 248 -34.21 25.27 -26.81
C LEU D 248 -33.17 26.14 -26.10
N SER D 249 -33.60 27.23 -25.47
CA SER D 249 -32.69 28.08 -24.71
C SER D 249 -32.24 27.43 -23.41
N GLU D 250 -32.93 26.38 -22.95
CA GLU D 250 -32.55 25.67 -21.74
C GLU D 250 -31.61 24.50 -22.02
N SER D 251 -30.77 24.62 -23.04
CA SER D 251 -29.82 23.56 -23.38
C SER D 251 -28.89 23.27 -22.20
N PRO D 252 -28.51 22.02 -21.99
CA PRO D 252 -27.66 21.67 -20.84
C PRO D 252 -26.27 22.26 -20.97
N PRO D 253 -25.55 22.41 -19.86
CA PRO D 253 -24.21 23.01 -19.91
C PRO D 253 -23.23 22.11 -20.65
N PRO D 254 -22.07 22.65 -21.04
CA PRO D 254 -21.08 21.83 -21.77
C PRO D 254 -20.58 20.63 -20.99
N ALA D 255 -20.67 20.62 -19.66
CA ALA D 255 -20.36 19.43 -18.85
C ALA D 255 -18.91 18.98 -19.06
N ARG D 256 -18.00 19.81 -18.55
CA ARG D 256 -16.55 19.58 -18.63
C ARG D 256 -16.22 18.11 -18.42
N LEU D 257 -15.49 17.53 -19.38
CA LEU D 257 -15.16 16.11 -19.37
C LEU D 257 -14.33 15.74 -18.14
N ASP D 258 -13.10 16.27 -18.07
CA ASP D 258 -12.28 16.23 -16.87
C ASP D 258 -12.05 14.80 -16.37
N ILE D 259 -11.33 14.02 -17.18
CA ILE D 259 -10.88 12.69 -16.77
C ILE D 259 -9.54 12.88 -16.05
N GLN D 260 -9.55 12.71 -14.73
CA GLN D 260 -8.38 13.04 -13.90
C GLN D 260 -7.51 11.80 -13.65
N LEU D 261 -7.03 11.22 -14.75
CA LEU D 261 -6.13 10.08 -14.66
C LEU D 261 -4.70 10.59 -14.53
N PRO D 262 -3.98 10.24 -13.47
CA PRO D 262 -2.60 10.74 -13.32
C PRO D 262 -1.65 10.06 -14.29
N VAL D 263 -1.59 10.58 -15.51
CA VAL D 263 -0.84 9.92 -16.59
C VAL D 263 0.62 9.76 -16.20
N ILE D 264 1.18 8.60 -16.53
CA ILE D 264 2.57 8.31 -16.29
C ILE D 264 3.35 8.56 -17.57
N SER D 265 4.66 8.72 -17.45
CA SER D 265 5.52 9.00 -18.58
C SER D 265 6.83 8.23 -18.40
N ASP D 266 7.83 8.58 -19.21
CA ASP D 266 9.13 7.93 -19.12
C ASP D 266 9.91 8.37 -17.88
N ASP D 267 9.73 9.62 -17.46
CA ASP D 267 10.41 10.16 -16.29
C ASP D 267 9.81 9.67 -14.98
N PHE D 268 8.77 8.83 -15.03
CA PHE D 268 8.19 8.30 -13.80
C PHE D 268 9.21 7.51 -13.00
N LYS D 269 10.03 6.70 -13.68
CA LYS D 269 11.06 5.94 -13.00
C LYS D 269 12.02 6.87 -12.26
N PHE D 270 12.44 7.95 -12.91
CA PHE D 270 13.40 8.87 -12.30
C PHE D 270 12.77 9.61 -11.12
N GLN D 271 11.50 10.00 -11.24
CA GLN D 271 10.83 10.65 -10.12
C GLN D 271 10.69 9.72 -8.93
N VAL D 272 10.32 8.46 -9.18
CA VAL D 272 10.24 7.48 -8.10
C VAL D 272 11.60 7.26 -7.47
N TRP D 273 12.66 7.24 -8.28
CA TRP D 273 14.02 7.10 -7.77
C TRP D 273 14.41 8.26 -6.86
N LYS D 274 14.14 9.49 -7.30
CA LYS D 274 14.52 10.66 -6.53
C LYS D 274 13.68 10.79 -5.26
N HIS D 275 12.44 10.31 -5.27
CA HIS D 275 11.67 10.28 -4.03
C HIS D 275 12.08 9.13 -3.13
N MET D 276 12.55 8.03 -3.70
CA MET D 276 13.11 6.93 -2.91
C MET D 276 14.34 7.38 -2.16
N PHE D 277 15.12 8.29 -2.75
CA PHE D 277 16.26 8.85 -2.01
C PHE D 277 15.80 9.50 -0.71
N ARG D 278 14.72 10.29 -0.77
CA ARG D 278 14.19 10.91 0.44
C ARG D 278 13.63 9.86 1.40
N HIS D 279 12.94 8.84 0.86
CA HIS D 279 12.40 7.79 1.71
C HIS D 279 13.49 7.00 2.41
N LEU D 280 14.69 6.95 1.84
CA LEU D 280 15.77 6.16 2.42
C LEU D 280 16.21 6.68 3.78
N MET D 281 16.07 7.97 4.04
CA MET D 281 16.54 8.56 5.29
C MET D 281 15.77 7.98 6.47
N PRO D 282 16.40 7.89 7.65
CA PRO D 282 15.69 7.37 8.83
C PRO D 282 14.64 8.35 9.32
N ALA D 283 13.98 7.99 10.43
CA ALA D 283 12.93 8.84 10.98
C ALA D 283 13.51 10.16 11.47
N LEU D 284 12.64 11.16 11.55
CA LEU D 284 13.05 12.48 12.05
C LEU D 284 13.45 12.37 13.51
N GLU D 285 14.75 12.53 13.77
CA GLU D 285 15.26 12.39 15.13
C GLU D 285 14.62 13.42 16.05
N GLU D 286 13.98 12.94 17.11
CA GLU D 286 13.30 13.82 18.06
C GLU D 286 14.34 14.69 18.77
N LEU D 287 14.32 15.99 18.49
CA LEU D 287 15.26 16.93 19.07
C LEU D 287 14.51 18.10 19.66
N THR D 288 14.97 18.56 20.83
CA THR D 288 14.44 19.75 21.47
C THR D 288 15.60 20.60 21.95
N PHE D 289 15.42 21.92 21.89
CA PHE D 289 16.47 22.83 22.30
C PHE D 289 16.73 22.75 23.79
N ASP D 290 18.00 22.87 24.19
CA ASP D 290 18.37 22.81 25.58
C ASP D 290 18.66 24.22 26.07
N PRO D 291 17.76 24.85 26.84
CA PRO D 291 18.03 26.22 27.30
C PRO D 291 19.15 26.30 28.31
N SER D 292 19.54 25.20 28.94
CA SER D 292 20.69 25.21 29.83
C SER D 292 21.98 25.57 29.09
N SER D 293 22.06 25.21 27.81
CA SER D 293 23.19 25.57 26.96
C SER D 293 22.91 26.80 26.10
N ALA D 294 21.70 27.34 26.14
CA ALA D 294 21.34 28.43 25.24
C ALA D 294 22.03 29.73 25.65
N HIS D 295 22.36 30.54 24.65
CA HIS D 295 22.88 31.87 24.90
C HIS D 295 21.82 32.68 25.65
N PRO D 296 22.22 33.54 26.59
CA PRO D 296 21.22 34.26 27.40
C PRO D 296 20.28 35.13 26.57
N SER D 297 20.70 35.59 25.39
CA SER D 297 19.83 36.39 24.55
C SER D 297 18.77 35.56 23.83
N LEU D 298 18.94 34.25 23.74
CA LEU D 298 17.98 33.41 23.05
C LEU D 298 16.76 33.16 23.91
N VAL D 299 15.70 32.65 23.27
CA VAL D 299 14.44 32.37 23.94
C VAL D 299 13.77 31.21 23.23
N VAL D 300 13.35 30.20 23.99
CA VAL D 300 12.88 28.93 23.44
C VAL D 300 11.37 28.85 23.64
N SER D 301 10.63 28.66 22.55
CA SER D 301 9.18 28.58 22.56
C SER D 301 8.73 27.32 21.84
N SER D 302 7.41 27.11 21.82
CA SER D 302 6.77 25.98 21.15
C SER D 302 7.32 24.64 21.63
N SER D 303 7.34 24.48 22.96
CA SER D 303 7.73 23.22 23.61
C SER D 303 9.11 22.76 23.16
N GLY D 304 10.05 23.69 23.01
CA GLY D 304 11.41 23.33 22.69
C GLY D 304 11.69 23.08 21.22
N ARG D 305 10.78 23.49 20.33
CA ARG D 305 10.98 23.30 18.89
C ARG D 305 11.07 24.63 18.14
N ARG D 306 11.13 25.75 18.84
CA ARG D 306 11.12 27.06 18.20
C ARG D 306 11.92 28.03 19.06
N VAL D 307 13.10 28.41 18.59
CA VAL D 307 13.98 29.33 19.29
C VAL D 307 14.27 30.52 18.39
N GLU D 308 14.27 31.72 18.97
CA GLU D 308 14.56 32.94 18.25
C GLU D 308 15.44 33.84 19.12
N CYS D 309 16.08 34.80 18.46
CA CYS D 309 16.95 35.74 19.15
C CYS D 309 16.15 36.94 19.64
N SER D 310 16.55 37.45 20.80
CA SER D 310 15.93 38.64 21.39
C SER D 310 16.83 39.84 21.16
N ASP D 311 16.25 40.95 20.73
CA ASP D 311 16.99 42.18 20.48
C ASP D 311 17.35 42.91 21.77
N GLN D 312 17.16 42.29 22.92
CA GLN D 312 17.59 42.87 24.19
C GLN D 312 19.08 42.65 24.38
N LYS D 313 19.76 43.67 24.91
CA LYS D 313 21.20 43.59 25.17
C LYS D 313 21.43 42.68 26.36
N ALA D 314 21.76 41.42 26.09
CA ALA D 314 21.95 40.45 27.16
C ALA D 314 23.16 40.84 28.01
N PRO D 315 23.03 40.89 29.34
CA PRO D 315 24.17 41.20 30.19
C PRO D 315 25.20 40.08 30.12
N PRO D 316 26.45 40.36 30.46
CA PRO D 316 27.47 39.30 30.44
C PRO D 316 27.09 38.15 31.37
N ALA D 317 27.26 36.94 30.86
CA ALA D 317 26.90 35.72 31.59
C ALA D 317 27.98 35.31 32.57
N GLY D 318 27.86 34.09 33.12
CA GLY D 318 28.80 33.59 34.10
C GLY D 318 29.89 32.73 33.49
N GLU D 319 30.66 32.11 34.37
CA GLU D 319 31.77 31.25 33.99
C GLU D 319 31.30 29.80 33.93
N ASP D 320 30.43 29.54 32.96
CA ASP D 320 29.84 28.23 32.74
C ASP D 320 30.37 27.64 31.44
N THR D 321 30.86 26.40 31.52
CA THR D 321 31.46 25.76 30.35
C THR D 321 30.40 25.29 29.36
N ARG D 322 29.29 24.73 29.85
CA ARG D 322 28.29 24.13 28.99
C ARG D 322 27.27 25.13 28.45
N GLN D 323 27.51 26.42 28.63
CA GLN D 323 26.62 27.46 28.12
C GLN D 323 27.40 28.41 27.22
N PHE D 324 26.80 28.76 26.09
CA PHE D 324 27.42 29.70 25.16
C PHE D 324 27.41 31.10 25.76
N ASP D 325 28.57 31.75 25.77
CA ASP D 325 28.69 33.07 26.38
C ASP D 325 28.74 34.21 25.36
N LYS D 326 29.36 33.99 24.20
CA LYS D 326 29.44 35.02 23.17
C LYS D 326 28.80 34.62 21.86
N ALA D 327 28.96 33.36 21.44
CA ALA D 327 28.33 32.88 20.22
C ALA D 327 26.87 32.57 20.49
N VAL D 328 25.97 33.28 19.83
CA VAL D 328 24.54 33.06 20.03
C VAL D 328 24.12 31.77 19.36
N ALA D 329 24.03 30.69 20.15
CA ALA D 329 23.74 29.37 19.62
C ALA D 329 23.21 28.50 20.75
N VAL D 330 22.76 27.30 20.37
CA VAL D 330 22.18 26.37 21.34
C VAL D 330 22.28 24.96 20.77
N VAL D 331 22.54 24.00 21.65
CA VAL D 331 22.58 22.59 21.29
C VAL D 331 21.33 21.91 21.81
N ALA D 332 21.04 20.73 21.26
CA ALA D 332 19.85 20.00 21.66
C ALA D 332 20.08 19.27 22.98
N GLN D 333 18.97 18.94 23.64
CA GLN D 333 19.02 18.15 24.87
C GLN D 333 19.55 16.75 24.62
N GLN D 334 19.42 16.24 23.40
CA GLN D 334 19.79 14.86 23.09
C GLN D 334 21.20 14.81 22.53
N LEU D 335 21.97 13.83 23.01
CA LEU D 335 23.34 13.60 22.57
C LEU D 335 23.37 12.36 21.68
N LEU D 336 23.84 12.53 20.45
CA LEU D 336 23.88 11.44 19.48
C LEU D 336 25.19 10.68 19.65
N SER D 337 25.08 9.37 19.92
CA SER D 337 26.23 8.53 20.21
C SER D 337 26.51 7.48 19.15
N GLN D 338 25.51 6.67 18.81
CA GLN D 338 25.70 5.49 17.97
C GLN D 338 24.70 5.48 16.83
N GLY D 339 25.13 5.00 15.66
CA GLY D 339 24.24 4.77 14.55
C GLY D 339 24.08 5.95 13.62
N GLU D 340 22.94 6.02 12.94
CA GLU D 340 22.64 7.08 12.00
C GLU D 340 21.42 7.86 12.49
N HIS D 341 21.43 9.16 12.24
CA HIS D 341 20.34 10.04 12.66
C HIS D 341 20.14 11.13 11.62
N TYR D 342 18.88 11.52 11.42
CA TYR D 342 18.52 12.54 10.44
C TYR D 342 17.50 13.49 11.06
N TRP D 343 17.68 14.78 10.78
CA TRP D 343 16.76 15.79 11.29
C TRP D 343 16.77 16.99 10.35
N GLU D 344 15.62 17.67 10.29
CA GLU D 344 15.42 18.82 9.42
C GLU D 344 15.18 20.07 10.25
N VAL D 345 15.78 21.19 9.83
CA VAL D 345 15.66 22.47 10.50
C VAL D 345 15.13 23.49 9.50
N GLU D 346 14.07 24.19 9.89
CA GLU D 346 13.42 25.21 9.06
C GLU D 346 14.06 26.56 9.34
N VAL D 347 14.67 27.16 8.32
CA VAL D 347 15.32 28.44 8.48
C VAL D 347 14.51 29.51 7.75
N GLY D 348 13.86 29.11 6.66
CA GLY D 348 13.03 30.02 5.89
C GLY D 348 13.85 31.13 5.27
N ASP D 349 13.35 32.36 5.41
CA ASP D 349 14.00 33.54 4.86
C ASP D 349 15.02 34.16 5.81
N LYS D 350 15.56 33.38 6.74
CA LYS D 350 16.57 33.90 7.66
C LYS D 350 17.86 34.21 6.90
N PRO D 351 18.39 35.44 7.02
CA PRO D 351 19.56 35.83 6.21
C PRO D 351 20.88 35.19 6.66
N ARG D 352 21.09 35.09 7.97
CA ARG D 352 22.34 34.56 8.51
C ARG D 352 22.02 33.50 9.56
N TRP D 353 22.60 32.32 9.40
CA TRP D 353 22.38 31.22 10.35
C TRP D 353 23.52 30.23 10.22
N ALA D 354 23.55 29.29 11.17
CA ALA D 354 24.51 28.19 11.11
C ALA D 354 23.88 26.93 11.70
N LEU D 355 24.22 25.78 11.12
CA LEU D 355 23.71 24.51 11.62
C LEU D 355 24.82 23.46 11.54
N GLY D 356 24.81 22.51 12.48
CA GLY D 356 25.77 21.42 12.37
C GLY D 356 25.85 20.59 13.63
N VAL D 357 27.03 20.03 13.86
CA VAL D 357 27.30 19.20 15.03
C VAL D 357 28.51 19.72 15.76
N MET D 358 28.50 19.55 17.08
CA MET D 358 29.56 20.02 17.97
C MET D 358 30.01 18.89 18.87
N ALA D 359 31.32 18.81 19.11
CA ALA D 359 31.85 17.80 20.02
C ALA D 359 31.35 18.04 21.44
N ALA D 360 30.99 16.95 22.13
CA ALA D 360 30.48 17.08 23.49
C ALA D 360 31.57 17.56 24.45
N ASP D 361 32.80 17.09 24.25
CA ASP D 361 33.89 17.47 25.14
C ASP D 361 34.40 18.89 24.88
N ALA D 362 34.11 19.46 23.71
CA ALA D 362 34.59 20.79 23.40
C ALA D 362 33.85 21.86 24.20
N SER D 363 34.59 22.88 24.64
CA SER D 363 34.00 23.96 25.39
C SER D 363 33.09 24.80 24.50
N ARG D 364 32.08 25.42 25.12
CA ARG D 364 31.06 26.17 24.40
C ARG D 364 31.15 27.67 24.58
N ARG D 365 32.11 28.17 25.38
CA ARG D 365 32.19 29.58 25.67
C ARG D 365 33.37 30.22 24.94
N GLY D 366 33.26 31.52 24.67
CA GLY D 366 34.25 32.25 23.93
C GLY D 366 33.96 32.25 22.43
N ARG D 367 34.68 33.11 21.71
CA ARG D 367 34.56 33.15 20.27
C ARG D 367 35.16 31.89 19.67
N LEU D 368 34.39 31.17 18.88
CA LEU D 368 34.73 29.83 18.44
C LEU D 368 35.23 29.84 17.01
N HIS D 369 36.24 29.00 16.74
CA HIS D 369 36.77 28.79 15.40
C HIS D 369 36.11 27.54 14.83
N ALA D 370 35.22 27.73 13.87
CA ALA D 370 34.40 26.63 13.34
C ALA D 370 35.27 25.74 12.45
N VAL D 371 36.00 24.84 13.08
CA VAL D 371 36.82 23.85 12.35
C VAL D 371 36.69 22.50 13.02
N PRO D 372 36.74 21.43 12.22
CA PRO D 372 36.60 20.08 12.80
C PRO D 372 37.66 19.75 13.82
N SER D 373 38.83 20.39 13.76
CA SER D 373 39.85 20.17 14.77
C SER D 373 39.36 20.58 16.15
N GLN D 374 38.57 21.66 16.22
CA GLN D 374 38.00 22.10 17.49
C GLN D 374 36.65 21.44 17.79
N GLY D 375 36.22 20.51 16.95
CA GLY D 375 34.97 19.82 17.20
C GLY D 375 33.73 20.54 16.74
N LEU D 376 33.76 21.13 15.55
CA LEU D 376 32.64 21.89 15.00
C LEU D 376 32.52 21.59 13.51
N TRP D 377 31.51 20.81 13.13
CA TRP D 377 31.21 20.56 11.74
C TRP D 377 29.95 21.35 11.42
N LEU D 378 30.13 22.48 10.72
CA LEU D 378 29.08 23.47 10.58
C LEU D 378 28.90 23.88 9.13
N LEU D 379 27.70 24.37 8.83
CA LEU D 379 27.37 24.97 7.54
C LEU D 379 26.57 26.24 7.83
N GLY D 380 26.98 27.35 7.21
CA GLY D 380 26.39 28.64 7.51
C GLY D 380 25.94 29.37 6.26
N LEU D 381 25.04 30.32 6.49
CA LEU D 381 24.59 31.25 5.46
C LEU D 381 24.76 32.66 5.99
N ARG D 382 25.45 33.51 5.23
CA ARG D 382 25.75 34.87 5.63
C ARG D 382 25.34 35.84 4.54
N ASP D 383 24.99 37.05 4.97
CA ASP D 383 24.57 38.15 4.09
C ASP D 383 23.34 37.78 3.25
N GLY D 384 22.60 36.76 3.67
CA GLY D 384 21.41 36.34 2.97
C GLY D 384 21.63 35.71 1.61
N LYS D 385 22.87 35.69 1.12
CA LYS D 385 23.14 35.09 -0.19
C LYS D 385 24.33 34.15 -0.23
N ILE D 386 25.28 34.23 0.71
CA ILE D 386 26.52 33.46 0.61
C ILE D 386 26.42 32.24 1.51
N LEU D 387 26.40 31.05 0.90
CA LEU D 387 26.35 29.79 1.63
C LEU D 387 27.77 29.24 1.72
N GLU D 388 28.23 29.00 2.94
CA GLU D 388 29.61 28.59 3.19
C GLU D 388 29.65 27.35 4.07
N ALA D 389 30.69 26.56 3.88
CA ALA D 389 30.96 25.38 4.70
C ALA D 389 32.24 25.63 5.50
N HIS D 390 32.18 25.33 6.80
CA HIS D 390 33.29 25.62 7.71
C HIS D 390 34.23 24.41 7.71
N VAL D 391 35.05 24.34 6.66
CA VAL D 391 36.00 23.26 6.46
C VAL D 391 37.25 23.57 7.29
N GLU D 392 38.12 22.58 7.48
CA GLU D 392 39.36 22.79 8.21
C GLU D 392 40.32 23.65 7.40
N ALA D 393 40.18 24.97 7.50
CA ALA D 393 41.02 25.91 6.74
C ALA D 393 41.01 27.25 7.48
N LYS D 394 41.61 28.27 6.86
CA LYS D 394 41.67 29.58 7.49
C LYS D 394 40.32 30.29 7.42
N GLU D 395 39.63 30.20 6.30
CA GLU D 395 38.33 30.83 6.09
C GLU D 395 37.37 29.83 5.47
N PRO D 396 36.06 30.03 5.65
CA PRO D 396 35.08 29.07 5.13
C PRO D 396 35.15 28.96 3.62
N ARG D 397 34.68 27.82 3.12
CA ARG D 397 34.68 27.52 1.69
C ARG D 397 33.31 27.85 1.11
N ALA D 398 33.30 28.68 0.06
CA ALA D 398 32.05 29.06 -0.58
C ALA D 398 31.43 27.88 -1.31
N LEU D 399 30.10 27.90 -1.41
CA LEU D 399 29.34 26.85 -2.07
C LEU D 399 28.42 27.45 -3.12
N ARG D 400 28.02 26.63 -4.08
CA ARG D 400 27.12 27.05 -5.14
C ARG D 400 25.76 27.41 -4.56
N THR D 401 25.39 28.68 -4.63
CA THR D 401 24.15 29.16 -4.04
C THR D 401 23.01 29.03 -5.04
N PRO D 402 21.85 28.51 -4.63
CA PRO D 402 20.72 28.37 -5.55
C PRO D 402 20.06 29.72 -5.85
N GLU D 403 18.93 29.67 -6.57
CA GLU D 403 18.15 30.87 -6.84
C GLU D 403 17.82 31.61 -5.55
N ARG D 404 17.14 30.91 -4.63
CA ARG D 404 16.87 31.39 -3.30
C ARG D 404 17.65 30.55 -2.28
N PRO D 405 18.05 31.13 -1.15
CA PRO D 405 18.69 30.33 -0.10
C PRO D 405 17.76 29.23 0.37
N PRO D 406 18.31 28.05 0.68
CA PRO D 406 17.44 26.95 1.13
C PRO D 406 16.68 27.33 2.39
N ALA D 407 15.38 27.03 2.39
CA ALA D 407 14.50 27.39 3.48
C ALA D 407 14.38 26.30 4.54
N ARG D 408 14.82 25.07 4.23
CA ARG D 408 14.83 23.99 5.20
C ARG D 408 16.02 23.09 4.89
N ILE D 409 16.82 22.80 5.92
CA ILE D 409 18.08 22.07 5.77
C ILE D 409 17.90 20.69 6.37
N GLY D 410 18.32 19.66 5.62
CA GLY D 410 18.34 18.30 6.11
C GLY D 410 19.74 17.89 6.50
N LEU D 411 19.86 17.29 7.68
CA LEU D 411 21.15 16.88 8.23
C LEU D 411 21.12 15.38 8.49
N TYR D 412 22.03 14.65 7.84
CA TYR D 412 22.15 13.21 8.02
C TYR D 412 23.51 12.93 8.64
N LEU D 413 23.51 12.25 9.80
CA LEU D 413 24.72 11.95 10.56
C LEU D 413 24.87 10.45 10.66
N SER D 414 25.94 9.92 10.07
CA SER D 414 26.22 8.47 10.08
C SER D 414 27.52 8.25 10.87
N PHE D 415 27.40 7.58 12.02
CA PHE D 415 28.57 7.29 12.82
C PHE D 415 29.41 6.18 12.21
N ALA D 416 28.76 5.17 11.62
CA ALA D 416 29.48 4.02 11.09
C ALA D 416 30.43 4.42 9.97
N ASP D 417 29.98 5.28 9.06
CA ASP D 417 30.80 5.73 7.95
C ASP D 417 31.46 7.08 8.20
N GLY D 418 31.20 7.70 9.35
CA GLY D 418 31.82 8.98 9.68
C GLY D 418 31.48 10.08 8.70
N VAL D 419 30.20 10.23 8.37
CA VAL D 419 29.75 11.18 7.36
C VAL D 419 28.64 12.05 7.94
N LEU D 420 28.79 13.37 7.81
CA LEU D 420 27.73 14.34 8.11
C LEU D 420 27.41 15.08 6.82
N ALA D 421 26.22 14.84 6.28
CA ALA D 421 25.81 15.39 5.00
C ALA D 421 24.70 16.40 5.19
N PHE D 422 24.86 17.57 4.56
CA PHE D 422 23.85 18.63 4.59
C PHE D 422 23.06 18.61 3.29
N TYR D 423 21.74 18.64 3.41
CA TYR D 423 20.86 18.58 2.25
C TYR D 423 19.88 19.75 2.28
N ASP D 424 19.32 20.06 1.13
CA ASP D 424 18.31 21.10 0.97
C ASP D 424 16.95 20.42 0.98
N ALA D 425 16.25 20.49 2.12
CA ALA D 425 14.94 19.88 2.29
C ALA D 425 13.81 20.85 1.98
N SER D 426 14.05 21.89 1.18
CA SER D 426 12.98 22.81 0.82
C SER D 426 11.90 22.10 0.02
N ASN D 427 12.30 21.27 -0.93
CA ASN D 427 11.35 20.51 -1.74
C ASN D 427 11.02 19.20 -1.03
N PRO D 428 9.75 18.95 -0.68
CA PRO D 428 9.40 17.68 -0.05
C PRO D 428 9.57 16.48 -0.97
N ASP D 429 9.65 16.69 -2.28
CA ASP D 429 9.77 15.57 -3.21
C ASP D 429 11.14 14.94 -3.16
N VAL D 430 12.19 15.75 -3.29
CA VAL D 430 13.56 15.26 -3.39
C VAL D 430 14.44 16.05 -2.42
N LEU D 431 15.52 15.41 -1.96
CA LEU D 431 16.55 16.07 -1.18
C LEU D 431 17.75 16.33 -2.08
N THR D 432 18.13 17.60 -2.21
CA THR D 432 19.27 17.93 -3.05
C THR D 432 20.51 18.18 -2.20
N PRO D 433 21.66 17.67 -2.62
CA PRO D 433 22.86 17.77 -1.77
C PRO D 433 23.44 19.17 -1.75
N ILE D 434 23.90 19.59 -0.58
CA ILE D 434 24.62 20.85 -0.41
C ILE D 434 26.11 20.60 -0.16
N PHE D 435 26.43 19.92 0.94
CA PHE D 435 27.80 19.59 1.29
C PHE D 435 27.79 18.48 2.32
N SER D 436 28.87 17.73 2.38
CA SER D 436 28.98 16.61 3.31
C SER D 436 30.40 16.53 3.86
N PHE D 437 30.52 16.40 5.18
CA PHE D 437 31.80 16.11 5.79
C PHE D 437 32.09 14.61 5.70
N HIS D 438 33.38 14.29 5.59
CA HIS D 438 33.81 12.90 5.52
C HIS D 438 34.88 12.57 6.55
N GLU D 439 35.18 13.49 7.47
CA GLU D 439 36.12 13.20 8.55
C GLU D 439 35.47 12.26 9.54
N ARG D 440 36.20 11.20 9.91
CA ARG D 440 35.69 10.26 10.91
C ARG D 440 35.51 10.98 12.24
N LEU D 441 34.26 11.17 12.66
CA LEU D 441 34.00 11.87 13.90
C LEU D 441 34.38 10.99 15.09
N PRO D 442 35.04 11.55 16.11
CA PRO D 442 35.29 10.75 17.32
C PRO D 442 34.02 10.32 18.02
N GLY D 443 33.05 11.22 18.16
CA GLY D 443 31.80 10.92 18.82
C GLY D 443 31.96 10.85 20.33
N PRO D 444 30.88 11.12 21.06
CA PRO D 444 29.54 11.54 20.60
C PRO D 444 29.49 13.04 20.30
N VAL D 445 28.41 13.52 19.68
CA VAL D 445 28.27 14.92 19.32
C VAL D 445 26.87 15.41 19.72
N TYR D 446 26.69 16.73 19.62
CA TYR D 446 25.44 17.41 19.87
C TYR D 446 24.99 18.13 18.61
N PRO D 447 23.72 18.04 18.23
CA PRO D 447 23.20 18.91 17.15
C PRO D 447 23.15 20.35 17.63
N ILE D 448 23.87 21.23 16.94
CA ILE D 448 24.05 22.61 17.34
C ILE D 448 23.46 23.52 16.27
N PHE D 449 22.74 24.55 16.73
CA PHE D 449 22.10 25.52 15.85
C PHE D 449 22.46 26.91 16.32
N ASP D 450 22.93 27.75 15.39
CA ASP D 450 23.34 29.12 15.67
C ASP D 450 22.36 30.05 14.95
N VAL D 451 21.37 30.54 15.69
CA VAL D 451 20.64 31.73 15.29
C VAL D 451 21.51 32.94 15.61
N CYS D 452 21.84 33.71 14.58
CA CYS D 452 22.91 34.69 14.67
C CYS D 452 22.41 35.94 15.39
N TRP D 453 23.21 37.01 15.31
CA TRP D 453 22.90 38.24 16.02
C TRP D 453 21.50 38.75 15.66
N HIS D 454 20.90 39.47 16.61
CA HIS D 454 19.61 40.12 16.34
C HIS D 454 19.69 41.08 15.17
N ASP D 455 20.87 41.68 14.95
CA ASP D 455 21.12 42.53 13.78
C ASP D 455 20.16 43.72 13.72
N LYS D 456 19.71 44.19 14.89
CA LYS D 456 18.84 45.36 15.03
C LYS D 456 17.47 45.16 14.39
N GLY D 457 17.14 43.95 13.95
CA GLY D 457 15.82 43.69 13.42
C GLY D 457 15.77 42.82 12.17
N LYS D 458 16.84 42.83 11.39
CA LYS D 458 16.85 42.09 10.11
C LYS D 458 17.18 40.61 10.28
N ASN D 459 17.26 40.12 11.51
CA ASN D 459 17.53 38.70 11.76
C ASN D 459 16.62 38.17 12.85
N ALA D 460 15.34 38.51 12.79
CA ALA D 460 14.36 38.07 13.77
C ALA D 460 13.73 36.73 13.41
N GLN D 461 14.15 36.10 12.33
CA GLN D 461 13.58 34.81 11.94
C GLN D 461 14.02 33.73 12.93
N PRO D 462 13.09 32.99 13.51
CA PRO D 462 13.46 31.94 14.47
C PRO D 462 14.00 30.70 13.77
N LEU D 463 14.45 29.75 14.58
CA LEU D 463 14.84 28.44 14.12
C LEU D 463 13.80 27.44 14.59
N LEU D 464 13.30 26.62 13.66
CA LEU D 464 12.18 25.72 13.92
C LEU D 464 12.64 24.28 13.73
N LEU D 465 12.47 23.46 14.75
CA LEU D 465 12.80 22.04 14.69
C LEU D 465 11.58 21.28 14.19
N VAL D 466 11.64 20.80 12.96
CA VAL D 466 10.53 20.06 12.36
C VAL D 466 10.44 18.67 12.99
ZN ZN E . 8.60 80.70 -6.64
ZN ZN F . -0.95 74.63 -6.09
ZN ZN G . -12.38 -96.73 24.23
ZN ZN H . -19.35 -90.04 18.04
ZN ZN I . -10.50 0.42 -2.40
ZN ZN J . -64.70 40.57 -30.11
ZN ZN K . -53.98 43.38 -30.00
ZN ZN L . 78.41 -57.76 23.86
ZN ZN M . 80.30 -47.14 25.56
ZN ZN N . 6.48 8.83 -0.48
#